data_5WG6
#
_entry.id   5WG6
#
_cell.length_a   243.880
_cell.length_b   243.880
_cell.length_c   243.699
_cell.angle_alpha   90.00
_cell.angle_beta   90.00
_cell.angle_gamma   90.00
#
_symmetry.space_group_name_H-M   'I 4 2 2'
#
loop_
_entity.id
_entity.type
_entity.pdbx_description
1 polymer 'Histone-lysine N-methyltransferase EZH2,Polycomb protein SUZ12 (E.C.2.1.1.43) chimera'
2 polymer 'Polycomb protein EED'
3 non-polymer 'ZINC ION'
4 non-polymer 1-[(2S)-butan-2-yl]-N-[(4,6-dimethyl-2-oxo-1,2-dihydropyridin-3-yl)methyl]-3-methyl-6-[6-(piperazin-1-yl)pyridin-3-yl]-1H-indole-4-carboxamide
#
loop_
_entity_poly.entity_id
_entity_poly.type
_entity_poly.pdbx_seq_one_letter_code
_entity_poly.pdbx_strand_id
1 'polypeptide(L)'
;SNAHHHHHHGQTGKKSEKGPVCWRKRVKSEYMRLRQLKRFRRADEVKSMFSSNRQKILERTEILNQEWKQRRIQPVHILT
SVSSLRGTRECSVTSDLDFPTQVIPLKTLNAVASVPIMYSWSPLQQNFMVEDETVLHNIPYMGDEVLDQDGTFIEELIKN
YDGKVHGDRECGFINDEIFVELVNALGQYNREEKQKDLEDHRDDKESRPPRKFPSDKIFEAISSMFPDKGTAEELKEKYK
ELTEQQLPGALPPECTPNIDGPNAKSVQREQSLHSFHTLFCRRCFKYDCFLHPFHATPNTYKRKNTETALDNKPCGPQCY
QHLEGAKEFAAALTAERIKTPPKRPGGRRRGRLPNNSSRPSTPTINVLESKDTDSDREAGKPNIEPPENVEWSGAEASMF
RVLIGTYYDNFCAIARLIGTKTCRQVYEFRVKESSIIAPAPAEDVDTPPRKKKRKHRLWAAHCRKIQLKKDGSSNHVYNY
QPCDHPRQPCDSSCPCVIAQNFCEKFCQCSSECQNRFPGCRCKAQCNTKQCPCYLAVRECDPDLCLTCGAADHRDSKNVS
CKNCSIQRGSKKHLLLAPSDVAGWGIFIKDPVQKNEFISEYCGEIISQDEADRRGKVYDKYMCSFLFNLNNDFVVDATRK
GNKIRFANHSVNPNCYAKVMMVNGDHRIGIFAKRAIQTGEELFFDYRYSQADALKYVGIEREMEIPFLESEDGEVEQQRT
YSSGHNRLYFHSDTCLPLRPQEMEVDSEDEKDPEWLREKTITQIEEFSDVNEGEKEVMKLWNLHVMKHGFIADNQMNHAC
MLFVENYGQKIIKKNLCRNFMLHLVSMHDFNLISIMSIDKAVTKLREMQQKLEKGESAS
;
A,C
2 'polypeptide(L)'
;MSSEREVSTAPAGTDMPAAKKQKLSSDENSNPDLSGDENDDAVSIESGTNTERPDTPTNTPNAPGRKSWGKGKWKSKKCK
YSFKCVNSLKEDHNQPLFGVQFNWHSKEGDPLVFATVGSNRVTLYECHSQGEIRLLQSYVDADADENFYTCAWTYDSNTS
HPLLAVAGSRGIIRIINPITMQCIKHYVGHGNAINELKFHPRDPNLLLSVSKDHALRLWNIQTDTLVAIFGGVEGHRDEV
LSADYDLLGEKIMSCGMDHSLKLWRINSKRMMNAIKESYDYNPNKTNRPFISQKIHFPDFSTRDIHRNYVDCVRWLGDLI
LSKSCENAIVCWKPGKMEDDIDKIKPSESNVTILGRFDYSQCDIWYMRFSMDFWQKMLALGNQVGKLYVWDLEVEDPHKA
KCTTLTHHKCGAAIRQTSFSRDSSILIAVCDDASIWRWDRLR
;
B,D
#
# COMPACT_ATOMS: atom_id res chain seq x y z
N ARG A 39 -12.54 -51.73 27.69
CA ARG A 39 -13.98 -51.51 27.53
C ARG A 39 -14.57 -50.85 28.78
N PHE A 40 -14.29 -51.43 29.95
CA PHE A 40 -14.64 -50.78 31.20
C PHE A 40 -13.78 -49.55 31.47
N ARG A 41 -12.64 -49.45 30.80
CA ARG A 41 -11.76 -48.29 30.95
C ARG A 41 -12.30 -47.08 30.20
N ARG A 42 -12.76 -47.27 28.96
CA ARG A 42 -13.20 -46.14 28.14
C ARG A 42 -14.55 -45.59 28.61
N ALA A 43 -15.43 -46.45 29.12
CA ALA A 43 -16.67 -45.97 29.71
C ALA A 43 -16.42 -45.05 30.89
N ASP A 44 -15.33 -45.31 31.64
CA ASP A 44 -15.01 -44.48 32.80
C ASP A 44 -14.36 -43.15 32.41
N GLU A 45 -13.62 -43.12 31.31
CA GLU A 45 -13.02 -41.87 30.85
C GLU A 45 -14.05 -40.92 30.25
N VAL A 46 -15.19 -41.44 29.79
CA VAL A 46 -16.22 -40.59 29.18
C VAL A 46 -16.77 -39.59 30.18
N LYS A 47 -17.10 -40.06 31.39
CA LYS A 47 -17.79 -39.20 32.33
C LYS A 47 -16.84 -38.35 33.16
N SER A 48 -15.61 -38.82 33.38
CA SER A 48 -14.63 -37.98 34.05
C SER A 48 -14.32 -36.77 33.19
N MET A 49 -14.26 -36.96 31.87
CA MET A 49 -14.11 -35.85 30.94
C MET A 49 -15.41 -35.09 30.74
N PHE A 50 -16.56 -35.79 30.75
CA PHE A 50 -17.85 -35.12 30.68
C PHE A 50 -18.02 -34.14 31.83
N SER A 51 -17.71 -34.58 33.05
CA SER A 51 -17.93 -33.74 34.22
C SER A 51 -16.93 -32.58 34.28
N SER A 52 -15.69 -32.85 33.90
CA SER A 52 -14.73 -31.75 33.78
C SER A 52 -15.14 -30.81 32.64
N ASN A 53 -15.59 -31.38 31.52
CA ASN A 53 -16.17 -30.56 30.46
C ASN A 53 -17.43 -29.84 30.92
N ARG A 54 -18.17 -30.45 31.84
CA ARG A 54 -19.40 -29.82 32.31
C ARG A 54 -19.11 -28.54 33.08
N GLN A 55 -18.11 -28.58 33.97
CA GLN A 55 -17.71 -27.38 34.69
C GLN A 55 -17.27 -26.29 33.73
N LYS A 56 -16.61 -26.66 32.63
CA LYS A 56 -16.28 -25.67 31.61
C LYS A 56 -17.54 -25.02 31.04
N ILE A 57 -18.61 -25.82 30.86
CA ILE A 57 -19.88 -25.25 30.39
C ILE A 57 -20.42 -24.26 31.42
N LEU A 58 -20.47 -24.69 32.68
CA LEU A 58 -21.01 -23.84 33.74
C LEU A 58 -20.21 -22.55 33.85
N GLU A 59 -18.89 -22.64 33.93
CA GLU A 59 -18.07 -21.47 34.22
C GLU A 59 -18.10 -20.48 33.06
N ARG A 60 -18.15 -20.99 31.82
CA ARG A 60 -18.26 -20.12 30.66
C ARG A 60 -19.65 -19.50 30.57
N THR A 61 -20.69 -20.31 30.65
CA THR A 61 -22.06 -19.81 30.47
C THR A 61 -22.41 -18.74 31.51
N GLU A 62 -21.78 -18.77 32.69
CA GLU A 62 -22.05 -17.73 33.67
C GLU A 62 -21.54 -16.36 33.20
N ILE A 63 -20.33 -16.31 32.67
CA ILE A 63 -19.78 -15.03 32.21
C ILE A 63 -20.62 -14.44 31.09
N LEU A 64 -21.23 -15.27 30.26
CA LEU A 64 -22.20 -14.74 29.31
C LEU A 64 -23.44 -14.22 30.05
N ASN A 65 -23.93 -15.00 31.02
CA ASN A 65 -25.06 -14.55 31.83
C ASN A 65 -24.71 -13.30 32.62
N GLN A 66 -23.48 -13.20 33.14
CA GLN A 66 -23.07 -12.01 33.87
C GLN A 66 -22.98 -10.81 32.94
N GLU A 67 -22.56 -11.01 31.70
CA GLU A 67 -22.61 -9.93 30.72
C GLU A 67 -24.04 -9.59 30.33
N TRP A 68 -25.01 -10.49 30.59
CA TRP A 68 -26.39 -10.20 30.26
C TRP A 68 -27.03 -9.27 31.29
N LYS A 69 -26.67 -9.42 32.56
CA LYS A 69 -27.13 -8.49 33.59
C LYS A 69 -26.55 -7.09 33.42
N GLN A 70 -25.67 -6.88 32.44
CA GLN A 70 -25.07 -5.58 32.20
C GLN A 70 -25.91 -4.70 31.30
N ARG A 71 -26.81 -5.28 30.53
CA ARG A 71 -27.47 -4.60 29.44
C ARG A 71 -28.94 -4.39 29.76
N ARG A 72 -29.44 -3.20 29.46
CA ARG A 72 -30.85 -2.86 29.63
C ARG A 72 -31.36 -2.52 28.23
N ILE A 73 -31.68 -3.56 27.48
CA ILE A 73 -32.07 -3.45 26.08
C ILE A 73 -33.59 -3.41 25.98
N GLN A 74 -34.08 -2.53 25.11
CA GLN A 74 -35.52 -2.33 24.97
C GLN A 74 -36.17 -3.55 24.32
N PRO A 75 -37.48 -3.73 24.52
CA PRO A 75 -38.15 -4.89 23.94
C PRO A 75 -38.87 -4.56 22.64
N VAL A 76 -39.58 -5.54 22.08
CA VAL A 76 -40.35 -5.36 20.85
C VAL A 76 -41.78 -4.97 21.21
N HIS A 77 -42.32 -4.01 20.47
CA HIS A 77 -43.67 -3.51 20.70
C HIS A 77 -44.43 -3.46 19.37
N ILE A 78 -45.74 -3.54 19.46
CA ILE A 78 -46.62 -3.73 18.29
C ILE A 78 -46.56 -2.50 17.38
N LEU A 79 -47.09 -2.66 16.18
CA LEU A 79 -47.10 -1.54 15.27
C LEU A 79 -48.50 -1.10 14.89
N THR A 80 -48.84 0.09 15.34
CA THR A 80 -50.08 0.76 14.98
C THR A 80 -49.85 1.89 13.97
N SER A 81 -48.60 2.08 13.54
CA SER A 81 -48.26 3.24 12.71
C SER A 81 -48.90 3.15 11.32
N VAL A 82 -48.85 1.97 10.71
CA VAL A 82 -49.30 1.81 9.33
C VAL A 82 -50.82 1.68 9.27
N ARG A 89 -52.26 -3.68 2.79
CA ARG A 89 -52.12 -5.13 2.68
C ARG A 89 -51.82 -5.70 4.08
N GLU A 90 -52.30 -6.91 4.38
CA GLU A 90 -52.30 -7.34 5.77
C GLU A 90 -52.07 -8.84 5.95
N CYS A 91 -51.30 -9.18 6.99
CA CYS A 91 -51.05 -10.55 7.45
C CYS A 91 -52.05 -10.96 8.53
N SER A 92 -52.34 -12.26 8.60
CA SER A 92 -53.30 -12.79 9.58
C SER A 92 -52.84 -14.13 10.13
N VAL A 93 -53.14 -14.37 11.40
CA VAL A 93 -52.80 -15.60 12.11
C VAL A 93 -54.04 -16.17 12.80
N THR A 94 -54.38 -17.42 12.49
CA THR A 94 -55.45 -18.12 13.19
C THR A 94 -54.86 -19.13 14.16
N SER A 95 -55.69 -19.58 15.12
CA SER A 95 -55.27 -20.57 16.11
C SER A 95 -56.10 -21.83 15.94
N ASP A 96 -55.43 -22.99 15.95
CA ASP A 96 -56.13 -24.26 15.79
C ASP A 96 -56.81 -24.68 17.09
N LEU A 97 -56.83 -23.78 18.09
CA LEU A 97 -57.43 -24.11 19.41
C LEU A 97 -58.50 -23.20 20.06
N ASP A 98 -59.22 -22.37 19.30
CA ASP A 98 -60.21 -21.46 19.90
C ASP A 98 -59.59 -20.21 20.51
N PHE A 99 -59.26 -19.22 19.68
CA PHE A 99 -58.58 -18.02 20.12
C PHE A 99 -58.83 -16.99 19.04
N PRO A 100 -59.06 -15.73 19.38
CA PRO A 100 -59.29 -14.72 18.34
C PRO A 100 -58.19 -14.72 17.29
N THR A 101 -58.59 -14.64 16.02
CA THR A 101 -57.64 -14.60 14.91
C THR A 101 -57.12 -13.17 14.75
N GLN A 102 -55.80 -13.03 14.82
CA GLN A 102 -55.14 -11.73 14.94
C GLN A 102 -54.64 -11.24 13.59
N VAL A 103 -54.88 -9.96 13.31
CA VAL A 103 -54.52 -9.33 12.05
C VAL A 103 -53.72 -8.07 12.33
N ILE A 104 -52.69 -7.84 11.52
CA ILE A 104 -51.88 -6.63 11.58
C ILE A 104 -51.48 -6.25 10.17
N PRO A 105 -51.18 -4.98 9.94
CA PRO A 105 -50.74 -4.56 8.61
C PRO A 105 -49.36 -5.12 8.32
N LEU A 106 -49.04 -5.19 7.03
CA LEU A 106 -47.81 -5.84 6.58
C LEU A 106 -46.86 -4.75 6.14
N LYS A 107 -45.78 -4.57 6.88
CA LYS A 107 -44.80 -3.55 6.55
C LYS A 107 -43.90 -4.13 5.47
N THR A 108 -43.90 -3.49 4.30
CA THR A 108 -43.15 -4.00 3.16
C THR A 108 -41.70 -3.57 3.25
N LEU A 109 -40.81 -4.49 2.88
CA LEU A 109 -39.38 -4.20 2.85
C LEU A 109 -39.03 -3.63 1.48
N ASN A 110 -38.14 -2.66 1.47
CA ASN A 110 -37.65 -2.09 0.22
C ASN A 110 -36.88 -3.13 -0.56
N ALA A 111 -37.04 -3.11 -1.89
CA ALA A 111 -36.35 -4.06 -2.74
C ALA A 111 -34.83 -3.87 -2.70
N VAL A 112 -34.11 -4.98 -2.84
CA VAL A 112 -32.65 -5.01 -2.79
C VAL A 112 -32.15 -5.75 -4.03
N ALA A 113 -31.20 -5.13 -4.73
CA ALA A 113 -30.69 -5.65 -6.00
C ALA A 113 -29.82 -6.89 -5.77
N SER A 114 -30.27 -8.05 -6.23
CA SER A 114 -29.52 -9.29 -6.07
C SER A 114 -28.36 -9.36 -7.06
N VAL A 115 -27.44 -10.28 -6.79
CA VAL A 115 -26.26 -10.51 -7.63
C VAL A 115 -26.35 -11.92 -8.19
N PRO A 116 -25.70 -12.18 -9.33
CA PRO A 116 -25.80 -13.52 -9.95
C PRO A 116 -25.05 -14.58 -9.15
N ILE A 117 -25.22 -15.82 -9.58
CA ILE A 117 -24.68 -16.96 -8.84
C ILE A 117 -23.17 -17.05 -9.05
N MET A 118 -22.45 -17.42 -7.99
CA MET A 118 -21.01 -17.55 -8.02
C MET A 118 -20.63 -18.58 -6.96
N TYR A 119 -19.71 -19.48 -7.30
CA TYR A 119 -19.31 -20.48 -6.33
C TYR A 119 -17.89 -20.23 -5.86
N SER A 120 -17.50 -20.89 -4.77
CA SER A 120 -16.23 -20.61 -4.11
C SER A 120 -15.07 -21.09 -4.97
N TRP A 121 -14.28 -20.14 -5.47
CA TRP A 121 -13.04 -20.41 -6.18
C TRP A 121 -11.88 -19.69 -5.49
N SER A 122 -10.66 -20.03 -5.91
CA SER A 122 -9.47 -19.54 -5.25
C SER A 122 -8.56 -18.81 -6.24
N PRO A 123 -8.00 -17.67 -5.83
CA PRO A 123 -7.13 -16.91 -6.74
C PRO A 123 -5.95 -17.71 -7.23
N LEU A 124 -5.59 -17.50 -8.50
CA LEU A 124 -4.47 -18.22 -9.11
C LEU A 124 -3.86 -17.38 -10.22
N GLN A 125 -2.60 -17.64 -10.51
CA GLN A 125 -1.87 -16.98 -11.59
C GLN A 125 -0.95 -17.94 -12.35
N GLN A 126 -0.38 -18.90 -11.64
CA GLN A 126 0.38 -19.98 -12.25
C GLN A 126 -0.32 -21.30 -11.94
N ASN A 127 -0.38 -22.17 -12.94
CA ASN A 127 -1.25 -23.35 -12.91
C ASN A 127 -0.95 -24.27 -11.71
N PHE A 128 -1.82 -25.25 -11.53
CA PHE A 128 -1.79 -26.15 -10.37
C PHE A 128 -2.14 -27.56 -10.83
N MET A 129 -1.23 -28.49 -10.62
CA MET A 129 -1.43 -29.88 -10.98
C MET A 129 -2.14 -30.62 -9.85
N VAL A 130 -3.02 -31.56 -10.21
CA VAL A 130 -3.73 -32.35 -9.22
C VAL A 130 -3.61 -33.83 -9.55
N GLU A 131 -3.69 -34.66 -8.52
CA GLU A 131 -3.69 -36.11 -8.68
C GLU A 131 -5.13 -36.60 -8.75
N ASP A 132 -5.31 -37.70 -9.47
CA ASP A 132 -6.66 -38.25 -9.70
C ASP A 132 -7.35 -38.65 -8.39
N THR A 256 17.19 -39.87 6.37
CA THR A 256 18.56 -39.36 6.37
C THR A 256 18.73 -38.22 7.38
N PRO A 257 19.64 -38.40 8.33
CA PRO A 257 19.75 -37.46 9.45
C PRO A 257 20.13 -36.05 9.00
N ASN A 258 19.93 -35.11 9.92
CA ASN A 258 20.24 -33.72 9.66
C ASN A 258 21.73 -33.44 9.87
N ILE A 259 22.29 -32.62 9.00
CA ILE A 259 23.72 -32.32 8.99
C ILE A 259 23.89 -30.82 9.23
N ASP A 260 23.51 -30.37 10.43
CA ASP A 260 23.57 -28.94 10.72
C ASP A 260 23.77 -28.67 12.20
N GLY A 261 23.09 -29.42 13.05
CA GLY A 261 23.14 -29.19 14.47
C GLY A 261 23.58 -30.38 15.29
N PRO A 262 23.28 -30.37 16.59
CA PRO A 262 24.02 -31.26 17.51
C PRO A 262 24.25 -32.71 17.10
N ASN A 263 23.26 -33.38 16.55
CA ASN A 263 23.46 -34.76 16.09
C ASN A 263 23.76 -34.75 14.60
N ALA A 264 24.99 -35.16 14.24
CA ALA A 264 25.47 -35.17 12.87
C ALA A 264 25.87 -36.59 12.44
N LYS A 265 26.18 -36.72 11.15
CA LYS A 265 26.58 -37.99 10.56
C LYS A 265 27.44 -37.73 9.34
N SER A 266 28.24 -38.73 8.97
CA SER A 266 29.10 -38.70 7.79
C SER A 266 28.61 -39.70 6.74
N VAL A 267 27.97 -39.19 5.68
CA VAL A 267 27.46 -40.05 4.61
C VAL A 267 28.06 -39.61 3.28
N GLN A 268 27.78 -40.35 2.21
CA GLN A 268 28.39 -40.11 0.90
C GLN A 268 27.93 -38.78 0.28
N ARG A 269 28.32 -38.55 -0.97
CA ARG A 269 27.89 -37.36 -1.68
C ARG A 269 26.40 -37.38 -1.94
N GLU A 270 25.86 -38.52 -2.36
CA GLU A 270 24.44 -38.62 -2.71
C GLU A 270 23.49 -38.73 -1.53
N GLN A 271 23.91 -39.33 -0.41
CA GLN A 271 23.00 -39.42 0.72
C GLN A 271 22.79 -38.09 1.42
N SER A 272 23.82 -37.24 1.47
CA SER A 272 23.66 -35.95 2.15
C SER A 272 22.83 -34.98 1.31
N LEU A 273 22.86 -35.13 -0.01
CA LEU A 273 22.09 -34.30 -0.92
C LEU A 273 20.86 -34.99 -1.50
N HIS A 274 20.50 -36.18 -1.00
CA HIS A 274 19.50 -36.99 -1.69
C HIS A 274 18.18 -36.26 -1.86
N SER A 275 17.68 -35.64 -0.79
CA SER A 275 16.39 -34.94 -0.87
C SER A 275 16.44 -33.81 -1.88
N PHE A 276 17.61 -33.19 -2.07
CA PHE A 276 17.68 -32.02 -2.94
C PHE A 276 17.54 -32.41 -4.40
N HIS A 277 18.30 -33.42 -4.84
CA HIS A 277 18.23 -33.82 -6.25
C HIS A 277 16.84 -34.32 -6.62
N THR A 278 16.17 -35.01 -5.70
CA THR A 278 14.85 -35.56 -5.99
C THR A 278 13.73 -34.54 -5.83
N LEU A 279 13.90 -33.55 -4.95
CA LEU A 279 12.83 -32.60 -4.65
C LEU A 279 12.94 -31.30 -5.43
N PHE A 280 14.09 -31.03 -6.05
CA PHE A 280 14.24 -29.83 -6.85
C PHE A 280 13.59 -30.01 -8.21
N CYS A 281 13.08 -28.92 -8.75
CA CYS A 281 12.49 -28.92 -10.09
C CYS A 281 13.38 -28.08 -10.99
N ARG A 282 13.92 -28.72 -12.03
CA ARG A 282 14.88 -28.04 -12.90
C ARG A 282 14.21 -26.94 -13.71
N ARG A 283 12.88 -26.99 -13.87
CA ARG A 283 12.17 -26.10 -14.78
C ARG A 283 11.65 -24.83 -14.11
N CYS A 284 11.14 -24.92 -12.88
CA CYS A 284 10.56 -23.77 -12.20
C CYS A 284 11.35 -23.28 -10.98
N PHE A 285 12.38 -24.01 -10.57
CA PHE A 285 13.38 -23.59 -9.57
C PHE A 285 12.86 -23.66 -8.14
N LYS A 286 11.82 -24.44 -7.87
CA LYS A 286 11.28 -24.60 -6.52
C LYS A 286 11.32 -26.06 -6.11
N TYR A 287 11.27 -26.28 -4.79
CA TYR A 287 11.30 -27.63 -4.25
C TYR A 287 9.89 -28.22 -4.15
N ASP A 288 9.71 -29.39 -4.75
CA ASP A 288 8.42 -30.07 -4.84
C ASP A 288 7.36 -29.12 -5.40
N CYS A 289 7.53 -28.80 -6.68
CA CYS A 289 6.72 -27.76 -7.32
C CYS A 289 5.28 -28.25 -7.49
N PHE A 290 4.46 -27.45 -8.16
CA PHE A 290 3.03 -27.73 -8.29
C PHE A 290 2.60 -28.06 -9.71
N LEU A 291 3.50 -27.95 -10.69
CA LEU A 291 3.18 -28.23 -12.09
C LEU A 291 3.71 -29.59 -12.54
N HIS A 292 5.02 -29.79 -12.43
CA HIS A 292 5.69 -30.90 -13.09
C HIS A 292 5.79 -32.07 -12.12
N PRO A 293 4.99 -33.14 -12.29
CA PRO A 293 5.03 -34.20 -11.29
C PRO A 293 6.29 -35.05 -11.36
N PHE A 294 6.80 -35.32 -12.56
CA PHE A 294 7.96 -36.17 -12.69
C PHE A 294 9.17 -35.53 -12.02
N HIS A 295 9.89 -36.32 -11.23
CA HIS A 295 11.05 -35.82 -10.50
C HIS A 295 12.19 -35.54 -11.46
N ALA A 296 13.25 -34.91 -10.93
CA ALA A 296 14.39 -34.53 -11.76
C ALA A 296 15.07 -35.77 -12.31
N THR A 297 15.08 -35.87 -13.65
CA THR A 297 15.57 -37.04 -14.35
C THR A 297 17.05 -37.31 -14.00
N PRO A 298 17.51 -38.58 -14.13
CA PRO A 298 18.81 -38.97 -13.55
C PRO A 298 20.02 -38.09 -13.85
N ASN A 299 20.38 -37.89 -15.12
CA ASN A 299 21.60 -37.13 -15.40
C ASN A 299 21.38 -35.62 -15.38
N THR A 300 20.19 -35.15 -14.98
CA THR A 300 20.01 -33.71 -14.84
C THR A 300 20.73 -33.16 -13.62
N TYR A 301 21.08 -34.00 -12.65
CA TYR A 301 21.79 -33.53 -11.46
C TYR A 301 23.19 -34.11 -11.37
N LYS A 302 23.85 -34.31 -12.51
CA LYS A 302 25.28 -34.58 -12.53
C LYS A 302 25.90 -33.75 -13.65
N ARG A 303 26.69 -32.74 -13.29
CA ARG A 303 27.33 -31.93 -14.31
C ARG A 303 28.85 -32.08 -14.31
N TRP A 392 37.85 -34.07 14.18
CA TRP A 392 36.79 -34.20 13.18
C TRP A 392 35.51 -34.83 13.70
N SER A 393 34.38 -34.22 13.36
CA SER A 393 33.05 -34.72 13.65
C SER A 393 32.47 -35.40 12.40
N GLY A 394 31.21 -35.79 12.49
CA GLY A 394 30.53 -36.35 11.33
C GLY A 394 30.01 -35.29 10.38
N ALA A 395 29.65 -34.12 10.90
CA ALA A 395 29.15 -33.04 10.03
C ALA A 395 30.27 -32.45 9.19
N GLU A 396 31.40 -32.13 9.81
CA GLU A 396 32.50 -31.51 9.10
C GLU A 396 33.05 -32.43 8.01
N ALA A 397 32.99 -33.75 8.22
CA ALA A 397 33.51 -34.74 7.29
C ALA A 397 32.53 -35.08 6.18
N SER A 398 31.25 -35.16 6.50
CA SER A 398 30.23 -35.36 5.48
C SER A 398 30.14 -34.18 4.53
N MET A 399 30.55 -32.98 4.96
CA MET A 399 30.54 -31.82 4.07
C MET A 399 31.59 -32.00 2.98
N PHE A 400 32.85 -32.22 3.39
CA PHE A 400 33.92 -32.51 2.45
C PHE A 400 33.51 -33.59 1.46
N ARG A 401 32.82 -34.63 1.95
CA ARG A 401 32.35 -35.71 1.10
C ARG A 401 31.45 -35.20 -0.02
N VAL A 402 30.69 -34.13 0.24
CA VAL A 402 29.87 -33.52 -0.81
C VAL A 402 30.74 -32.79 -1.83
N LEU A 403 31.83 -32.17 -1.37
CA LEU A 403 32.64 -31.30 -2.23
C LEU A 403 33.59 -32.04 -3.17
N ILE A 404 33.97 -33.28 -2.87
CA ILE A 404 34.95 -33.94 -3.74
C ILE A 404 34.35 -34.21 -5.11
N GLY A 405 33.04 -34.42 -5.19
CA GLY A 405 32.38 -34.48 -6.49
C GLY A 405 32.20 -33.11 -7.13
N THR A 406 32.07 -32.07 -6.30
CA THR A 406 31.82 -30.71 -6.78
C THR A 406 33.09 -29.88 -6.90
N TYR A 407 33.86 -29.76 -5.82
CA TYR A 407 35.04 -28.91 -5.78
C TYR A 407 36.28 -29.54 -6.38
N TYR A 408 36.18 -30.78 -6.85
CA TYR A 408 37.27 -31.46 -7.58
C TYR A 408 38.50 -31.54 -6.68
N ASP A 409 39.66 -31.05 -7.11
CA ASP A 409 40.91 -31.21 -6.36
C ASP A 409 41.41 -29.94 -5.69
N ASN A 410 40.66 -28.84 -5.69
CA ASN A 410 41.14 -27.62 -5.06
C ASN A 410 41.12 -27.79 -3.55
N PHE A 411 42.31 -27.76 -2.93
CA PHE A 411 42.42 -27.98 -1.48
C PHE A 411 42.34 -26.68 -0.68
N CYS A 412 43.05 -25.64 -1.11
CA CYS A 412 43.07 -24.41 -0.32
C CYS A 412 41.75 -23.66 -0.36
N ALA A 413 40.85 -24.01 -1.28
CA ALA A 413 39.53 -23.39 -1.35
C ALA A 413 38.49 -24.16 -0.57
N ILE A 414 38.57 -25.50 -0.56
CA ILE A 414 37.62 -26.29 0.21
C ILE A 414 37.67 -25.91 1.69
N ALA A 415 38.87 -25.62 2.19
CA ALA A 415 39.03 -25.21 3.58
C ALA A 415 38.36 -23.88 3.84
N ARG A 416 38.27 -23.02 2.83
CA ARG A 416 37.60 -21.74 2.99
C ARG A 416 36.11 -21.91 3.18
N LEU A 417 35.53 -23.00 2.67
CA LEU A 417 34.10 -23.23 2.83
C LEU A 417 33.76 -23.79 4.20
N ILE A 418 34.29 -24.96 4.54
CA ILE A 418 33.87 -25.66 5.76
C ILE A 418 34.24 -24.86 7.00
N GLY A 419 35.29 -24.06 6.95
CA GLY A 419 35.55 -23.09 8.01
C GLY A 419 36.06 -23.66 9.31
N THR A 420 35.74 -24.91 9.62
CA THR A 420 36.07 -25.48 10.93
C THR A 420 37.45 -26.13 10.96
N LYS A 421 38.01 -26.46 9.80
CA LYS A 421 39.36 -27.01 9.72
C LYS A 421 40.21 -26.06 8.90
N THR A 422 41.31 -26.57 8.34
CA THR A 422 42.21 -25.75 7.53
C THR A 422 42.59 -26.53 6.26
N CYS A 423 43.60 -26.03 5.55
CA CYS A 423 43.94 -26.45 4.18
C CYS A 423 44.32 -27.91 3.97
N ARG A 424 45.63 -28.21 3.95
CA ARG A 424 46.12 -29.45 3.36
C ARG A 424 45.84 -30.69 4.19
N GLN A 425 45.59 -30.55 5.49
CA GLN A 425 45.31 -31.71 6.35
C GLN A 425 44.17 -32.56 5.81
N VAL A 426 43.32 -31.98 4.96
CA VAL A 426 42.25 -32.70 4.28
C VAL A 426 42.77 -33.96 3.61
N TYR A 427 44.05 -33.97 3.22
CA TYR A 427 44.65 -35.07 2.46
C TYR A 427 44.21 -36.45 2.92
N GLU A 428 44.21 -36.68 4.25
CA GLU A 428 44.00 -38.03 4.77
C GLU A 428 42.63 -38.57 4.38
N PHE A 429 41.62 -37.70 4.29
CA PHE A 429 40.31 -38.15 3.81
C PHE A 429 40.41 -38.64 2.37
N ARG A 430 41.22 -37.95 1.56
CA ARG A 430 41.38 -38.33 0.17
C ARG A 430 42.12 -39.66 0.07
N VAL A 431 43.05 -39.91 1.00
CA VAL A 431 43.83 -41.14 1.07
C VAL A 431 42.90 -42.29 1.38
N LYS A 432 42.44 -42.37 2.63
CA LYS A 432 41.54 -43.45 3.04
C LYS A 432 40.17 -43.35 2.35
N VAL A 477 -1.27 -33.61 -30.28
CA VAL A 477 -0.46 -32.66 -29.52
C VAL A 477 -0.24 -33.18 -28.10
N TYR A 478 0.97 -33.60 -27.77
CA TYR A 478 1.29 -34.20 -26.49
C TYR A 478 2.12 -33.26 -25.62
N ASN A 479 2.11 -33.52 -24.31
CA ASN A 479 2.84 -32.68 -23.37
C ASN A 479 4.32 -33.06 -23.35
N TYR A 480 5.17 -32.04 -23.23
CA TYR A 480 6.61 -32.23 -23.17
C TYR A 480 7.08 -32.59 -21.76
N GLN A 481 7.93 -33.60 -21.67
CA GLN A 481 8.72 -33.94 -20.50
C GLN A 481 10.16 -34.11 -20.96
N PRO A 482 11.13 -33.75 -20.11
CA PRO A 482 12.54 -33.81 -20.53
C PRO A 482 12.94 -35.23 -20.89
N CYS A 483 13.66 -35.35 -22.01
CA CYS A 483 14.12 -36.65 -22.50
C CYS A 483 15.48 -36.97 -21.92
N ASP A 484 15.75 -38.27 -21.78
CA ASP A 484 16.94 -38.71 -21.06
C ASP A 484 17.33 -40.09 -21.59
N HIS A 485 18.56 -40.21 -22.10
CA HIS A 485 19.01 -41.49 -22.64
C HIS A 485 20.52 -41.48 -22.91
N PRO A 486 21.36 -41.87 -21.95
CA PRO A 486 22.80 -41.94 -22.21
C PRO A 486 23.10 -43.05 -23.20
N ARG A 487 24.20 -42.88 -23.93
CA ARG A 487 24.67 -43.81 -24.96
C ARG A 487 23.65 -43.97 -26.09
N GLN A 488 22.66 -43.09 -26.19
CA GLN A 488 21.65 -43.13 -27.24
C GLN A 488 21.29 -41.74 -27.71
N PRO A 489 21.42 -41.44 -29.00
CA PRO A 489 21.01 -40.13 -29.50
C PRO A 489 19.50 -40.00 -29.50
N CYS A 490 19.02 -38.77 -29.66
CA CYS A 490 17.58 -38.49 -29.64
C CYS A 490 16.99 -38.93 -30.98
N ASP A 491 16.73 -40.22 -31.08
CA ASP A 491 16.21 -40.82 -32.30
C ASP A 491 14.70 -41.05 -32.15
N SER A 492 14.14 -41.88 -33.03
CA SER A 492 12.70 -42.17 -33.05
C SER A 492 12.26 -43.09 -31.91
N SER A 493 13.11 -43.24 -30.89
CA SER A 493 12.73 -43.91 -29.66
C SER A 493 12.62 -42.96 -28.48
N CYS A 494 12.89 -41.65 -28.71
CA CYS A 494 12.89 -40.56 -27.75
C CYS A 494 11.47 -40.07 -27.49
N PRO A 495 11.11 -39.86 -26.21
CA PRO A 495 9.74 -39.43 -25.91
C PRO A 495 9.35 -38.14 -26.62
N CYS A 496 10.31 -37.23 -26.84
CA CYS A 496 10.02 -36.00 -27.57
C CYS A 496 9.68 -36.31 -29.02
N VAL A 497 10.51 -37.11 -29.70
CA VAL A 497 10.23 -37.47 -31.08
C VAL A 497 8.90 -38.21 -31.18
N ILE A 498 8.66 -39.14 -30.25
CA ILE A 498 7.41 -39.89 -30.26
C ILE A 498 6.21 -38.98 -30.02
N ALA A 499 6.39 -37.95 -29.19
CA ALA A 499 5.32 -37.03 -28.84
C ALA A 499 5.19 -35.87 -29.80
N GLN A 500 6.08 -35.75 -30.78
CA GLN A 500 6.08 -34.60 -31.70
C GLN A 500 6.30 -33.30 -30.93
N ASN A 501 7.31 -33.32 -30.05
CA ASN A 501 7.76 -32.17 -29.28
C ASN A 501 9.26 -31.96 -29.46
N PHE A 502 9.68 -30.70 -29.56
CA PHE A 502 11.11 -30.42 -29.62
C PHE A 502 11.68 -30.53 -28.22
N CYS A 503 12.88 -31.10 -28.11
CA CYS A 503 13.60 -31.04 -26.86
C CYS A 503 13.87 -29.59 -26.47
N GLU A 504 13.71 -29.28 -25.20
CA GLU A 504 13.93 -27.93 -24.71
C GLU A 504 15.30 -27.87 -24.05
N LYS A 505 15.59 -26.73 -23.40
CA LYS A 505 16.83 -26.59 -22.66
C LYS A 505 16.93 -27.60 -21.51
N PHE A 506 15.80 -28.10 -21.02
CA PHE A 506 15.81 -29.04 -19.91
C PHE A 506 16.24 -30.44 -20.30
N CYS A 507 16.13 -30.80 -21.59
CA CYS A 507 16.55 -32.12 -22.03
C CYS A 507 18.02 -32.36 -21.74
N GLN A 508 18.38 -33.64 -21.66
CA GLN A 508 19.75 -34.05 -21.39
C GLN A 508 20.43 -34.70 -22.59
N CYS A 509 19.79 -34.65 -23.76
CA CYS A 509 20.40 -35.12 -24.98
C CYS A 509 21.59 -34.22 -25.35
N SER A 510 22.26 -34.58 -26.45
CA SER A 510 23.50 -33.90 -26.83
C SER A 510 23.26 -32.40 -27.00
N SER A 511 24.32 -31.61 -26.78
CA SER A 511 24.20 -30.16 -26.85
C SER A 511 23.62 -29.74 -28.18
N GLU A 512 24.15 -30.29 -29.26
CA GLU A 512 23.70 -29.99 -30.62
C GLU A 512 22.71 -31.03 -31.12
N CYS A 513 21.86 -31.54 -30.24
CA CYS A 513 20.86 -32.53 -30.64
C CYS A 513 19.99 -31.96 -31.75
N GLN A 514 19.62 -32.82 -32.69
CA GLN A 514 18.90 -32.38 -33.88
C GLN A 514 17.42 -32.14 -33.61
N ASN A 515 17.01 -32.16 -32.34
CA ASN A 515 15.62 -31.99 -31.95
C ASN A 515 15.39 -30.80 -31.02
N ARG A 516 16.44 -30.08 -30.62
CA ARG A 516 16.28 -28.93 -29.75
C ARG A 516 15.81 -27.71 -30.52
N PHE A 517 14.86 -26.99 -29.96
CA PHE A 517 14.47 -25.72 -30.55
C PHE A 517 15.56 -24.69 -30.26
N PRO A 518 16.03 -23.94 -31.27
CA PRO A 518 17.17 -23.05 -31.09
C PRO A 518 16.86 -21.66 -30.57
N GLY A 519 15.61 -21.22 -30.64
CA GLY A 519 15.28 -19.85 -30.36
C GLY A 519 15.27 -19.02 -31.63
N CYS A 520 15.27 -17.70 -31.44
CA CYS A 520 15.14 -16.78 -32.56
C CYS A 520 16.21 -15.71 -32.47
N ARG A 521 16.41 -15.03 -33.60
CA ARG A 521 17.44 -14.00 -33.73
C ARG A 521 16.85 -12.62 -34.02
N CYS A 522 15.54 -12.46 -33.82
CA CYS A 522 14.86 -11.20 -34.14
C CYS A 522 15.45 -10.05 -33.33
N LYS A 523 15.37 -8.84 -33.89
CA LYS A 523 15.81 -7.67 -33.14
C LYS A 523 14.75 -7.24 -32.13
N ALA A 524 13.46 -7.40 -32.45
CA ALA A 524 12.38 -6.97 -31.57
C ALA A 524 11.07 -7.57 -32.08
N GLN A 525 10.02 -7.38 -31.27
CA GLN A 525 8.62 -7.70 -31.59
C GLN A 525 8.30 -9.19 -31.49
N CYS A 526 8.94 -10.02 -32.30
CA CYS A 526 8.69 -11.47 -32.33
C CYS A 526 7.21 -11.78 -32.51
N ASN A 527 6.49 -10.91 -33.20
CA ASN A 527 5.02 -10.95 -33.21
C ASN A 527 4.43 -11.22 -34.60
N THR A 528 5.25 -11.57 -35.59
CA THR A 528 4.78 -11.92 -36.93
C THR A 528 5.40 -13.25 -37.36
N LYS A 529 4.90 -13.80 -38.47
CA LYS A 529 5.29 -15.15 -38.88
C LYS A 529 6.79 -15.28 -39.08
N GLN A 530 7.51 -14.15 -39.15
CA GLN A 530 8.93 -14.13 -39.45
C GLN A 530 9.77 -14.76 -38.35
N CYS A 531 9.29 -14.77 -37.11
CA CYS A 531 10.05 -15.25 -35.97
C CYS A 531 9.75 -16.71 -35.71
N PRO A 532 10.73 -17.62 -35.79
CA PRO A 532 10.41 -19.05 -35.63
C PRO A 532 9.84 -19.40 -34.27
N CYS A 533 10.05 -18.57 -33.25
CA CYS A 533 9.38 -18.78 -31.97
C CYS A 533 7.87 -18.60 -32.14
N TYR A 534 7.46 -17.43 -32.65
CA TYR A 534 6.05 -17.20 -32.94
C TYR A 534 5.51 -18.24 -33.91
N LEU A 535 6.24 -18.50 -35.00
CA LEU A 535 5.79 -19.41 -36.04
C LEU A 535 5.58 -20.83 -35.51
N ALA A 536 6.27 -21.21 -34.43
CA ALA A 536 6.07 -22.51 -33.82
C ALA A 536 5.06 -22.46 -32.67
N VAL A 537 4.29 -21.39 -32.57
CA VAL A 537 3.31 -21.20 -31.49
C VAL A 537 4.02 -21.40 -30.16
N ARG A 538 5.00 -20.56 -29.88
CA ARG A 538 5.81 -20.62 -28.67
C ARG A 538 6.11 -19.21 -28.22
N GLU A 539 6.29 -19.05 -26.92
CA GLU A 539 6.90 -17.84 -26.40
C GLU A 539 8.40 -18.05 -26.37
N CYS A 540 9.15 -16.96 -26.51
CA CYS A 540 10.59 -17.09 -26.60
C CYS A 540 11.16 -17.74 -25.33
N ASP A 541 12.27 -18.47 -25.52
CA ASP A 541 12.91 -19.17 -24.42
C ASP A 541 13.94 -18.22 -23.81
N PRO A 542 13.70 -17.70 -22.59
CA PRO A 542 14.52 -16.57 -22.11
C PRO A 542 15.93 -16.93 -21.66
N ASP A 543 16.41 -18.12 -22.01
CA ASP A 543 17.83 -18.44 -21.91
C ASP A 543 18.47 -18.61 -23.28
N LEU A 544 17.69 -18.47 -24.34
CA LEU A 544 18.17 -18.60 -25.71
C LEU A 544 17.99 -17.30 -26.49
N CYS A 545 16.76 -16.80 -26.61
CA CYS A 545 16.45 -15.63 -27.42
C CYS A 545 17.02 -14.35 -26.81
N LEU A 546 18.35 -14.23 -26.81
CA LEU A 546 19.03 -13.09 -26.18
C LEU A 546 18.92 -11.81 -26.99
N THR A 547 18.54 -11.88 -28.27
CA THR A 547 18.55 -10.71 -29.12
C THR A 547 17.26 -9.91 -29.04
N CYS A 548 16.12 -10.56 -28.84
CA CYS A 548 14.87 -9.82 -28.86
C CYS A 548 14.58 -9.12 -27.54
N GLY A 549 15.00 -9.69 -26.42
CA GLY A 549 14.76 -9.05 -25.14
C GLY A 549 14.10 -9.92 -24.09
N ALA A 550 13.82 -11.18 -24.43
CA ALA A 550 13.25 -12.10 -23.45
C ALA A 550 14.19 -12.37 -22.28
N ALA A 551 15.47 -12.05 -22.41
CA ALA A 551 16.43 -12.20 -21.33
C ALA A 551 16.94 -10.86 -20.84
N ASP A 552 16.26 -9.77 -21.18
CA ASP A 552 16.69 -8.42 -20.85
C ASP A 552 15.62 -7.74 -20.02
N HIS A 553 16.04 -7.17 -18.88
CA HIS A 553 15.15 -6.42 -17.99
C HIS A 553 14.00 -7.31 -17.50
N ARG A 554 14.36 -8.39 -16.80
CA ARG A 554 13.32 -9.33 -16.35
C ARG A 554 12.36 -8.66 -15.37
N ASP A 555 12.83 -7.63 -14.66
CA ASP A 555 11.95 -6.83 -13.81
C ASP A 555 10.86 -6.12 -14.60
N SER A 556 11.14 -5.75 -15.85
CA SER A 556 10.23 -4.94 -16.66
C SER A 556 9.01 -5.75 -17.10
N LYS A 557 7.95 -5.02 -17.48
CA LYS A 557 6.73 -5.65 -18.01
C LYS A 557 6.48 -5.39 -19.48
N ASN A 558 6.92 -4.26 -20.02
CA ASN A 558 6.84 -3.97 -21.46
C ASN A 558 8.24 -4.05 -22.05
N VAL A 559 8.61 -5.25 -22.51
CA VAL A 559 9.96 -5.51 -22.97
C VAL A 559 10.00 -5.28 -24.48
N SER A 560 11.22 -5.28 -25.04
CA SER A 560 11.37 -5.15 -26.49
C SER A 560 10.68 -6.31 -27.21
N CYS A 561 10.80 -7.52 -26.67
CA CYS A 561 10.18 -8.69 -27.26
C CYS A 561 8.74 -8.81 -26.78
N LYS A 562 7.80 -8.87 -27.72
CA LYS A 562 6.39 -8.91 -27.40
C LYS A 562 5.79 -10.32 -27.41
N ASN A 563 6.58 -11.36 -27.66
CA ASN A 563 6.03 -12.69 -27.59
C ASN A 563 6.58 -13.43 -26.38
N CYS A 564 6.39 -12.84 -25.20
CA CYS A 564 6.70 -13.49 -23.94
C CYS A 564 5.90 -12.83 -22.83
N SER A 565 4.75 -12.26 -23.17
CA SER A 565 3.92 -11.57 -22.18
C SER A 565 3.27 -12.53 -21.21
N ILE A 566 3.21 -13.83 -21.54
CA ILE A 566 2.58 -14.81 -20.65
C ILE A 566 3.53 -15.18 -19.52
N GLN A 567 4.76 -15.56 -19.86
CA GLN A 567 5.68 -16.04 -18.85
C GLN A 567 6.01 -14.98 -17.81
N ARG A 568 6.05 -13.71 -18.22
CA ARG A 568 6.31 -12.64 -17.26
C ARG A 568 5.06 -12.29 -16.48
N GLY A 569 3.89 -12.49 -17.08
CA GLY A 569 2.62 -12.15 -16.46
C GLY A 569 2.30 -10.68 -16.64
N SER A 570 2.43 -10.19 -17.86
CA SER A 570 2.09 -8.80 -18.18
C SER A 570 0.65 -8.70 -18.65
N LYS A 571 -0.26 -9.28 -17.88
CA LYS A 571 -1.66 -9.35 -18.27
C LYS A 571 -2.35 -8.04 -17.97
N LYS A 572 -3.21 -7.61 -18.89
CA LYS A 572 -3.87 -6.33 -18.72
C LYS A 572 -4.91 -6.43 -17.61
N HIS A 573 -5.37 -5.27 -17.15
CA HIS A 573 -6.26 -5.21 -16.00
C HIS A 573 -7.69 -5.62 -16.37
N LEU A 574 -8.23 -6.54 -15.58
CA LEU A 574 -9.59 -7.07 -15.77
C LEU A 574 -10.50 -6.66 -14.62
N LEU A 575 -11.78 -6.48 -14.93
CA LEU A 575 -12.79 -6.04 -13.97
C LEU A 575 -14.04 -6.91 -14.06
N LEU A 576 -14.69 -7.11 -12.93
CA LEU A 576 -15.80 -8.05 -12.81
C LEU A 576 -17.12 -7.30 -12.62
N ALA A 577 -18.16 -7.78 -13.28
CA ALA A 577 -19.50 -7.18 -13.20
C ALA A 577 -20.50 -8.20 -13.72
N PRO A 578 -21.79 -7.99 -13.47
CA PRO A 578 -22.80 -8.88 -14.05
C PRO A 578 -22.78 -8.81 -15.57
N SER A 579 -22.86 -9.97 -16.20
CA SER A 579 -22.81 -10.07 -17.65
C SER A 579 -24.08 -9.48 -18.26
N ASP A 580 -23.95 -8.99 -19.50
CA ASP A 580 -25.13 -8.47 -20.21
C ASP A 580 -25.99 -9.57 -20.78
N VAL A 581 -25.46 -10.79 -20.91
CA VAL A 581 -26.27 -11.92 -21.34
C VAL A 581 -27.05 -12.37 -20.12
N ALA A 582 -26.36 -13.05 -19.20
CA ALA A 582 -26.88 -13.53 -17.93
C ALA A 582 -25.70 -13.98 -17.08
N GLY A 583 -25.76 -13.69 -15.79
CA GLY A 583 -24.70 -14.12 -14.90
C GLY A 583 -23.55 -13.13 -14.79
N TRP A 584 -22.44 -13.65 -14.27
CA TRP A 584 -21.24 -12.84 -14.12
C TRP A 584 -20.50 -12.76 -15.45
N GLY A 585 -19.94 -11.59 -15.73
CA GLY A 585 -19.15 -11.37 -16.91
C GLY A 585 -17.93 -10.53 -16.58
N ILE A 586 -16.96 -10.55 -17.48
CA ILE A 586 -15.73 -9.80 -17.26
C ILE A 586 -15.69 -8.65 -18.26
N PHE A 587 -15.24 -7.49 -17.80
CA PHE A 587 -15.05 -6.31 -18.63
C PHE A 587 -13.60 -5.89 -18.53
N ILE A 588 -13.18 -5.01 -19.43
CA ILE A 588 -11.79 -4.61 -19.48
C ILE A 588 -11.66 -3.13 -19.16
N LYS A 589 -10.59 -2.81 -18.42
CA LYS A 589 -10.41 -1.47 -17.88
C LYS A 589 -9.99 -0.50 -18.97
N ASP A 590 -8.83 -0.75 -19.57
CA ASP A 590 -8.21 0.11 -20.55
C ASP A 590 -8.26 -0.52 -21.94
N PRO A 591 -8.15 0.27 -23.00
CA PRO A 591 -8.30 -0.27 -24.36
C PRO A 591 -7.17 -1.20 -24.76
N VAL A 592 -7.49 -2.06 -25.72
CA VAL A 592 -6.60 -3.13 -26.18
C VAL A 592 -6.65 -3.19 -27.71
N GLN A 593 -5.48 -3.33 -28.32
CA GLN A 593 -5.34 -3.32 -29.76
C GLN A 593 -5.80 -4.65 -30.35
N LYS A 594 -5.70 -4.76 -31.67
CA LYS A 594 -6.03 -6.00 -32.37
C LYS A 594 -4.87 -6.98 -32.19
N ASN A 595 -5.19 -8.21 -31.79
CA ASN A 595 -4.20 -9.24 -31.50
C ASN A 595 -3.20 -8.74 -30.43
N GLU A 596 -3.76 -8.35 -29.29
CA GLU A 596 -2.98 -7.96 -28.13
C GLU A 596 -3.31 -8.91 -26.99
N PHE A 597 -2.34 -9.11 -26.09
CA PHE A 597 -2.49 -10.10 -25.04
C PHE A 597 -3.36 -9.54 -23.91
N ILE A 598 -4.34 -10.33 -23.47
CA ILE A 598 -5.28 -9.90 -22.44
C ILE A 598 -4.96 -10.57 -21.11
N SER A 599 -4.90 -11.90 -21.10
CA SER A 599 -4.65 -12.63 -19.87
C SER A 599 -4.38 -14.09 -20.20
N GLU A 600 -3.70 -14.74 -19.28
CA GLU A 600 -3.55 -16.19 -19.29
C GLU A 600 -4.77 -16.82 -18.67
N TYR A 601 -5.52 -17.61 -19.45
CA TYR A 601 -6.62 -18.36 -18.89
C TYR A 601 -6.03 -19.47 -18.04
N CYS A 602 -6.20 -19.35 -16.74
CA CYS A 602 -5.47 -20.17 -15.79
C CYS A 602 -6.45 -21.01 -14.99
N GLY A 603 -5.96 -22.12 -14.45
CA GLY A 603 -6.81 -23.02 -13.68
C GLY A 603 -6.06 -24.23 -13.18
N GLU A 604 -6.82 -25.25 -12.80
CA GLU A 604 -6.25 -26.51 -12.34
C GLU A 604 -5.91 -27.42 -13.52
N ILE A 605 -4.78 -28.11 -13.41
CA ILE A 605 -4.38 -29.10 -14.40
C ILE A 605 -4.89 -30.46 -13.94
N ILE A 606 -5.79 -31.05 -14.72
CA ILE A 606 -6.39 -32.34 -14.40
C ILE A 606 -6.07 -33.30 -15.54
N SER A 607 -6.06 -34.59 -15.23
CA SER A 607 -5.85 -35.56 -16.28
C SER A 607 -7.10 -35.65 -17.15
N GLN A 608 -6.99 -36.39 -18.26
CA GLN A 608 -8.16 -36.62 -19.10
C GLN A 608 -9.15 -37.53 -18.40
N ASP A 609 -8.63 -38.47 -17.60
CA ASP A 609 -9.47 -39.38 -16.84
C ASP A 609 -10.13 -38.67 -15.66
N GLU A 610 -9.46 -37.68 -15.06
CA GLU A 610 -10.09 -36.87 -14.04
C GLU A 610 -11.08 -35.89 -14.65
N ALA A 611 -10.79 -35.41 -15.87
CA ALA A 611 -11.72 -34.54 -16.58
C ALA A 611 -12.98 -35.29 -16.96
N ASP A 612 -12.91 -36.61 -17.10
CA ASP A 612 -14.07 -37.42 -17.46
C ASP A 612 -15.01 -37.60 -16.27
N ARG A 613 -14.46 -37.75 -15.06
CA ARG A 613 -15.31 -37.86 -13.89
C ARG A 613 -15.95 -36.53 -13.54
N ARG A 614 -15.20 -35.43 -13.66
CA ARG A 614 -15.76 -34.11 -13.39
C ARG A 614 -16.76 -33.67 -14.45
N GLY A 615 -16.64 -34.16 -15.68
CA GLY A 615 -17.65 -33.89 -16.69
C GLY A 615 -19.00 -34.47 -16.36
N LYS A 616 -19.05 -35.42 -15.43
CA LYS A 616 -20.32 -35.94 -14.93
C LYS A 616 -21.03 -34.92 -14.06
N VAL A 617 -20.33 -34.35 -13.07
CA VAL A 617 -20.94 -33.40 -12.14
C VAL A 617 -21.24 -32.08 -12.83
N TYR A 618 -20.36 -31.65 -13.74
CA TYR A 618 -20.52 -30.36 -14.41
C TYR A 618 -21.73 -30.34 -15.33
N ASP A 619 -22.12 -31.49 -15.89
CA ASP A 619 -23.18 -31.51 -16.90
C ASP A 619 -24.54 -31.10 -16.32
N LYS A 620 -24.76 -31.29 -15.03
CA LYS A 620 -26.10 -31.05 -14.48
C LYS A 620 -26.45 -29.57 -14.33
N TYR A 621 -25.48 -28.66 -14.39
CA TYR A 621 -25.76 -27.22 -14.29
C TYR A 621 -25.64 -26.48 -15.63
N MET A 622 -25.45 -27.19 -16.74
CA MET A 622 -25.30 -26.57 -18.05
C MET A 622 -24.26 -25.47 -18.03
N CYS A 623 -23.09 -25.79 -17.45
CA CYS A 623 -22.05 -24.79 -17.23
C CYS A 623 -20.72 -25.52 -17.04
N SER A 624 -19.91 -25.55 -18.10
CA SER A 624 -18.61 -26.20 -18.07
C SER A 624 -17.53 -25.14 -18.17
N PHE A 625 -16.50 -25.27 -17.34
CA PHE A 625 -15.45 -24.26 -17.26
C PHE A 625 -14.07 -24.85 -17.54
N LEU A 626 -14.03 -25.98 -18.23
CA LEU A 626 -12.81 -26.71 -18.53
C LEU A 626 -12.43 -26.56 -20.00
N PHE A 627 -11.13 -26.50 -20.27
CA PHE A 627 -10.62 -26.39 -21.63
C PHE A 627 -9.45 -27.33 -21.85
N ASN A 628 -9.37 -27.90 -23.06
CA ASN A 628 -8.34 -28.85 -23.42
C ASN A 628 -7.01 -28.13 -23.60
N LEU A 629 -6.06 -28.42 -22.70
CA LEU A 629 -4.74 -27.83 -22.81
C LEU A 629 -3.91 -28.54 -23.87
N ASN A 630 -3.95 -29.87 -23.87
CA ASN A 630 -3.30 -30.71 -24.88
C ASN A 630 -4.01 -32.05 -24.91
N ASN A 631 -3.41 -33.03 -25.58
CA ASN A 631 -4.03 -34.34 -25.73
C ASN A 631 -4.20 -35.04 -24.38
N ASP A 632 -3.24 -34.83 -23.48
CA ASP A 632 -3.18 -35.59 -22.24
C ASP A 632 -3.72 -34.85 -21.02
N PHE A 633 -3.72 -33.52 -21.04
CA PHE A 633 -4.10 -32.72 -19.88
C PHE A 633 -5.18 -31.72 -20.25
N VAL A 634 -5.93 -31.32 -19.23
CA VAL A 634 -7.03 -30.37 -19.38
C VAL A 634 -6.90 -29.35 -18.26
N VAL A 635 -7.19 -28.09 -18.57
CA VAL A 635 -7.20 -27.04 -17.55
C VAL A 635 -8.64 -26.90 -17.04
N ASP A 636 -8.79 -26.53 -15.77
CA ASP A 636 -10.09 -26.45 -15.13
C ASP A 636 -10.14 -25.24 -14.21
N ALA A 637 -10.99 -24.28 -14.55
CA ALA A 637 -11.11 -23.03 -13.83
C ALA A 637 -12.25 -23.05 -12.82
N THR A 638 -12.91 -24.19 -12.64
CA THR A 638 -14.04 -24.27 -11.73
C THR A 638 -13.63 -24.14 -10.27
N ARG A 639 -12.55 -24.80 -9.86
CA ARG A 639 -12.14 -24.72 -8.46
C ARG A 639 -11.10 -23.64 -8.21
N LYS A 640 -10.06 -23.57 -9.04
CA LYS A 640 -9.07 -22.51 -8.99
C LYS A 640 -8.96 -21.86 -10.36
N GLY A 641 -8.94 -20.53 -10.39
CA GLY A 641 -8.83 -19.81 -11.64
C GLY A 641 -8.42 -18.37 -11.40
N ASN A 642 -8.38 -17.61 -12.49
CA ASN A 642 -8.08 -16.19 -12.43
C ASN A 642 -9.21 -15.39 -13.08
N LYS A 643 -9.13 -14.07 -12.93
CA LYS A 643 -10.16 -13.12 -13.32
C LYS A 643 -10.79 -13.40 -14.68
N ILE A 644 -9.98 -13.82 -15.66
CA ILE A 644 -10.45 -14.02 -17.02
C ILE A 644 -11.34 -15.25 -17.20
N ARG A 645 -11.44 -16.11 -16.18
CA ARG A 645 -12.36 -17.23 -16.27
C ARG A 645 -13.82 -16.78 -16.38
N PHE A 646 -14.07 -15.48 -16.27
CA PHE A 646 -15.41 -14.91 -16.37
C PHE A 646 -15.72 -14.37 -17.75
N ALA A 647 -15.04 -14.85 -18.79
CA ALA A 647 -15.39 -14.47 -20.14
C ALA A 647 -16.46 -15.43 -20.63
N ASN A 648 -17.61 -14.89 -20.99
CA ASN A 648 -18.72 -15.72 -21.42
C ASN A 648 -18.56 -16.15 -22.87
N HIS A 649 -19.31 -17.19 -23.22
CA HIS A 649 -19.30 -17.66 -24.59
C HIS A 649 -20.10 -16.73 -25.47
N SER A 650 -19.67 -16.63 -26.73
CA SER A 650 -20.40 -15.96 -27.79
C SER A 650 -19.74 -16.45 -29.08
N VAL A 651 -20.56 -16.62 -30.12
CA VAL A 651 -20.04 -17.12 -31.40
C VAL A 651 -19.58 -16.00 -32.31
N ASN A 652 -19.87 -14.75 -31.97
CA ASN A 652 -19.32 -13.56 -32.64
C ASN A 652 -18.46 -12.76 -31.67
N PRO A 653 -17.39 -13.36 -31.12
CA PRO A 653 -16.69 -12.74 -30.00
C PRO A 653 -15.60 -11.78 -30.48
N ASN A 654 -15.00 -11.10 -29.51
CA ASN A 654 -13.90 -10.19 -29.77
C ASN A 654 -12.58 -10.71 -29.21
N CYS A 655 -12.54 -11.93 -28.69
CA CYS A 655 -11.32 -12.55 -28.21
C CYS A 655 -11.27 -14.00 -28.68
N TYR A 656 -10.09 -14.59 -28.57
CA TYR A 656 -9.90 -15.97 -29.00
C TYR A 656 -8.84 -16.61 -28.12
N ALA A 657 -8.82 -17.93 -28.09
CA ALA A 657 -7.88 -18.67 -27.26
C ALA A 657 -6.81 -19.28 -28.15
N LYS A 658 -5.55 -19.08 -27.77
CA LYS A 658 -4.42 -19.71 -28.45
C LYS A 658 -3.62 -20.47 -27.42
N VAL A 659 -3.42 -21.76 -27.67
CA VAL A 659 -2.74 -22.67 -26.73
C VAL A 659 -1.25 -22.61 -27.06
N MET A 660 -0.54 -21.66 -26.48
CA MET A 660 0.88 -21.49 -26.73
C MET A 660 1.72 -22.33 -25.78
N MET A 661 3.02 -22.34 -26.01
CA MET A 661 3.99 -23.13 -25.26
C MET A 661 4.98 -22.21 -24.56
N VAL A 662 5.25 -22.47 -23.27
CA VAL A 662 6.13 -21.63 -22.47
C VAL A 662 7.03 -22.54 -21.63
N ASN A 663 8.30 -22.66 -22.03
CA ASN A 663 9.32 -23.37 -21.24
C ASN A 663 8.85 -24.76 -20.83
N GLY A 664 8.37 -25.53 -21.80
CA GLY A 664 7.89 -26.86 -21.54
C GLY A 664 6.43 -26.95 -21.17
N ASP A 665 5.87 -25.90 -20.57
CA ASP A 665 4.49 -25.91 -20.10
C ASP A 665 3.57 -25.34 -21.17
N HIS A 666 2.62 -26.13 -21.61
CA HIS A 666 1.56 -25.63 -22.46
C HIS A 666 0.64 -24.73 -21.65
N ARG A 667 0.36 -23.55 -22.16
CA ARG A 667 -0.50 -22.60 -21.46
C ARG A 667 -1.54 -22.06 -22.43
N ILE A 668 -2.64 -21.58 -21.87
CA ILE A 668 -3.76 -21.07 -22.64
C ILE A 668 -3.70 -19.55 -22.53
N GLY A 669 -3.55 -18.89 -23.66
CA GLY A 669 -3.51 -17.44 -23.72
C GLY A 669 -4.79 -16.93 -24.34
N ILE A 670 -5.27 -15.80 -23.84
CA ILE A 670 -6.45 -15.14 -24.35
C ILE A 670 -5.99 -13.88 -25.05
N PHE A 671 -6.40 -13.70 -26.30
CA PHE A 671 -5.97 -12.57 -27.09
C PHE A 671 -7.19 -11.91 -27.70
N ALA A 672 -7.03 -10.66 -28.09
CA ALA A 672 -8.14 -9.91 -28.65
C ALA A 672 -8.28 -10.22 -30.14
N LYS A 673 -9.49 -10.64 -30.54
CA LYS A 673 -9.76 -10.91 -31.95
C LYS A 673 -9.75 -9.63 -32.76
N ARG A 674 -10.24 -8.54 -32.19
CA ARG A 674 -10.18 -7.23 -32.85
C ARG A 674 -9.67 -6.24 -31.82
N ALA A 675 -9.85 -4.95 -32.10
CA ALA A 675 -9.52 -3.92 -31.12
C ALA A 675 -10.63 -3.81 -30.08
N ILE A 676 -10.23 -3.53 -28.83
CA ILE A 676 -11.17 -3.44 -27.73
C ILE A 676 -10.93 -2.13 -26.98
N GLN A 677 -11.97 -1.32 -26.85
CA GLN A 677 -11.89 -0.06 -26.12
C GLN A 677 -12.43 -0.21 -24.70
N THR A 678 -12.33 0.87 -23.94
CA THR A 678 -12.67 0.88 -22.51
C THR A 678 -14.11 0.43 -22.27
N GLY A 679 -14.25 -0.66 -21.55
CA GLY A 679 -15.53 -1.07 -21.00
C GLY A 679 -16.36 -2.03 -21.83
N GLU A 680 -15.75 -2.76 -22.74
CA GLU A 680 -16.44 -3.85 -23.42
C GLU A 680 -16.30 -5.13 -22.60
N GLU A 681 -17.31 -5.98 -22.67
CA GLU A 681 -17.22 -7.29 -22.06
C GLU A 681 -16.51 -8.22 -23.02
N LEU A 682 -15.59 -9.02 -22.49
CA LEU A 682 -14.74 -9.85 -23.34
C LEU A 682 -15.38 -11.22 -23.49
N PHE A 683 -15.49 -11.69 -24.74
CA PHE A 683 -16.01 -13.01 -25.02
C PHE A 683 -15.02 -13.77 -25.89
N PHE A 684 -15.11 -15.09 -25.85
CA PHE A 684 -14.42 -15.92 -26.81
C PHE A 684 -15.25 -17.16 -27.06
N ASP A 685 -14.99 -17.81 -28.19
CA ASP A 685 -15.80 -18.96 -28.60
C ASP A 685 -15.32 -20.19 -27.84
N TYR A 686 -16.21 -20.75 -27.02
CA TYR A 686 -15.85 -21.91 -26.20
C TYR A 686 -15.64 -23.15 -27.05
N ARG A 687 -16.28 -23.21 -28.22
CA ARG A 687 -16.24 -24.40 -29.05
C ARG A 687 -14.83 -24.70 -29.54
N TYR A 688 -14.07 -23.67 -29.93
CA TYR A 688 -12.77 -23.90 -30.54
C TYR A 688 -11.74 -24.45 -29.57
N SER A 689 -11.95 -24.33 -28.27
CA SER A 689 -11.00 -24.82 -27.28
C SER A 689 -11.55 -25.93 -26.40
N GLN A 690 -12.86 -26.02 -26.22
CA GLN A 690 -13.46 -27.05 -25.38
C GLN A 690 -14.10 -28.14 -26.24
N ASN A 726 -19.61 3.72 -17.34
CA ASN A 726 -20.97 3.92 -16.88
C ASN A 726 -21.64 2.60 -16.51
N ARG A 727 -21.00 1.85 -15.62
CA ARG A 727 -21.56 0.59 -15.13
C ARG A 727 -20.96 0.27 -13.76
N LEU A 728 -21.51 -0.75 -13.12
CA LEU A 728 -21.20 -1.10 -11.74
C LEU A 728 -20.18 -2.23 -11.72
N TYR A 729 -19.03 -1.99 -11.11
CA TYR A 729 -17.94 -2.95 -11.04
C TYR A 729 -17.83 -3.51 -9.63
N PHE A 730 -17.35 -4.76 -9.53
CA PHE A 730 -17.33 -5.50 -8.28
C PHE A 730 -15.94 -6.08 -8.01
N HIS A 731 -15.64 -6.25 -6.72
CA HIS A 731 -14.39 -6.88 -6.31
C HIS A 731 -14.33 -8.32 -6.79
N SER A 732 -13.10 -8.83 -6.85
CA SER A 732 -12.81 -10.18 -7.31
C SER A 732 -12.90 -11.21 -6.18
N ASP A 733 -12.27 -10.93 -5.05
CA ASP A 733 -12.19 -11.91 -3.97
C ASP A 733 -13.48 -12.01 -3.17
N THR A 734 -14.24 -10.91 -3.06
CA THR A 734 -15.36 -10.84 -2.12
C THR A 734 -16.71 -10.62 -2.78
N CYS A 735 -16.75 -10.23 -4.06
CA CYS A 735 -18.00 -9.92 -4.78
C CYS A 735 -18.74 -8.75 -4.14
N LEU A 736 -17.98 -7.82 -3.57
CA LEU A 736 -18.45 -6.57 -3.02
C LEU A 736 -18.28 -5.48 -4.06
N PRO A 737 -18.97 -4.35 -3.94
CA PRO A 737 -18.81 -3.33 -4.98
C PRO A 737 -17.48 -2.62 -4.79
N LEU A 738 -16.72 -2.50 -5.89
CA LEU A 738 -15.44 -1.78 -5.87
C LEU A 738 -15.74 -0.42 -6.48
N ARG A 739 -16.04 0.55 -5.61
CA ARG A 739 -16.37 1.90 -6.03
C ARG A 739 -15.20 2.52 -6.80
N PRO A 740 -15.48 3.54 -7.61
CA PRO A 740 -14.41 4.14 -8.44
C PRO A 740 -13.30 4.84 -7.65
N GLN A 741 -13.47 5.04 -6.34
CA GLN A 741 -12.50 5.84 -5.59
C GLN A 741 -11.09 5.26 -5.71
N GLU A 742 -10.98 3.93 -5.70
CA GLU A 742 -9.66 3.29 -5.70
C GLU A 742 -9.64 2.09 -6.63
N MET A 743 -10.13 2.25 -7.86
CA MET A 743 -10.10 1.17 -8.85
C MET A 743 -8.98 1.33 -9.88
N GLU A 744 -7.88 1.97 -9.50
CA GLU A 744 -6.84 2.24 -10.49
C GLU A 744 -5.61 1.35 -10.32
N VAL A 745 -5.04 1.28 -9.13
CA VAL A 745 -3.86 0.45 -8.90
C VAL A 745 -4.24 -0.71 -7.97
N ASP A 746 -5.50 -1.12 -8.00
CA ASP A 746 -5.95 -2.26 -7.22
C ASP A 746 -5.29 -3.53 -7.75
N SER A 747 -5.73 -4.01 -8.91
CA SER A 747 -5.10 -5.15 -9.58
C SER A 747 -5.05 -6.39 -8.68
N GLU A 748 -6.21 -6.88 -8.28
CA GLU A 748 -6.21 -7.95 -7.32
C GLU A 748 -5.81 -9.20 -8.05
N ASP A 749 -4.53 -9.19 -8.41
CA ASP A 749 -3.91 -10.33 -9.08
C ASP A 749 -2.39 -10.22 -9.02
N GLU A 750 -1.80 -10.66 -7.91
CA GLU A 750 -0.36 -10.62 -7.71
C GLU A 750 0.22 -11.90 -8.30
N LYS A 751 1.49 -12.18 -8.00
CA LYS A 751 2.14 -13.40 -8.46
C LYS A 751 2.14 -14.52 -7.42
N ASP A 752 2.33 -14.20 -6.14
CA ASP A 752 2.29 -15.17 -5.07
C ASP A 752 1.10 -14.90 -4.17
N PRO A 753 0.01 -15.66 -4.28
CA PRO A 753 -1.14 -15.47 -3.41
C PRO A 753 -0.89 -15.99 -1.99
N GLU A 754 -1.75 -15.54 -1.06
CA GLU A 754 -1.56 -15.86 0.35
C GLU A 754 -1.71 -17.36 0.60
N TRP A 755 -2.61 -18.03 -0.12
CA TRP A 755 -2.86 -19.43 0.17
C TRP A 755 -1.77 -20.33 -0.38
N LEU A 756 -1.13 -19.96 -1.49
CA LEU A 756 -0.01 -20.74 -2.00
C LEU A 756 1.21 -20.63 -1.11
N ARG A 757 1.52 -19.42 -0.62
CA ARG A 757 2.67 -19.23 0.26
C ARG A 757 2.59 -20.14 1.48
N GLU A 758 1.39 -20.46 1.93
CA GLU A 758 1.17 -21.42 3.00
C GLU A 758 1.09 -22.85 2.47
N LYS A 759 0.42 -23.04 1.34
CA LYS A 759 0.22 -24.39 0.80
C LYS A 759 1.56 -25.07 0.48
N THR A 760 2.57 -24.30 0.07
CA THR A 760 3.87 -24.92 -0.17
C THR A 760 4.54 -25.31 1.14
N ILE A 761 4.23 -24.60 2.23
CA ILE A 761 4.72 -24.98 3.55
C ILE A 761 4.05 -26.26 4.03
N THR A 762 2.76 -26.44 3.70
CA THR A 762 2.07 -27.69 4.03
C THR A 762 2.74 -28.89 3.36
N GLN A 763 3.14 -28.73 2.09
CA GLN A 763 3.67 -29.85 1.33
C GLN A 763 5.13 -30.13 1.63
N ILE A 764 5.89 -29.16 2.14
CA ILE A 764 7.26 -29.43 2.54
C ILE A 764 7.27 -30.28 3.81
N GLU A 765 6.52 -29.87 4.83
CA GLU A 765 6.58 -30.54 6.12
C GLU A 765 5.99 -31.96 6.08
N GLU A 766 5.06 -32.25 5.17
CA GLU A 766 4.34 -33.53 5.21
C GLU A 766 5.21 -34.71 4.79
N PHE A 767 6.38 -34.46 4.20
CA PHE A 767 7.26 -35.52 3.73
C PHE A 767 7.87 -36.23 4.94
N SER A 768 7.65 -37.53 5.04
CA SER A 768 8.15 -38.31 6.17
C SER A 768 9.56 -38.86 5.96
N ASP A 769 10.08 -38.83 4.73
CA ASP A 769 11.41 -39.38 4.46
C ASP A 769 12.49 -38.29 4.41
N VAL A 770 12.12 -37.03 4.54
CA VAL A 770 13.06 -35.92 4.50
C VAL A 770 13.20 -35.36 5.90
N ASN A 771 14.44 -35.06 6.29
CA ASN A 771 14.67 -34.47 7.59
C ASN A 771 14.20 -33.02 7.61
N GLU A 772 13.96 -32.50 8.82
CA GLU A 772 13.40 -31.17 9.02
C GLU A 772 14.44 -30.07 9.04
N GLY A 773 15.73 -30.39 9.04
CA GLY A 773 16.70 -29.32 8.89
C GLY A 773 16.72 -28.88 7.43
N GLU A 774 16.75 -29.84 6.51
CA GLU A 774 16.66 -29.52 5.09
C GLU A 774 15.30 -28.94 4.72
N LYS A 775 14.24 -29.35 5.42
CA LYS A 775 12.90 -28.83 5.14
C LYS A 775 12.79 -27.33 5.41
N GLU A 776 13.41 -26.85 6.48
CA GLU A 776 13.25 -25.46 6.86
C GLU A 776 14.06 -24.50 6.00
N VAL A 777 14.88 -25.02 5.08
CA VAL A 777 15.55 -24.19 4.09
C VAL A 777 14.79 -24.14 2.78
N MET A 778 14.24 -25.28 2.35
CA MET A 778 13.46 -25.32 1.12
C MET A 778 12.20 -24.47 1.24
N LYS A 779 11.64 -24.35 2.44
CA LYS A 779 10.53 -23.42 2.65
C LYS A 779 10.97 -21.98 2.38
N LEU A 780 12.19 -21.63 2.78
CA LEU A 780 12.68 -20.27 2.58
C LEU A 780 12.94 -20.00 1.10
N TRP A 781 13.44 -21.00 0.36
CA TRP A 781 13.71 -20.82 -1.06
C TRP A 781 12.42 -20.67 -1.86
N ASN A 782 11.43 -21.55 -1.61
CA ASN A 782 10.19 -21.51 -2.37
C ASN A 782 9.52 -20.15 -2.26
N LEU A 783 9.51 -19.55 -1.07
CA LEU A 783 8.88 -18.24 -0.89
C LEU A 783 9.69 -17.15 -1.60
N HIS A 784 11.01 -17.26 -1.58
CA HIS A 784 11.83 -16.26 -2.25
C HIS A 784 11.61 -16.30 -3.75
N VAL A 785 11.51 -17.49 -4.33
CA VAL A 785 11.26 -17.62 -5.77
C VAL A 785 9.95 -16.92 -6.14
N MET A 786 8.87 -17.25 -5.42
CA MET A 786 7.55 -16.72 -5.75
C MET A 786 7.46 -15.21 -5.55
N LYS A 787 8.25 -14.65 -4.64
CA LYS A 787 8.13 -13.22 -4.36
C LYS A 787 8.62 -12.37 -5.52
N HIS A 788 9.60 -12.85 -6.27
CA HIS A 788 10.15 -12.06 -7.37
C HIS A 788 9.66 -12.51 -8.74
N GLY A 789 9.38 -13.80 -8.92
CA GLY A 789 8.86 -14.28 -10.18
C GLY A 789 9.96 -14.66 -11.16
N PHE A 790 10.81 -15.61 -10.76
CA PHE A 790 11.93 -15.99 -11.60
C PHE A 790 11.47 -16.98 -12.65
N ILE A 791 11.96 -16.82 -13.88
CA ILE A 791 11.52 -17.66 -15.00
C ILE A 791 12.62 -17.91 -16.02
N ALA A 792 13.88 -17.82 -15.60
CA ALA A 792 14.98 -18.02 -16.54
C ALA A 792 16.16 -18.67 -15.83
N ASP A 793 16.84 -19.57 -16.53
CA ASP A 793 18.01 -20.23 -15.96
C ASP A 793 19.13 -19.23 -15.70
N ASN A 794 19.29 -18.24 -16.57
CA ASN A 794 20.35 -17.25 -16.40
C ASN A 794 20.14 -16.40 -15.16
N GLN A 795 18.90 -16.30 -14.69
CA GLN A 795 18.58 -15.48 -13.53
C GLN A 795 19.12 -16.06 -12.21
N MET A 796 19.48 -17.34 -12.20
CA MET A 796 19.71 -18.02 -10.93
C MET A 796 20.94 -17.54 -10.18
N ASN A 797 21.89 -16.88 -10.86
CA ASN A 797 22.97 -16.22 -10.12
C ASN A 797 22.42 -15.09 -9.27
N HIS A 798 21.54 -14.28 -9.84
CA HIS A 798 20.92 -13.21 -9.07
C HIS A 798 19.93 -13.78 -8.05
N ALA A 799 19.31 -14.93 -8.36
CA ALA A 799 18.36 -15.53 -7.43
C ALA A 799 19.03 -16.00 -6.15
N CYS A 800 20.21 -16.64 -6.27
CA CYS A 800 20.92 -17.09 -5.09
C CYS A 800 21.69 -15.97 -4.39
N MET A 801 21.99 -14.88 -5.10
CA MET A 801 22.65 -13.75 -4.46
C MET A 801 21.65 -12.82 -3.76
N LEU A 802 20.42 -12.74 -4.26
CA LEU A 802 19.37 -11.97 -3.61
C LEU A 802 18.79 -12.70 -2.40
N PHE A 803 18.81 -14.04 -2.45
CA PHE A 803 18.34 -14.84 -1.32
C PHE A 803 19.18 -14.58 -0.07
N VAL A 804 20.48 -14.39 -0.23
CA VAL A 804 21.34 -14.13 0.92
C VAL A 804 21.06 -12.75 1.51
N GLU A 805 20.92 -11.74 0.63
CA GLU A 805 20.73 -10.37 1.09
C GLU A 805 19.48 -10.21 1.96
N ASN A 806 18.42 -10.96 1.69
CA ASN A 806 17.14 -10.79 2.39
C ASN A 806 16.86 -11.87 3.42
N TYR A 807 17.03 -13.14 3.07
CA TYR A 807 16.63 -14.24 3.94
C TYR A 807 17.78 -14.87 4.70
N GLY A 808 19.03 -14.50 4.39
CA GLY A 808 20.18 -15.08 5.08
C GLY A 808 20.17 -14.84 6.58
N GLN A 809 19.49 -13.78 7.03
CA GLN A 809 19.37 -13.53 8.46
C GLN A 809 18.57 -14.65 9.13
N LYS A 810 17.41 -14.98 8.57
CA LYS A 810 16.65 -16.14 9.04
C LYS A 810 17.44 -17.44 8.92
N ILE A 811 18.46 -17.46 8.06
CA ILE A 811 19.28 -18.66 7.92
C ILE A 811 20.09 -18.91 9.18
N ILE A 812 20.74 -17.86 9.70
CA ILE A 812 21.56 -18.02 10.90
C ILE A 812 20.69 -18.18 12.13
N LYS A 813 19.66 -17.34 12.27
CA LYS A 813 18.80 -17.41 13.44
C LYS A 813 18.10 -18.75 13.56
N LYS A 814 17.83 -19.43 12.44
CA LYS A 814 17.19 -20.74 12.49
C LYS A 814 18.20 -21.86 12.31
N ASN A 815 19.49 -21.53 12.32
CA ASN A 815 20.60 -22.49 12.24
C ASN A 815 20.42 -23.43 11.05
N LEU A 816 20.69 -22.86 9.87
CA LEU A 816 20.60 -23.61 8.62
C LEU A 816 21.76 -23.29 7.68
N CYS A 817 22.86 -22.73 8.20
CA CYS A 817 23.96 -22.30 7.33
C CYS A 817 24.57 -23.47 6.57
N ARG A 818 24.54 -24.67 7.15
CA ARG A 818 25.10 -25.83 6.46
C ARG A 818 24.15 -26.36 5.39
N ASN A 819 22.85 -26.41 5.69
CA ASN A 819 21.86 -26.82 4.69
C ASN A 819 21.81 -25.84 3.51
N PHE A 820 22.06 -24.55 3.77
CA PHE A 820 22.13 -23.57 2.69
C PHE A 820 23.28 -23.88 1.74
N MET A 821 24.38 -24.41 2.27
CA MET A 821 25.48 -24.82 1.40
C MET A 821 25.11 -26.03 0.58
N LEU A 822 24.37 -26.98 1.17
CA LEU A 822 23.85 -28.11 0.41
C LEU A 822 22.94 -27.64 -0.71
N HIS A 823 22.13 -26.61 -0.44
CA HIS A 823 21.28 -26.02 -1.47
C HIS A 823 22.11 -25.44 -2.61
N LEU A 824 23.29 -24.91 -2.29
CA LEU A 824 24.13 -24.28 -3.31
C LEU A 824 24.78 -25.33 -4.20
N VAL A 825 25.36 -26.39 -3.62
CA VAL A 825 25.96 -27.43 -4.43
C VAL A 825 24.91 -28.27 -5.15
N SER A 826 23.66 -28.25 -4.67
CA SER A 826 22.56 -28.85 -5.43
C SER A 826 22.19 -27.95 -6.62
N MET A 827 22.17 -26.64 -6.40
CA MET A 827 22.05 -25.72 -7.52
C MET A 827 23.19 -25.91 -8.51
N HIS A 828 24.40 -26.15 -8.01
CA HIS A 828 25.56 -26.33 -8.88
C HIS A 828 25.59 -27.72 -9.48
N ASP A 829 24.95 -28.70 -8.84
CA ASP A 829 24.85 -30.02 -9.43
C ASP A 829 23.89 -30.03 -10.62
N PHE A 830 22.84 -29.21 -10.56
CA PHE A 830 21.83 -29.08 -11.60
C PHE A 830 22.26 -28.23 -12.80
N ASN A 831 23.49 -27.72 -12.80
CA ASN A 831 24.08 -27.02 -13.95
C ASN A 831 23.45 -25.64 -14.21
N LEU A 832 23.09 -24.90 -13.15
CA LEU A 832 22.50 -23.57 -13.39
C LEU A 832 22.94 -22.49 -12.40
N ILE A 833 24.10 -22.63 -11.77
CA ILE A 833 24.66 -21.55 -10.97
C ILE A 833 26.16 -21.46 -11.27
N SER A 834 26.72 -20.26 -11.15
CA SER A 834 28.15 -20.10 -11.37
C SER A 834 28.94 -20.57 -10.16
N ILE A 835 30.18 -20.97 -10.40
CA ILE A 835 31.02 -21.50 -9.33
C ILE A 835 31.45 -20.38 -8.39
N MET A 836 31.86 -19.23 -8.93
CA MET A 836 32.28 -18.11 -8.12
C MET A 836 31.14 -17.48 -7.32
N SER A 837 29.88 -17.74 -7.69
CA SER A 837 28.76 -17.27 -6.89
C SER A 837 28.63 -18.08 -5.60
N ILE A 838 28.88 -19.39 -5.67
CA ILE A 838 28.89 -20.20 -4.45
C ILE A 838 29.93 -19.68 -3.48
N ASP A 839 31.08 -19.24 -4.02
CA ASP A 839 32.07 -18.58 -3.18
C ASP A 839 31.60 -17.20 -2.75
N LYS A 840 30.92 -16.48 -3.65
CA LYS A 840 30.44 -15.14 -3.34
C LYS A 840 29.24 -15.18 -2.40
N ALA A 841 28.43 -16.24 -2.46
CA ALA A 841 27.26 -16.33 -1.60
C ALA A 841 27.65 -16.62 -0.16
N VAL A 842 28.52 -17.63 0.04
CA VAL A 842 29.00 -17.94 1.38
C VAL A 842 29.72 -16.74 1.97
N THR A 843 30.39 -15.95 1.12
CA THR A 843 31.12 -14.78 1.61
C THR A 843 30.16 -13.75 2.19
N LYS A 844 29.02 -13.53 1.53
CA LYS A 844 28.04 -12.58 2.05
C LYS A 844 27.27 -13.12 3.26
N LEU A 845 27.20 -14.45 3.42
CA LEU A 845 26.62 -15.01 4.63
C LEU A 845 27.55 -14.90 5.82
N ARG A 846 28.84 -15.18 5.62
CA ARG A 846 29.83 -15.09 6.69
C ARG A 846 30.09 -13.65 7.10
N GLU A 847 29.86 -12.70 6.19
CA GLU A 847 30.05 -11.28 6.52
C GLU A 847 29.06 -10.83 7.59
N MET A 848 27.84 -11.36 7.56
CA MET A 848 26.86 -11.10 8.61
C MET A 848 26.94 -12.08 9.76
N GLN A 849 27.46 -13.29 9.51
CA GLN A 849 27.56 -14.30 10.56
C GLN A 849 28.54 -13.86 11.63
N GLN A 850 29.74 -13.45 11.21
CA GLN A 850 30.75 -12.87 12.10
C GLN A 850 30.45 -11.38 12.30
N LYS A 851 29.21 -11.10 12.68
CA LYS A 851 28.78 -9.75 13.04
C LYS A 851 27.71 -9.73 14.15
N SER B 82 -41.83 -33.94 30.38
CA SER B 82 -41.37 -32.87 31.26
C SER B 82 -42.08 -31.55 30.92
N PHE B 83 -42.69 -31.49 29.74
CA PHE B 83 -43.33 -30.31 29.18
C PHE B 83 -44.85 -30.45 29.18
N LYS B 84 -45.52 -29.57 28.43
CA LYS B 84 -46.96 -29.62 28.20
C LYS B 84 -47.36 -28.59 27.15
N CYS B 85 -48.06 -29.01 26.11
CA CYS B 85 -48.48 -28.11 25.05
C CYS B 85 -49.76 -27.38 25.46
N VAL B 86 -49.81 -26.10 25.10
CA VAL B 86 -50.97 -25.25 25.41
C VAL B 86 -51.55 -24.40 24.28
N ASN B 87 -50.90 -24.38 23.11
CA ASN B 87 -51.40 -23.54 22.03
C ASN B 87 -50.87 -24.01 20.69
N SER B 88 -51.65 -23.72 19.64
CA SER B 88 -51.26 -23.98 18.26
C SER B 88 -51.68 -22.79 17.41
N LEU B 89 -50.90 -22.53 16.35
CA LEU B 89 -51.09 -21.38 15.48
C LEU B 89 -51.04 -21.81 14.03
N LYS B 90 -51.36 -20.88 13.14
CA LYS B 90 -51.24 -21.09 11.70
C LYS B 90 -51.30 -19.74 11.00
N GLU B 91 -50.49 -19.57 9.96
CA GLU B 91 -50.38 -18.30 9.26
C GLU B 91 -51.31 -18.26 8.05
N ASP B 92 -51.12 -17.26 7.20
CA ASP B 92 -52.02 -17.02 6.07
C ASP B 92 -51.39 -17.35 4.72
N HIS B 93 -50.30 -18.12 4.72
CA HIS B 93 -49.64 -18.50 3.47
C HIS B 93 -49.40 -19.99 3.33
N ASN B 94 -49.54 -20.77 4.40
CA ASN B 94 -49.41 -22.23 4.36
C ASN B 94 -48.12 -22.65 3.65
N GLN B 95 -47.04 -21.93 3.94
CA GLN B 95 -45.73 -22.28 3.42
C GLN B 95 -44.79 -22.60 4.58
N PRO B 96 -43.78 -23.43 4.35
CA PRO B 96 -42.97 -23.92 5.47
C PRO B 96 -42.16 -22.82 6.13
N LEU B 97 -41.85 -23.05 7.41
CA LEU B 97 -41.05 -22.15 8.22
C LEU B 97 -39.81 -22.92 8.66
N PHE B 98 -38.62 -22.39 8.34
CA PHE B 98 -37.38 -23.12 8.50
C PHE B 98 -36.54 -22.60 9.67
N GLY B 99 -37.15 -21.99 10.68
CA GLY B 99 -36.38 -21.60 11.84
C GLY B 99 -37.03 -20.57 12.75
N VAL B 100 -36.71 -20.66 14.04
CA VAL B 100 -37.18 -19.70 15.04
C VAL B 100 -36.11 -19.53 16.09
N GLN B 101 -36.08 -18.35 16.69
CA GLN B 101 -35.17 -18.04 17.78
C GLN B 101 -35.90 -17.12 18.76
N PHE B 102 -35.74 -17.39 20.05
CA PHE B 102 -36.13 -16.45 21.08
C PHE B 102 -35.06 -15.38 21.24
N ASN B 103 -35.46 -14.13 21.42
CA ASN B 103 -34.45 -13.09 21.52
C ASN B 103 -33.91 -13.19 22.93
N TRP B 104 -32.87 -13.99 23.05
CA TRP B 104 -32.23 -14.24 24.34
C TRP B 104 -31.59 -13.00 24.93
N HIS B 105 -31.48 -11.92 24.16
CA HIS B 105 -31.07 -10.62 24.70
C HIS B 105 -32.23 -9.90 25.39
N SER B 106 -33.30 -10.62 25.72
CA SER B 106 -34.40 -10.07 26.47
C SER B 106 -33.92 -9.52 27.81
N LYS B 107 -34.61 -8.50 28.31
CA LYS B 107 -34.31 -7.94 29.61
C LYS B 107 -34.75 -8.91 30.71
N GLU B 108 -34.36 -8.61 31.94
CA GLU B 108 -34.91 -9.30 33.10
C GLU B 108 -36.27 -8.70 33.44
N GLY B 109 -37.29 -9.55 33.51
CA GLY B 109 -38.63 -9.10 33.77
C GLY B 109 -39.39 -8.59 32.57
N ASP B 110 -38.85 -8.75 31.36
CA ASP B 110 -39.53 -8.33 30.14
C ASP B 110 -40.11 -9.53 29.42
N PRO B 111 -41.17 -9.33 28.62
CA PRO B 111 -41.88 -10.47 28.04
C PRO B 111 -41.02 -11.24 27.02
N LEU B 112 -41.28 -12.54 26.94
CA LEU B 112 -40.58 -13.39 25.99
C LEU B 112 -41.07 -13.12 24.57
N VAL B 113 -40.12 -13.05 23.63
CA VAL B 113 -40.42 -12.71 22.24
C VAL B 113 -39.59 -13.63 21.33
N PHE B 114 -40.22 -14.20 20.31
CA PHE B 114 -39.50 -14.97 19.31
C PHE B 114 -39.88 -14.47 17.93
N ALA B 115 -39.17 -14.98 16.92
CA ALA B 115 -39.39 -14.55 15.55
C ALA B 115 -39.42 -15.77 14.63
N THR B 116 -40.20 -15.64 13.56
CA THR B 116 -40.44 -16.75 12.63
C THR B 116 -40.02 -16.35 11.22
N VAL B 117 -39.19 -17.16 10.59
CA VAL B 117 -38.81 -16.97 9.20
C VAL B 117 -39.51 -18.01 8.35
N GLY B 118 -39.82 -17.63 7.12
CA GLY B 118 -40.51 -18.52 6.21
C GLY B 118 -41.07 -17.77 5.01
N SER B 119 -41.25 -18.49 3.90
CA SER B 119 -41.74 -17.90 2.66
C SER B 119 -40.91 -16.66 2.32
N ASN B 120 -41.58 -15.52 2.16
CA ASN B 120 -40.91 -14.26 1.93
C ASN B 120 -41.20 -13.28 3.06
N ARG B 121 -41.37 -13.79 4.27
CA ARG B 121 -41.90 -12.97 5.36
C ARG B 121 -41.35 -13.42 6.70
N VAL B 122 -40.93 -12.45 7.51
CA VAL B 122 -40.56 -12.68 8.90
C VAL B 122 -41.69 -12.17 9.78
N THR B 123 -42.14 -13.01 10.72
CA THR B 123 -43.18 -12.64 11.66
C THR B 123 -42.62 -12.71 13.08
N LEU B 124 -42.86 -11.67 13.86
CA LEU B 124 -42.46 -11.62 15.26
C LEU B 124 -43.67 -11.88 16.15
N TYR B 125 -43.40 -12.44 17.33
CA TYR B 125 -44.45 -12.87 18.24
C TYR B 125 -44.06 -12.58 19.67
N GLU B 126 -45.07 -12.39 20.52
CA GLU B 126 -44.91 -12.25 21.95
C GLU B 126 -45.68 -13.35 22.68
N CYS B 127 -45.25 -13.65 23.90
CA CYS B 127 -45.96 -14.58 24.76
C CYS B 127 -46.75 -13.84 25.82
N HIS B 128 -47.82 -14.46 26.30
CA HIS B 128 -48.66 -13.85 27.32
C HIS B 128 -49.21 -14.96 28.20
N SER B 129 -49.99 -14.54 29.19
CA SER B 129 -50.53 -15.49 30.16
C SER B 129 -51.62 -16.34 29.53
N GLN B 130 -51.73 -17.59 30.02
CA GLN B 130 -52.76 -18.55 29.61
C GLN B 130 -52.56 -19.04 28.18
N GLY B 131 -51.31 -19.29 27.80
CA GLY B 131 -51.03 -19.79 26.47
C GLY B 131 -51.38 -18.86 25.34
N GLU B 132 -51.63 -17.57 25.61
CA GLU B 132 -51.87 -16.64 24.52
C GLU B 132 -50.58 -16.31 23.82
N ILE B 133 -50.58 -16.40 22.49
CA ILE B 133 -49.46 -15.95 21.67
C ILE B 133 -49.93 -14.75 20.88
N ARG B 134 -49.29 -13.60 21.12
CA ARG B 134 -49.73 -12.35 20.53
C ARG B 134 -48.86 -12.01 19.33
N LEU B 135 -49.49 -11.44 18.30
CA LEU B 135 -48.83 -11.13 17.05
C LEU B 135 -48.33 -9.69 17.09
N LEU B 136 -47.02 -9.51 16.99
CA LEU B 136 -46.40 -8.19 17.16
C LEU B 136 -46.27 -7.46 15.82
N GLN B 137 -45.42 -7.95 14.93
CA GLN B 137 -45.24 -7.30 13.64
C GLN B 137 -44.72 -8.30 12.63
N SER B 138 -44.87 -7.95 11.35
CA SER B 138 -44.50 -8.81 10.24
C SER B 138 -43.92 -7.98 9.11
N TYR B 139 -42.90 -8.52 8.44
CA TYR B 139 -42.22 -7.86 7.33
C TYR B 139 -42.16 -8.81 6.14
N VAL B 140 -42.50 -8.31 4.96
CA VAL B 140 -42.44 -9.08 3.72
C VAL B 140 -41.41 -8.45 2.78
N ASP B 141 -40.62 -9.29 2.11
CA ASP B 141 -39.64 -8.80 1.15
C ASP B 141 -40.31 -8.54 -0.19
N ALA B 142 -39.66 -7.69 -1.00
CA ALA B 142 -40.36 -7.08 -2.13
C ALA B 142 -40.74 -8.09 -3.21
N ASP B 143 -39.99 -9.18 -3.34
CA ASP B 143 -40.27 -10.20 -4.36
C ASP B 143 -40.62 -11.52 -3.69
N ALA B 144 -41.62 -12.22 -4.26
CA ALA B 144 -42.06 -13.49 -3.73
C ALA B 144 -41.11 -14.64 -4.02
N ASP B 145 -40.04 -14.39 -4.79
CA ASP B 145 -39.10 -15.45 -5.11
C ASP B 145 -38.20 -15.80 -3.94
N GLU B 146 -38.04 -14.89 -2.97
CA GLU B 146 -37.19 -15.17 -1.82
C GLU B 146 -37.85 -16.19 -0.89
N ASN B 147 -37.05 -17.13 -0.41
CA ASN B 147 -37.49 -18.15 0.54
C ASN B 147 -36.53 -18.10 1.72
N PHE B 148 -36.90 -17.34 2.76
CA PHE B 148 -36.06 -17.21 3.94
C PHE B 148 -35.82 -18.58 4.58
N TYR B 149 -34.64 -18.74 5.15
CA TYR B 149 -34.28 -20.00 5.81
C TYR B 149 -34.02 -19.87 7.30
N THR B 150 -33.41 -18.77 7.75
CA THR B 150 -32.97 -18.71 9.13
C THR B 150 -32.89 -17.26 9.60
N CYS B 151 -32.65 -17.10 10.89
CA CYS B 151 -32.56 -15.79 11.51
C CYS B 151 -31.87 -15.92 12.86
N ALA B 152 -31.40 -14.77 13.35
CA ALA B 152 -30.77 -14.73 14.67
C ALA B 152 -30.85 -13.30 15.20
N TRP B 153 -31.03 -13.20 16.52
CA TRP B 153 -31.18 -11.92 17.21
C TRP B 153 -29.83 -11.32 17.58
N THR B 154 -29.86 -10.03 17.93
CA THR B 154 -28.69 -9.29 18.42
C THR B 154 -29.02 -7.85 18.82
N TYR B 155 -28.45 -7.37 19.91
CA TYR B 155 -28.65 -6.00 20.38
C TYR B 155 -27.65 -5.04 19.74
N ASP B 156 -28.03 -3.77 19.68
CA ASP B 156 -27.11 -2.73 19.24
C ASP B 156 -26.22 -2.32 20.41
N SER B 157 -25.00 -1.88 20.08
CA SER B 157 -24.03 -1.56 21.12
C SER B 157 -24.48 -0.34 21.94
N ASN B 158 -24.81 0.76 21.25
CA ASN B 158 -25.04 2.04 21.91
C ASN B 158 -26.45 2.60 21.72
N THR B 159 -27.32 1.95 20.94
CA THR B 159 -28.70 2.40 20.78
C THR B 159 -29.71 1.54 21.52
N SER B 160 -29.29 0.40 22.07
CA SER B 160 -30.03 -0.55 22.91
C SER B 160 -31.20 -1.23 22.21
N HIS B 161 -31.46 -0.97 20.91
CA HIS B 161 -32.52 -1.67 20.20
C HIS B 161 -32.10 -3.09 19.86
N PRO B 162 -33.06 -4.01 19.73
CA PRO B 162 -32.74 -5.32 19.16
C PRO B 162 -32.70 -5.25 17.64
N LEU B 163 -31.96 -6.20 17.06
CA LEU B 163 -31.88 -6.37 15.61
C LEU B 163 -31.99 -7.85 15.31
N LEU B 164 -32.76 -8.20 14.29
CA LEU B 164 -32.97 -9.60 13.93
C LEU B 164 -32.56 -9.77 12.48
N ALA B 165 -31.36 -10.31 12.25
CA ALA B 165 -30.86 -10.50 10.90
C ALA B 165 -31.47 -11.77 10.30
N VAL B 166 -31.96 -11.67 9.07
CA VAL B 166 -32.59 -12.78 8.37
C VAL B 166 -31.95 -12.94 7.01
N ALA B 167 -31.82 -14.20 6.56
CA ALA B 167 -31.20 -14.49 5.27
C ALA B 167 -31.83 -15.76 4.70
N GLY B 168 -31.91 -15.84 3.38
CA GLY B 168 -32.64 -16.91 2.70
C GLY B 168 -32.05 -17.28 1.37
N SER B 169 -32.93 -17.60 0.40
CA SER B 169 -32.49 -18.15 -0.87
C SER B 169 -31.71 -17.14 -1.70
N ARG B 170 -32.08 -15.87 -1.62
CA ARG B 170 -31.39 -14.86 -2.42
C ARG B 170 -30.00 -14.53 -1.90
N GLY B 171 -29.64 -15.01 -0.72
CA GLY B 171 -28.33 -14.75 -0.16
C GLY B 171 -28.15 -13.37 0.43
N ILE B 172 -29.21 -12.59 0.56
CA ILE B 172 -29.14 -11.26 1.14
C ILE B 172 -29.43 -11.37 2.63
N ILE B 173 -28.73 -10.56 3.42
CA ILE B 173 -28.86 -10.54 4.87
C ILE B 173 -29.41 -9.17 5.25
N ARG B 174 -30.71 -9.11 5.56
CA ARG B 174 -31.32 -7.88 6.04
C ARG B 174 -31.25 -7.86 7.57
N ILE B 175 -31.46 -6.69 8.15
CA ILE B 175 -31.29 -6.49 9.59
C ILE B 175 -32.63 -6.22 10.27
N ILE B 176 -33.44 -5.31 9.72
CA ILE B 176 -34.83 -5.05 10.18
C ILE B 176 -35.11 -4.81 11.68
N ASN B 177 -34.64 -3.72 12.26
CA ASN B 177 -34.81 -3.56 13.69
C ASN B 177 -36.30 -3.41 14.03
N PRO B 178 -36.78 -4.11 15.05
CA PRO B 178 -38.20 -4.03 15.39
C PRO B 178 -38.54 -2.82 16.25
N ILE B 179 -37.74 -1.77 16.15
CA ILE B 179 -38.01 -0.51 16.84
C ILE B 179 -38.56 0.46 15.81
N THR B 180 -37.75 0.77 14.80
CA THR B 180 -38.20 1.72 13.81
C THR B 180 -38.87 1.02 12.64
N MET B 181 -38.70 -0.30 12.54
CA MET B 181 -39.41 -1.16 11.60
C MET B 181 -39.06 -0.79 10.16
N GLN B 182 -37.77 -0.75 9.87
CA GLN B 182 -37.31 -0.51 8.51
C GLN B 182 -36.01 -1.26 8.30
N CYS B 183 -35.79 -1.70 7.06
CA CYS B 183 -34.57 -2.41 6.72
C CYS B 183 -33.37 -1.48 6.89
N ILE B 184 -32.77 -1.49 8.08
CA ILE B 184 -31.76 -0.49 8.42
C ILE B 184 -30.49 -0.71 7.61
N LYS B 185 -30.14 -1.97 7.34
CA LYS B 185 -28.96 -2.32 6.55
C LYS B 185 -29.29 -3.52 5.68
N HIS B 186 -28.50 -3.71 4.62
CA HIS B 186 -28.57 -4.94 3.85
C HIS B 186 -27.23 -5.19 3.20
N TYR B 187 -26.85 -6.47 3.13
CA TYR B 187 -25.54 -6.89 2.64
C TYR B 187 -25.73 -7.91 1.53
N VAL B 188 -25.44 -7.51 0.29
CA VAL B 188 -25.54 -8.42 -0.85
C VAL B 188 -24.25 -9.25 -0.92
N GLY B 189 -24.11 -10.04 -1.97
CA GLY B 189 -22.81 -10.54 -2.36
C GLY B 189 -22.43 -11.94 -1.93
N HIS B 190 -23.33 -12.72 -1.37
CA HIS B 190 -23.03 -14.13 -1.19
C HIS B 190 -23.36 -14.89 -2.46
N GLY B 191 -22.56 -15.91 -2.75
CA GLY B 191 -22.58 -16.54 -4.05
C GLY B 191 -23.85 -17.30 -4.37
N ASN B 192 -24.64 -17.65 -3.35
CA ASN B 192 -25.83 -18.44 -3.55
C ASN B 192 -26.86 -18.17 -2.46
N ALA B 193 -27.60 -19.19 -2.04
CA ALA B 193 -28.45 -19.03 -0.88
C ALA B 193 -27.59 -19.05 0.38
N ILE B 194 -28.20 -18.64 1.49
CA ILE B 194 -27.57 -18.69 2.80
C ILE B 194 -28.40 -19.59 3.69
N ASN B 195 -27.74 -20.53 4.36
CA ASN B 195 -28.41 -21.64 5.02
C ASN B 195 -28.42 -21.56 6.53
N GLU B 196 -27.60 -20.72 7.16
CA GLU B 196 -27.70 -20.52 8.59
C GLU B 196 -26.94 -19.26 8.98
N LEU B 197 -27.44 -18.58 10.02
CA LEU B 197 -26.85 -17.36 10.55
C LEU B 197 -26.62 -17.50 12.05
N LYS B 198 -25.52 -16.92 12.53
CA LYS B 198 -25.22 -16.88 13.96
C LYS B 198 -24.45 -15.60 14.26
N PHE B 199 -24.47 -15.19 15.52
CA PHE B 199 -23.74 -14.02 15.98
C PHE B 199 -22.70 -14.42 17.02
N HIS B 200 -21.65 -13.62 17.12
CA HIS B 200 -20.61 -13.84 18.11
C HIS B 200 -21.20 -13.65 19.52
N PRO B 201 -20.84 -14.51 20.47
CA PRO B 201 -21.48 -14.40 21.80
C PRO B 201 -21.07 -13.15 22.57
N ARG B 202 -19.82 -12.72 22.47
CA ARG B 202 -19.34 -11.58 23.24
C ARG B 202 -19.31 -10.28 22.45
N ASP B 203 -19.48 -10.31 21.14
CA ASP B 203 -19.54 -9.10 20.33
C ASP B 203 -20.83 -9.14 19.51
N PRO B 204 -21.77 -8.22 19.75
CA PRO B 204 -23.01 -8.23 18.96
C PRO B 204 -22.87 -7.47 17.65
N ASN B 205 -21.65 -7.33 17.16
CA ASN B 205 -21.40 -6.66 15.89
C ASN B 205 -20.83 -7.59 14.83
N LEU B 206 -20.42 -8.80 15.20
CA LEU B 206 -19.80 -9.74 14.27
C LEU B 206 -20.81 -10.82 13.92
N LEU B 207 -21.20 -10.88 12.64
CA LEU B 207 -22.20 -11.81 12.15
C LEU B 207 -21.56 -12.81 11.20
N LEU B 208 -21.79 -14.10 11.45
CA LEU B 208 -21.31 -15.17 10.60
C LEU B 208 -22.47 -15.73 9.78
N SER B 209 -22.25 -15.91 8.48
CA SER B 209 -23.24 -16.47 7.58
C SER B 209 -22.68 -17.72 6.93
N VAL B 210 -23.43 -18.82 7.00
CA VAL B 210 -23.06 -20.08 6.36
C VAL B 210 -23.88 -20.21 5.09
N SER B 211 -23.20 -20.38 3.95
CA SER B 211 -23.83 -20.21 2.66
C SER B 211 -23.73 -21.46 1.78
N LYS B 212 -24.58 -21.48 0.75
CA LYS B 212 -24.52 -22.52 -0.26
C LYS B 212 -23.30 -22.35 -1.16
N ASP B 213 -22.68 -21.17 -1.17
CA ASP B 213 -21.55 -20.88 -2.04
C ASP B 213 -20.24 -21.51 -1.55
N HIS B 214 -20.30 -22.51 -0.67
CA HIS B 214 -19.17 -23.28 -0.17
C HIS B 214 -18.35 -22.53 0.86
N ALA B 215 -18.81 -21.39 1.36
CA ALA B 215 -17.96 -20.56 2.21
C ALA B 215 -18.73 -19.96 3.36
N LEU B 216 -18.04 -19.81 4.49
CA LEU B 216 -18.53 -19.01 5.60
C LEU B 216 -17.98 -17.60 5.49
N ARG B 217 -18.72 -16.63 6.02
CA ARG B 217 -18.32 -15.24 5.96
C ARG B 217 -18.62 -14.55 7.27
N LEU B 218 -17.68 -13.73 7.74
CA LEU B 218 -17.79 -13.02 9.00
C LEU B 218 -17.97 -11.54 8.69
N TRP B 219 -19.20 -11.05 8.86
CA TRP B 219 -19.53 -9.65 8.64
C TRP B 219 -19.23 -8.82 9.89
N ASN B 220 -19.60 -7.54 9.85
CA ASN B 220 -19.35 -6.61 10.96
C ASN B 220 -20.46 -5.56 10.88
N ILE B 221 -21.56 -5.82 11.59
CA ILE B 221 -22.76 -4.97 11.50
C ILE B 221 -22.43 -3.51 11.79
N GLN B 222 -21.55 -3.28 12.77
CA GLN B 222 -21.28 -1.93 13.24
C GLN B 222 -20.65 -1.06 12.15
N THR B 223 -19.73 -1.62 11.36
CA THR B 223 -18.87 -0.83 10.51
C THR B 223 -18.93 -1.18 9.03
N ASP B 224 -19.86 -2.05 8.61
CA ASP B 224 -20.09 -2.34 7.19
C ASP B 224 -18.82 -2.85 6.51
N THR B 225 -18.28 -3.95 7.04
CA THR B 225 -17.01 -4.48 6.56
C THR B 225 -17.04 -5.99 6.57
N LEU B 226 -16.66 -6.61 5.45
CA LEU B 226 -16.52 -8.05 5.39
C LEU B 226 -15.17 -8.43 5.98
N VAL B 227 -15.18 -9.11 7.14
CA VAL B 227 -13.94 -9.40 7.83
C VAL B 227 -13.19 -10.55 7.19
N ALA B 228 -13.87 -11.70 7.04
CA ALA B 228 -13.22 -12.92 6.59
C ALA B 228 -14.08 -13.64 5.55
N ILE B 229 -13.46 -14.63 4.90
CA ILE B 229 -14.16 -15.58 4.03
C ILE B 229 -13.56 -16.95 4.34
N PHE B 230 -14.34 -17.82 4.98
CA PHE B 230 -13.85 -19.13 5.39
C PHE B 230 -14.19 -20.14 4.30
N GLY B 231 -13.17 -20.60 3.58
CA GLY B 231 -13.40 -21.59 2.55
C GLY B 231 -12.73 -21.25 1.23
N GLY B 232 -11.48 -21.66 1.08
CA GLY B 232 -10.78 -21.45 -0.18
C GLY B 232 -10.38 -22.77 -0.80
N VAL B 233 -9.09 -23.10 -0.70
CA VAL B 233 -8.62 -24.35 -1.30
C VAL B 233 -8.92 -25.53 -0.40
N GLU B 234 -8.73 -25.39 0.90
CA GLU B 234 -9.01 -26.47 1.85
C GLU B 234 -10.39 -26.32 2.49
N GLY B 235 -11.22 -25.41 1.98
CA GLY B 235 -12.53 -25.17 2.56
C GLY B 235 -13.53 -26.27 2.31
N HIS B 236 -14.81 -25.92 2.35
CA HIS B 236 -15.88 -26.90 2.24
C HIS B 236 -16.17 -27.14 0.75
N ARG B 237 -15.80 -28.32 0.26
CA ARG B 237 -15.89 -28.57 -1.18
C ARG B 237 -17.31 -28.78 -1.68
N ASP B 238 -18.30 -28.91 -0.79
CA ASP B 238 -19.68 -28.97 -1.24
C ASP B 238 -20.49 -27.89 -0.53
N GLU B 239 -21.82 -28.01 -0.56
CA GLU B 239 -22.67 -26.99 0.02
C GLU B 239 -22.66 -27.06 1.55
N VAL B 240 -22.55 -25.89 2.18
CA VAL B 240 -22.44 -25.77 3.63
C VAL B 240 -23.81 -25.42 4.20
N LEU B 241 -24.15 -26.01 5.34
CA LEU B 241 -25.51 -25.93 5.86
C LEU B 241 -25.64 -25.41 7.29
N SER B 242 -24.58 -25.45 8.10
CA SER B 242 -24.72 -25.00 9.48
C SER B 242 -23.35 -24.78 10.11
N ALA B 243 -23.33 -23.95 11.15
CA ALA B 243 -22.16 -23.71 11.98
C ALA B 243 -22.64 -23.12 13.30
N ASP B 244 -21.68 -22.86 14.21
CA ASP B 244 -21.96 -22.31 15.53
C ASP B 244 -20.65 -21.88 16.17
N TYR B 245 -20.66 -20.74 16.84
CA TYR B 245 -19.53 -20.34 17.65
C TYR B 245 -19.40 -21.25 18.87
N ASP B 246 -18.24 -21.19 19.50
CA ASP B 246 -18.13 -21.85 20.80
C ASP B 246 -18.70 -20.92 21.87
N LEU B 247 -18.58 -21.33 23.13
CA LEU B 247 -19.27 -20.62 24.20
C LEU B 247 -18.58 -19.29 24.51
N LEU B 248 -17.29 -19.32 24.82
CA LEU B 248 -16.59 -18.08 25.13
C LEU B 248 -16.49 -17.17 23.90
N GLY B 249 -16.51 -17.75 22.70
CA GLY B 249 -16.40 -16.96 21.48
C GLY B 249 -15.01 -16.99 20.88
N GLU B 250 -14.43 -18.19 20.74
CA GLU B 250 -13.03 -18.31 20.35
C GLU B 250 -12.77 -19.25 19.17
N LYS B 251 -13.73 -20.07 18.76
CA LYS B 251 -13.46 -21.10 17.76
C LYS B 251 -14.76 -21.53 17.12
N ILE B 252 -14.93 -21.20 15.83
CA ILE B 252 -16.11 -21.59 15.07
C ILE B 252 -15.97 -23.04 14.63
N MET B 253 -17.12 -23.73 14.49
CA MET B 253 -17.16 -25.05 13.89
C MET B 253 -18.31 -25.12 12.90
N SER B 254 -18.01 -25.56 11.67
CA SER B 254 -18.96 -25.59 10.56
C SER B 254 -19.09 -27.00 10.03
N CYS B 255 -20.08 -27.20 9.15
CA CYS B 255 -20.31 -28.47 8.47
C CYS B 255 -21.26 -28.24 7.32
N GLY B 256 -21.23 -29.15 6.36
CA GLY B 256 -22.09 -29.03 5.20
C GLY B 256 -22.28 -30.34 4.48
N MET B 257 -22.77 -30.25 3.25
CA MET B 257 -23.14 -31.43 2.47
C MET B 257 -21.92 -32.15 1.92
N ASP B 258 -20.74 -31.90 2.51
CA ASP B 258 -19.52 -32.60 2.13
C ASP B 258 -19.07 -33.58 3.20
N HIS B 259 -19.94 -33.91 4.14
CA HIS B 259 -19.72 -34.88 5.22
C HIS B 259 -18.62 -34.44 6.18
N SER B 260 -18.23 -33.18 6.15
CA SER B 260 -17.08 -32.70 6.89
C SER B 260 -17.49 -31.67 7.93
N LEU B 261 -16.78 -31.67 9.06
CA LEU B 261 -16.91 -30.65 10.09
C LEU B 261 -15.56 -30.00 10.27
N LYS B 262 -15.50 -28.68 10.09
CA LYS B 262 -14.24 -27.96 10.03
C LYS B 262 -14.20 -26.87 11.11
N LEU B 263 -13.16 -26.91 11.94
CA LEU B 263 -12.96 -25.94 13.02
C LEU B 263 -12.11 -24.79 12.50
N TRP B 264 -12.61 -23.57 12.64
CA TRP B 264 -11.89 -22.36 12.22
C TRP B 264 -11.75 -21.48 13.46
N ARG B 265 -10.61 -21.57 14.16
CA ARG B 265 -10.41 -20.72 15.32
C ARG B 265 -10.43 -19.24 14.92
N ILE B 266 -10.74 -18.39 15.89
CA ILE B 266 -10.81 -16.95 15.66
C ILE B 266 -10.16 -16.20 16.82
N ASN B 267 -9.30 -16.90 17.57
CA ASN B 267 -8.52 -16.28 18.63
C ASN B 267 -7.07 -16.02 18.25
N SER B 268 -6.64 -16.48 17.07
CA SER B 268 -5.30 -16.18 16.60
C SER B 268 -5.15 -14.69 16.32
N LYS B 269 -3.96 -14.16 16.59
CA LYS B 269 -3.72 -12.73 16.44
C LYS B 269 -3.91 -12.25 15.01
N ARG B 270 -3.95 -13.17 14.04
CA ARG B 270 -4.20 -12.77 12.65
C ARG B 270 -5.67 -12.50 12.40
N MET B 271 -6.55 -13.35 12.94
CA MET B 271 -7.98 -13.07 12.88
C MET B 271 -8.36 -11.91 13.79
N MET B 272 -7.59 -11.69 14.86
CA MET B 272 -7.95 -10.67 15.82
C MET B 272 -7.62 -9.26 15.30
N ASN B 273 -6.46 -9.09 14.67
CA ASN B 273 -6.11 -7.79 14.08
C ASN B 273 -7.02 -7.43 12.91
N ALA B 274 -7.78 -8.39 12.37
CA ALA B 274 -8.83 -8.05 11.42
C ALA B 274 -10.02 -7.42 12.13
N ILE B 275 -10.47 -8.04 13.22
CA ILE B 275 -11.59 -7.51 13.98
C ILE B 275 -11.25 -6.12 14.52
N LYS B 276 -10.00 -5.92 14.92
CA LYS B 276 -9.57 -4.61 15.39
C LYS B 276 -9.59 -3.59 14.25
N GLU B 277 -8.96 -3.91 13.13
CA GLU B 277 -8.85 -2.95 12.04
C GLU B 277 -10.15 -2.79 11.25
N SER B 278 -11.09 -3.73 11.39
CA SER B 278 -12.39 -3.57 10.75
C SER B 278 -13.23 -2.49 11.44
N TYR B 279 -12.93 -2.20 12.71
CA TYR B 279 -13.56 -1.06 13.38
C TYR B 279 -12.91 0.25 12.97
N ASP B 280 -11.59 0.33 13.05
CA ASP B 280 -10.87 1.55 12.71
C ASP B 280 -10.71 1.69 11.20
N TYR B 281 -11.63 1.14 10.44
CA TYR B 281 -11.72 1.39 9.00
C TYR B 281 -12.74 2.48 8.75
N ASN B 282 -12.50 3.26 7.70
CA ASN B 282 -13.36 4.39 7.37
C ASN B 282 -13.39 4.59 5.87
N PRO B 283 -14.56 4.47 5.24
CA PRO B 283 -14.59 4.46 3.76
C PRO B 283 -13.99 5.69 3.11
N ASN B 284 -14.26 6.89 3.63
CA ASN B 284 -13.73 8.11 3.05
C ASN B 284 -12.48 8.62 3.75
N LYS B 285 -11.82 7.76 4.55
CA LYS B 285 -10.55 8.09 5.17
C LYS B 285 -9.35 7.49 4.47
N THR B 286 -9.56 6.52 3.59
CA THR B 286 -8.47 5.90 2.84
C THR B 286 -9.00 5.31 1.54
N ASN B 287 -8.48 5.79 0.41
CA ASN B 287 -8.84 5.23 -0.89
C ASN B 287 -8.28 3.82 -1.03
N ARG B 288 -8.82 2.89 -0.26
CA ARG B 288 -8.38 1.50 -0.32
C ARG B 288 -9.45 0.66 0.37
N PRO B 289 -10.02 -0.33 -0.30
CA PRO B 289 -11.09 -1.10 0.32
C PRO B 289 -10.52 -1.91 1.47
N PHE B 290 -11.37 -2.18 2.47
CA PHE B 290 -10.87 -2.83 3.66
C PHE B 290 -10.43 -4.25 3.33
N ILE B 291 -9.23 -4.62 3.77
CA ILE B 291 -8.62 -5.87 3.38
C ILE B 291 -9.36 -7.00 4.09
N SER B 292 -10.15 -7.76 3.31
CA SER B 292 -10.86 -8.91 3.86
C SER B 292 -9.96 -10.14 3.89
N GLN B 293 -10.02 -10.89 4.98
CA GLN B 293 -9.09 -11.98 5.24
C GLN B 293 -9.69 -13.29 4.71
N LYS B 294 -9.11 -13.82 3.65
CA LYS B 294 -9.54 -15.11 3.13
C LYS B 294 -8.80 -16.22 3.87
N ILE B 295 -9.55 -17.04 4.59
CA ILE B 295 -9.01 -18.20 5.30
C ILE B 295 -9.19 -19.41 4.39
N HIS B 296 -8.09 -19.92 3.85
CA HIS B 296 -8.14 -21.07 2.96
C HIS B 296 -7.96 -22.40 3.67
N PHE B 297 -7.34 -22.40 4.85
CA PHE B 297 -6.97 -23.63 5.53
C PHE B 297 -7.64 -23.71 6.89
N PRO B 298 -8.46 -24.72 7.15
CA PRO B 298 -9.08 -24.84 8.49
C PRO B 298 -8.04 -25.16 9.55
N ASP B 299 -8.44 -24.97 10.80
CA ASP B 299 -7.60 -25.33 11.93
C ASP B 299 -7.80 -26.76 12.39
N PHE B 300 -8.79 -27.45 11.81
CA PHE B 300 -8.99 -28.89 11.94
C PHE B 300 -10.11 -29.28 10.98
N SER B 301 -10.01 -30.49 10.45
CA SER B 301 -11.00 -31.03 9.53
C SER B 301 -11.09 -32.53 9.74
N THR B 302 -12.26 -33.09 9.46
CA THR B 302 -12.48 -34.53 9.55
C THR B 302 -13.78 -34.88 8.84
N ARG B 303 -13.81 -36.10 8.29
CA ARG B 303 -15.00 -36.68 7.68
C ARG B 303 -15.28 -38.06 8.25
N ASP B 304 -14.86 -38.30 9.50
CA ASP B 304 -14.92 -39.62 10.13
C ASP B 304 -16.15 -39.82 11.00
N ILE B 305 -16.89 -38.77 11.32
CA ILE B 305 -18.02 -38.85 12.25
C ILE B 305 -19.22 -39.49 11.57
N HIS B 306 -19.92 -38.74 10.72
CA HIS B 306 -21.09 -39.25 10.02
C HIS B 306 -20.73 -39.77 8.63
N ARG B 307 -21.71 -40.41 8.00
CA ARG B 307 -21.56 -40.98 6.66
C ARG B 307 -22.03 -39.99 5.61
N ASN B 308 -23.35 -39.79 5.53
CA ASN B 308 -23.91 -38.89 4.53
C ASN B 308 -23.83 -37.44 4.98
N TYR B 309 -24.67 -36.56 4.44
CA TYR B 309 -24.46 -35.14 4.65
C TYR B 309 -24.75 -34.76 6.09
N VAL B 310 -24.21 -33.61 6.49
CA VAL B 310 -24.45 -33.04 7.81
C VAL B 310 -25.20 -31.73 7.63
N ASP B 311 -26.25 -31.53 8.44
CA ASP B 311 -27.09 -30.36 8.30
C ASP B 311 -27.25 -29.52 9.57
N CYS B 312 -26.71 -29.95 10.70
CA CYS B 312 -26.73 -29.14 11.92
C CYS B 312 -25.46 -29.39 12.72
N VAL B 313 -25.09 -28.40 13.52
CA VAL B 313 -23.93 -28.50 14.40
C VAL B 313 -23.98 -27.38 15.42
N ARG B 314 -23.85 -27.73 16.71
CA ARG B 314 -23.70 -26.75 17.78
C ARG B 314 -22.63 -27.25 18.72
N TRP B 315 -21.89 -26.31 19.32
CA TRP B 315 -20.87 -26.67 20.29
C TRP B 315 -21.49 -27.21 21.58
N LEU B 316 -20.62 -27.78 22.41
CA LEU B 316 -20.97 -28.22 23.77
C LEU B 316 -19.89 -27.79 24.75
N GLY B 317 -19.27 -26.64 24.48
CA GLY B 317 -18.13 -26.20 25.27
C GLY B 317 -16.81 -26.58 24.63
N ASP B 318 -16.40 -27.83 24.83
CA ASP B 318 -15.25 -28.41 24.14
C ASP B 318 -15.59 -29.75 23.50
N LEU B 319 -16.85 -30.15 23.55
CA LEU B 319 -17.39 -31.23 22.74
C LEU B 319 -18.34 -30.64 21.71
N ILE B 320 -18.69 -31.44 20.70
CA ILE B 320 -19.47 -30.95 19.57
C ILE B 320 -20.58 -31.96 19.27
N LEU B 321 -21.80 -31.45 19.16
CA LEU B 321 -22.94 -32.24 18.70
C LEU B 321 -23.26 -31.85 17.26
N SER B 322 -23.62 -32.85 16.47
CA SER B 322 -23.94 -32.63 15.06
C SER B 322 -24.71 -33.84 14.54
N LYS B 323 -25.76 -33.60 13.77
CA LYS B 323 -26.65 -34.66 13.32
C LYS B 323 -26.48 -34.90 11.82
N SER B 324 -27.14 -35.96 11.35
CA SER B 324 -27.22 -36.26 9.93
C SER B 324 -28.57 -36.92 9.67
N CYS B 325 -28.80 -37.29 8.40
CA CYS B 325 -30.06 -37.91 8.03
C CYS B 325 -30.05 -39.40 8.40
N GLU B 326 -29.38 -39.72 9.51
CA GLU B 326 -29.16 -41.09 9.94
C GLU B 326 -29.98 -41.44 11.18
N ASN B 327 -30.92 -40.57 11.56
CA ASN B 327 -31.75 -40.79 12.75
C ASN B 327 -30.91 -40.95 14.01
N ALA B 328 -29.94 -40.04 14.18
CA ALA B 328 -29.07 -40.04 15.36
C ALA B 328 -28.24 -38.76 15.44
N ILE B 329 -28.39 -38.02 16.54
CA ILE B 329 -27.46 -36.95 16.87
C ILE B 329 -26.23 -37.58 17.51
N VAL B 330 -25.04 -37.14 17.12
CA VAL B 330 -23.80 -37.77 17.52
C VAL B 330 -22.95 -36.77 18.29
N CYS B 331 -22.40 -37.21 19.42
CA CYS B 331 -21.43 -36.45 20.18
C CYS B 331 -20.02 -36.92 19.83
N TRP B 332 -19.08 -35.98 19.73
CA TRP B 332 -17.70 -36.33 19.44
C TRP B 332 -16.79 -35.18 19.80
N LYS B 333 -15.56 -35.52 20.21
CA LYS B 333 -14.47 -34.58 20.32
C LYS B 333 -13.36 -34.97 19.35
N PRO B 334 -12.70 -34.01 18.71
CA PRO B 334 -11.57 -34.34 17.84
C PRO B 334 -10.28 -34.53 18.62
N GLY B 335 -9.37 -35.28 18.00
CA GLY B 335 -8.12 -35.63 18.64
C GLY B 335 -8.27 -36.84 19.55
N LYS B 336 -7.28 -37.02 20.40
CA LYS B 336 -7.36 -38.06 21.42
C LYS B 336 -8.31 -37.63 22.53
N MET B 337 -8.49 -38.50 23.53
CA MET B 337 -9.37 -38.18 24.64
C MET B 337 -8.84 -36.97 25.42
N GLU B 338 -7.61 -37.07 25.91
CA GLU B 338 -7.05 -36.07 26.81
C GLU B 338 -6.37 -34.91 26.08
N ASP B 339 -6.39 -34.90 24.75
CA ASP B 339 -5.75 -33.83 24.00
C ASP B 339 -6.67 -32.62 23.94
N ASP B 340 -6.23 -31.51 24.54
CA ASP B 340 -7.06 -30.32 24.66
C ASP B 340 -7.45 -29.79 23.29
N ILE B 341 -8.62 -29.15 23.24
CA ILE B 341 -9.12 -28.63 21.97
C ILE B 341 -8.36 -27.38 21.56
N ASP B 342 -7.84 -26.62 22.53
CA ASP B 342 -7.09 -25.42 22.21
C ASP B 342 -5.62 -25.70 21.93
N LYS B 343 -5.24 -26.98 21.80
CA LYS B 343 -3.90 -27.36 21.39
C LYS B 343 -3.87 -28.33 20.22
N ILE B 344 -5.02 -28.72 19.67
CA ILE B 344 -5.06 -29.60 18.52
C ILE B 344 -4.71 -28.78 17.28
N LYS B 345 -3.62 -29.19 16.59
CA LYS B 345 -3.17 -28.46 15.41
C LYS B 345 -3.69 -29.09 14.13
N PRO B 346 -3.80 -28.30 13.04
CA PRO B 346 -4.60 -28.69 11.85
C PRO B 346 -4.48 -30.14 11.38
N SER B 347 -3.26 -30.65 11.22
CA SER B 347 -3.06 -31.97 10.62
C SER B 347 -3.50 -33.13 11.53
N GLU B 348 -4.37 -32.90 12.51
CA GLU B 348 -4.86 -33.99 13.34
C GLU B 348 -5.97 -34.74 12.61
N SER B 349 -5.93 -36.07 12.65
CA SER B 349 -6.83 -36.90 11.86
C SER B 349 -7.71 -37.83 12.68
N ASN B 350 -7.50 -37.94 13.99
CA ASN B 350 -8.25 -38.87 14.83
C ASN B 350 -9.39 -38.15 15.56
N VAL B 351 -10.42 -38.90 15.88
CA VAL B 351 -11.59 -38.38 16.58
C VAL B 351 -11.82 -39.21 17.84
N THR B 352 -13.01 -39.08 18.44
CA THR B 352 -13.39 -39.91 19.59
C THR B 352 -14.91 -39.75 19.73
N ILE B 353 -15.65 -40.68 19.13
CA ILE B 353 -17.10 -40.66 19.19
C ILE B 353 -17.55 -41.03 20.60
N LEU B 354 -18.18 -40.08 21.29
CA LEU B 354 -18.56 -40.23 22.69
C LEU B 354 -19.99 -40.76 22.88
N GLY B 355 -20.71 -41.04 21.79
CA GLY B 355 -22.05 -41.59 21.88
C GLY B 355 -23.02 -40.88 20.95
N ARG B 356 -24.23 -41.41 20.92
CA ARG B 356 -25.27 -40.93 20.03
C ARG B 356 -26.60 -40.80 20.76
N PHE B 357 -27.38 -39.80 20.39
CA PHE B 357 -28.79 -39.69 20.78
C PHE B 357 -29.62 -40.30 19.65
N ASP B 358 -30.26 -41.43 19.92
CA ASP B 358 -30.98 -42.16 18.88
C ASP B 358 -32.43 -41.70 18.84
N TYR B 359 -32.89 -41.32 17.63
CA TYR B 359 -34.27 -40.93 17.40
C TYR B 359 -34.76 -41.59 16.11
N SER B 360 -35.99 -41.27 15.73
CA SER B 360 -36.69 -42.01 14.69
C SER B 360 -37.46 -41.07 13.77
N GLN B 361 -37.50 -41.43 12.48
CA GLN B 361 -38.30 -40.84 11.41
C GLN B 361 -37.81 -39.47 10.94
N CYS B 362 -36.73 -38.93 11.50
CA CYS B 362 -36.21 -37.64 11.09
C CYS B 362 -35.01 -37.87 10.17
N ASP B 363 -35.21 -37.62 8.86
CA ASP B 363 -34.18 -37.98 7.89
C ASP B 363 -34.39 -37.30 6.54
N ILE B 364 -34.45 -35.97 6.51
CA ILE B 364 -34.57 -35.22 5.26
C ILE B 364 -33.64 -34.00 5.33
N TRP B 365 -33.62 -33.23 4.24
CA TRP B 365 -32.76 -32.06 4.13
C TRP B 365 -33.15 -31.00 5.15
N TYR B 366 -32.15 -30.47 5.86
CA TYR B 366 -32.32 -29.25 6.65
C TYR B 366 -33.31 -29.43 7.79
N MET B 367 -32.86 -30.06 8.88
CA MET B 367 -33.70 -30.25 10.07
C MET B 367 -32.81 -30.06 11.30
N ARG B 368 -32.79 -28.84 11.83
CA ARG B 368 -31.90 -28.49 12.93
C ARG B 368 -32.50 -28.86 14.27
N PHE B 369 -31.69 -28.70 15.31
CA PHE B 369 -32.17 -28.75 16.67
C PHE B 369 -31.87 -27.41 17.35
N SER B 370 -31.73 -27.43 18.67
CA SER B 370 -31.36 -26.25 19.44
C SER B 370 -31.14 -26.69 20.88
N MET B 371 -30.61 -25.77 21.68
CA MET B 371 -30.37 -26.01 23.09
C MET B 371 -30.68 -24.74 23.87
N ASP B 372 -31.10 -24.91 25.12
CA ASP B 372 -31.46 -23.78 25.96
C ASP B 372 -30.19 -22.99 26.32
N PHE B 373 -30.35 -21.99 27.18
CA PHE B 373 -29.24 -21.07 27.42
C PHE B 373 -28.18 -21.65 28.34
N TRP B 374 -28.57 -22.54 29.26
CA TRP B 374 -27.61 -23.15 30.17
C TRP B 374 -27.21 -24.55 29.73
N GLN B 375 -27.70 -24.98 28.56
CA GLN B 375 -27.28 -26.22 27.92
C GLN B 375 -27.43 -27.43 28.84
N LYS B 376 -28.66 -27.59 29.34
CA LYS B 376 -29.11 -28.86 29.89
C LYS B 376 -30.18 -29.52 29.02
N MET B 377 -30.80 -28.77 28.12
CA MET B 377 -31.86 -29.28 27.26
C MET B 377 -31.34 -29.48 25.84
N LEU B 378 -31.97 -30.43 25.13
CA LEU B 378 -31.64 -30.69 23.74
C LEU B 378 -32.93 -31.11 23.03
N ALA B 379 -33.41 -30.27 22.12
CA ALA B 379 -34.73 -30.44 21.52
C ALA B 379 -34.62 -30.63 20.01
N LEU B 380 -35.26 -31.67 19.50
CA LEU B 380 -35.30 -31.94 18.07
C LEU B 380 -36.70 -32.36 17.67
N GLY B 381 -37.13 -31.96 16.47
CA GLY B 381 -38.38 -32.41 15.91
C GLY B 381 -38.18 -33.26 14.67
N ASN B 382 -39.23 -33.96 14.23
CA ASN B 382 -39.13 -34.82 13.06
C ASN B 382 -40.23 -34.52 12.04
N GLN B 383 -40.44 -35.43 11.08
CA GLN B 383 -41.33 -35.14 9.96
C GLN B 383 -42.80 -35.44 10.24
N VAL B 384 -43.12 -36.13 11.32
CA VAL B 384 -44.50 -36.49 11.62
C VAL B 384 -45.04 -35.82 12.88
N GLY B 385 -44.22 -35.04 13.58
CA GLY B 385 -44.70 -34.25 14.69
C GLY B 385 -44.30 -34.70 16.09
N LYS B 386 -43.40 -35.67 16.22
CA LYS B 386 -42.83 -35.98 17.54
C LYS B 386 -41.74 -34.95 17.86
N LEU B 387 -41.87 -34.31 19.02
CA LEU B 387 -41.02 -33.18 19.38
C LEU B 387 -40.09 -33.63 20.51
N TYR B 388 -38.99 -34.28 20.14
CA TYR B 388 -38.10 -34.92 21.11
C TYR B 388 -37.49 -33.90 22.06
N VAL B 389 -37.09 -34.39 23.25
CA VAL B 389 -36.32 -33.63 24.21
C VAL B 389 -35.29 -34.59 24.82
N TRP B 390 -34.26 -34.01 25.43
CA TRP B 390 -33.20 -34.81 26.04
C TRP B 390 -32.64 -34.10 27.26
N ASP B 391 -32.35 -34.88 28.30
CA ASP B 391 -31.58 -34.41 29.43
C ASP B 391 -30.10 -34.58 29.11
N LEU B 392 -29.36 -33.47 29.13
CA LEU B 392 -27.94 -33.50 28.77
C LEU B 392 -27.03 -33.91 29.91
N GLU B 393 -27.56 -34.09 31.11
CA GLU B 393 -26.76 -34.48 32.27
C GLU B 393 -26.90 -35.98 32.53
N VAL B 394 -26.43 -36.76 31.56
CA VAL B 394 -26.37 -38.20 31.71
C VAL B 394 -25.01 -38.48 32.35
N GLU B 395 -24.80 -37.87 33.52
CA GLU B 395 -23.57 -38.01 34.29
C GLU B 395 -23.53 -39.31 35.09
N LYS B 401 -32.64 -40.85 28.52
CA LYS B 401 -33.94 -40.31 28.91
C LYS B 401 -34.62 -39.63 27.72
N CYS B 402 -35.16 -40.46 26.82
CA CYS B 402 -35.81 -39.96 25.61
C CYS B 402 -37.24 -39.51 25.94
N THR B 403 -37.32 -38.42 26.69
CA THR B 403 -38.62 -37.82 26.99
C THR B 403 -39.15 -37.11 25.75
N THR B 404 -40.38 -37.45 25.36
CA THR B 404 -40.95 -37.03 24.09
C THR B 404 -42.14 -36.12 24.31
N LEU B 405 -42.46 -35.34 23.27
CA LEU B 405 -43.57 -34.41 23.27
C LEU B 405 -44.39 -34.63 22.00
N THR B 406 -45.63 -35.07 22.16
CA THR B 406 -46.48 -35.37 21.01
C THR B 406 -47.90 -34.91 21.28
N HIS B 407 -48.58 -34.47 20.23
CA HIS B 407 -49.95 -33.99 20.35
C HIS B 407 -50.74 -34.42 19.11
N HIS B 408 -52.06 -34.51 19.29
CA HIS B 408 -52.91 -35.16 18.29
C HIS B 408 -52.99 -34.40 16.98
N LYS B 409 -52.81 -33.08 17.01
CA LYS B 409 -52.83 -32.29 15.79
C LYS B 409 -51.44 -31.97 15.25
N CYS B 410 -50.39 -32.16 16.05
CA CYS B 410 -49.01 -31.94 15.60
C CYS B 410 -48.69 -32.99 14.55
N GLY B 411 -48.85 -32.64 13.28
CA GLY B 411 -48.78 -33.62 12.21
C GLY B 411 -47.63 -33.46 11.24
N ALA B 412 -47.43 -32.25 10.72
CA ALA B 412 -46.42 -32.05 9.68
C ALA B 412 -45.03 -32.09 10.31
N ALA B 413 -44.01 -31.78 9.50
CA ALA B 413 -42.63 -31.84 9.93
C ALA B 413 -42.30 -30.67 10.86
N ILE B 414 -41.22 -30.84 11.63
CA ILE B 414 -40.74 -29.82 12.55
C ILE B 414 -39.34 -29.43 12.10
N ARG B 415 -39.20 -28.22 11.55
CA ARG B 415 -37.90 -27.78 11.03
C ARG B 415 -36.94 -27.40 12.14
N GLN B 416 -37.39 -26.55 13.07
CA GLN B 416 -36.51 -26.00 14.10
C GLN B 416 -37.31 -25.74 15.37
N THR B 417 -36.60 -25.80 16.50
CA THR B 417 -37.14 -25.43 17.79
C THR B 417 -36.23 -24.40 18.44
N SER B 418 -36.75 -23.72 19.45
CA SER B 418 -35.95 -22.76 20.20
C SER B 418 -36.60 -22.54 21.56
N PHE B 419 -35.82 -22.70 22.62
CA PHE B 419 -36.30 -22.44 23.96
C PHE B 419 -36.25 -20.95 24.27
N SER B 420 -36.92 -20.57 25.35
CA SER B 420 -36.74 -19.23 25.88
C SER B 420 -35.46 -19.20 26.73
N ARG B 421 -35.05 -17.97 27.08
CA ARG B 421 -33.78 -17.80 27.79
C ARG B 421 -33.83 -18.46 29.16
N ASP B 422 -34.91 -18.25 29.90
CA ASP B 422 -35.14 -18.95 31.16
C ASP B 422 -35.58 -20.41 30.97
N SER B 423 -35.53 -20.92 29.74
CA SER B 423 -35.76 -22.34 29.45
C SER B 423 -37.11 -22.82 29.97
N SER B 424 -38.14 -22.02 29.71
CA SER B 424 -39.49 -22.34 30.15
C SER B 424 -40.46 -22.64 29.02
N ILE B 425 -40.27 -22.05 27.85
CA ILE B 425 -41.20 -22.18 26.74
C ILE B 425 -40.45 -22.73 25.53
N LEU B 426 -41.02 -23.75 24.89
CA LEU B 426 -40.41 -24.39 23.72
C LEU B 426 -41.32 -24.18 22.52
N ILE B 427 -40.88 -23.32 21.60
CA ILE B 427 -41.62 -23.03 20.37
C ILE B 427 -41.02 -23.85 19.23
N ALA B 428 -41.88 -24.54 18.50
CA ALA B 428 -41.49 -25.32 17.33
C ALA B 428 -42.33 -24.88 16.13
N VAL B 429 -41.70 -24.85 14.96
CA VAL B 429 -42.37 -24.49 13.73
C VAL B 429 -42.44 -25.71 12.81
N CYS B 430 -43.32 -25.61 11.82
CA CYS B 430 -43.71 -26.77 11.03
C CYS B 430 -43.62 -26.47 9.54
N ASP B 431 -43.99 -27.47 8.74
CA ASP B 431 -44.03 -27.34 7.29
C ASP B 431 -45.32 -26.70 6.80
N ASP B 432 -46.44 -26.99 7.48
CA ASP B 432 -47.74 -26.44 7.11
C ASP B 432 -48.00 -25.07 7.75
N ALA B 433 -46.95 -24.28 7.98
CA ALA B 433 -47.05 -22.91 8.50
C ALA B 433 -47.78 -22.85 9.84
N SER B 434 -47.44 -23.76 10.74
CA SER B 434 -48.05 -23.80 12.06
C SER B 434 -46.99 -23.65 13.14
N ILE B 435 -47.44 -23.23 14.32
CA ILE B 435 -46.58 -23.06 15.48
C ILE B 435 -47.21 -23.79 16.66
N TRP B 436 -46.36 -24.30 17.54
CA TRP B 436 -46.81 -24.98 18.75
C TRP B 436 -46.02 -24.45 19.93
N ARG B 437 -46.72 -24.24 21.05
CA ARG B 437 -46.13 -23.66 22.25
C ARG B 437 -46.18 -24.67 23.38
N TRP B 438 -45.01 -25.01 23.93
CA TRP B 438 -44.89 -26.00 25.00
C TRP B 438 -44.24 -25.35 26.20
N ASP B 439 -44.76 -25.67 27.39
CA ASP B 439 -44.32 -25.07 28.65
C ASP B 439 -43.85 -26.16 29.61
N ARG B 440 -42.79 -25.85 30.37
CA ARG B 440 -42.20 -26.81 31.30
C ARG B 440 -42.83 -26.67 32.68
N LEU B 441 -42.79 -27.76 33.43
CA LEU B 441 -43.25 -27.78 34.82
C LEU B 441 -42.47 -28.80 35.63
N ALA C 43 -9.46 51.59 20.26
CA ALA C 43 -9.09 51.37 21.65
C ALA C 43 -9.92 50.23 22.25
N ASP C 44 -11.17 50.09 21.79
CA ASP C 44 -12.05 49.04 22.27
C ASP C 44 -11.71 47.68 21.69
N GLU C 45 -11.07 47.65 20.52
CA GLU C 45 -10.66 46.38 19.93
C GLU C 45 -9.56 45.72 20.74
N VAL C 46 -8.84 46.51 21.56
CA VAL C 46 -7.84 45.93 22.45
C VAL C 46 -8.51 45.01 23.47
N LYS C 47 -9.65 45.45 24.01
CA LYS C 47 -10.27 44.77 25.14
C LYS C 47 -11.25 43.68 24.74
N SER C 48 -11.98 43.87 23.64
CA SER C 48 -13.01 42.91 23.23
C SER C 48 -12.41 41.61 22.69
N MET C 49 -11.34 41.68 21.91
CA MET C 49 -10.74 40.44 21.40
C MET C 49 -9.91 39.73 22.44
N PHE C 50 -9.25 40.48 23.33
CA PHE C 50 -8.58 39.85 24.47
C PHE C 50 -9.56 39.03 25.29
N SER C 51 -10.75 39.57 25.54
CA SER C 51 -11.75 38.86 26.35
C SER C 51 -12.32 37.67 25.61
N SER C 52 -12.52 37.78 24.29
CA SER C 52 -12.95 36.63 23.50
C SER C 52 -11.86 35.57 23.43
N ASN C 53 -10.59 35.99 23.34
CA ASN C 53 -9.47 35.06 23.42
C ASN C 53 -9.49 34.28 24.73
N ARG C 54 -10.05 34.87 25.79
CA ARG C 54 -10.16 34.17 27.07
C ARG C 54 -11.05 32.94 26.96
N GLN C 55 -12.22 33.08 26.32
CA GLN C 55 -13.14 31.95 26.17
C GLN C 55 -12.49 30.78 25.44
N LYS C 56 -11.74 31.07 24.39
CA LYS C 56 -11.05 30.02 23.64
C LYS C 56 -10.05 29.27 24.51
N ILE C 57 -9.37 29.99 25.42
CA ILE C 57 -8.45 29.32 26.33
C ILE C 57 -9.20 28.35 27.23
N LEU C 58 -10.29 28.81 27.84
CA LEU C 58 -11.02 28.02 28.82
C LEU C 58 -11.54 26.71 28.24
N GLU C 59 -12.28 26.80 27.14
CA GLU C 59 -13.03 25.64 26.67
C GLU C 59 -12.11 24.56 26.11
N ARG C 60 -11.01 24.94 25.46
CA ARG C 60 -10.07 23.92 24.99
C ARG C 60 -9.32 23.29 26.16
N THR C 61 -8.72 24.10 27.03
CA THR C 61 -7.96 23.55 28.14
C THR C 61 -8.84 22.70 29.05
N GLU C 62 -10.14 22.98 29.10
CA GLU C 62 -11.05 22.13 29.85
C GLU C 62 -11.15 20.75 29.19
N ILE C 63 -11.23 20.71 27.86
CA ILE C 63 -11.28 19.42 27.17
C ILE C 63 -10.01 18.64 27.47
N LEU C 64 -8.88 19.33 27.58
CA LEU C 64 -7.66 18.67 28.03
C LEU C 64 -7.76 18.26 29.49
N ASN C 65 -8.25 19.15 30.35
CA ASN C 65 -8.39 18.82 31.76
C ASN C 65 -9.39 17.67 31.94
N GLN C 66 -10.47 17.66 31.17
CA GLN C 66 -11.39 16.52 31.22
C GLN C 66 -10.75 15.26 30.67
N GLU C 67 -9.92 15.41 29.62
CA GLU C 67 -9.13 14.29 29.14
C GLU C 67 -8.02 13.93 30.12
N TRP C 68 -7.67 14.84 31.03
CA TRP C 68 -6.66 14.57 32.05
C TRP C 68 -7.23 13.73 33.17
N LYS C 69 -8.50 13.93 33.51
CA LYS C 69 -9.21 13.13 34.49
C LYS C 69 -9.38 11.68 34.04
N GLN C 70 -8.92 11.36 32.82
CA GLN C 70 -8.89 10.00 32.28
C GLN C 70 -7.62 9.25 32.65
N ARG C 71 -6.54 9.95 32.98
CA ARG C 71 -5.19 9.39 33.06
C ARG C 71 -4.71 9.34 34.51
N ARG C 72 -4.06 8.23 34.86
CA ARG C 72 -3.51 7.99 36.19
C ARG C 72 -2.00 7.76 36.08
N ILE C 73 -1.22 8.84 36.08
CA ILE C 73 0.22 8.76 35.90
C ILE C 73 0.90 8.66 37.27
N GLN C 74 1.85 7.74 37.39
CA GLN C 74 2.53 7.46 38.64
C GLN C 74 3.51 8.57 39.04
N ARG C 86 30.38 2.24 47.18
CA ARG C 86 29.34 2.77 46.30
C ARG C 86 29.93 3.69 45.24
N GLY C 87 30.49 3.10 44.18
CA GLY C 87 31.08 3.89 43.12
C GLY C 87 30.07 4.43 42.13
N THR C 88 29.02 5.07 42.65
CA THR C 88 27.91 5.57 41.83
C THR C 88 27.98 7.08 41.62
N ARG C 89 29.19 7.67 41.73
CA ARG C 89 29.35 9.12 41.63
C ARG C 89 28.48 9.87 42.63
N GLU C 90 28.44 11.20 42.49
CA GLU C 90 27.82 12.07 43.46
C GLU C 90 27.05 13.15 42.72
N CYS C 91 25.87 13.48 43.23
CA CYS C 91 25.11 14.59 42.68
C CYS C 91 25.47 15.86 43.45
N SER C 92 25.35 16.99 42.76
CA SER C 92 25.73 18.29 43.29
C SER C 92 24.44 19.03 43.64
N VAL C 93 23.97 18.82 44.86
CA VAL C 93 22.75 19.45 45.37
C VAL C 93 23.17 20.15 46.65
N THR C 94 23.62 21.40 46.51
CA THR C 94 24.01 22.26 47.62
C THR C 94 22.97 23.34 47.87
N SER C 95 23.08 23.99 49.03
CA SER C 95 22.19 25.07 49.43
C SER C 95 22.95 26.40 49.52
N GLN C 102 22.17 17.70 50.85
CA GLN C 102 21.36 16.58 50.38
C GLN C 102 22.05 15.93 49.19
N VAL C 103 22.28 14.61 49.22
CA VAL C 103 23.01 13.91 48.17
C VAL C 103 22.28 12.60 47.82
N ILE C 104 22.29 12.24 46.54
CA ILE C 104 21.75 10.97 46.03
C ILE C 104 22.64 10.48 44.88
N PRO C 105 22.66 9.18 44.56
CA PRO C 105 23.56 8.70 43.50
C PRO C 105 23.12 9.11 42.10
N LEU C 106 24.07 9.07 41.16
CA LEU C 106 23.92 9.57 39.80
C LEU C 106 23.93 8.42 38.78
N LYS C 107 22.84 8.30 38.02
CA LYS C 107 22.72 7.29 36.96
C LYS C 107 23.41 7.77 35.68
N THR C 108 24.38 7.00 35.20
CA THR C 108 25.12 7.35 34.00
C THR C 108 24.34 6.90 32.77
N LEU C 109 24.35 7.75 31.74
CA LEU C 109 23.62 7.50 30.50
C LEU C 109 24.45 6.72 29.49
N ASN C 110 23.77 5.91 28.69
CA ASN C 110 24.42 5.22 27.58
C ASN C 110 24.92 6.24 26.56
N ALA C 111 26.12 6.01 26.04
CA ALA C 111 26.65 6.88 25.00
C ALA C 111 25.86 6.68 23.72
N VAL C 112 25.73 7.76 22.95
CA VAL C 112 24.99 7.73 21.70
C VAL C 112 25.89 8.31 20.61
N ALA C 113 26.10 7.54 19.55
CA ALA C 113 26.99 7.97 18.47
C ALA C 113 26.29 9.02 17.63
N SER C 114 26.76 10.26 17.74
CA SER C 114 26.15 11.38 17.04
C SER C 114 26.52 11.36 15.56
N VAL C 115 25.85 12.21 14.79
CA VAL C 115 26.09 12.35 13.36
C VAL C 115 26.71 13.73 13.14
N PRO C 116 27.48 13.92 12.07
CA PRO C 116 28.19 15.20 11.91
C PRO C 116 27.28 16.38 11.64
N ILE C 117 27.86 17.57 11.58
CA ILE C 117 27.10 18.80 11.45
C ILE C 117 26.51 18.92 10.04
N MET C 118 25.26 19.34 9.96
CA MET C 118 24.58 19.53 8.68
C MET C 118 23.47 20.55 8.87
N TYR C 119 23.31 21.43 7.89
CA TYR C 119 22.30 22.48 7.92
C TYR C 119 21.18 22.18 6.92
N SER C 120 20.11 22.97 7.02
CA SER C 120 18.89 22.73 6.23
C SER C 120 19.19 23.01 4.76
N TRP C 121 19.15 21.96 3.94
CA TRP C 121 19.29 22.06 2.50
C TRP C 121 18.06 21.48 1.83
N SER C 122 17.91 21.77 0.54
CA SER C 122 16.70 21.38 -0.18
C SER C 122 17.08 20.60 -1.43
N PRO C 123 16.41 19.48 -1.69
CA PRO C 123 16.73 18.72 -2.91
C PRO C 123 16.49 19.55 -4.17
N LEU C 124 17.38 19.40 -5.14
CA LEU C 124 17.32 20.13 -6.41
C LEU C 124 18.07 19.32 -7.47
N GLN C 125 17.75 19.60 -8.73
CA GLN C 125 18.43 18.94 -9.85
C GLN C 125 18.76 19.86 -11.01
N GLN C 126 17.97 20.90 -11.26
CA GLN C 126 18.29 21.94 -12.23
C GLN C 126 18.40 23.27 -11.50
N ASN C 127 19.32 24.13 -11.93
CA ASN C 127 19.72 25.30 -11.17
C ASN C 127 18.52 26.22 -10.89
N PHE C 128 18.74 27.18 -9.99
CA PHE C 128 17.69 28.04 -9.48
C PHE C 128 18.22 29.47 -9.34
N MET C 129 17.60 30.40 -10.05
CA MET C 129 18.00 31.81 -9.99
C MET C 129 17.29 32.54 -8.86
N VAL C 130 18.03 33.43 -8.20
CA VAL C 130 17.49 34.32 -7.19
C VAL C 130 17.99 35.72 -7.50
N GLU C 131 17.15 36.72 -7.19
CA GLU C 131 17.50 38.12 -7.45
C GLU C 131 18.10 38.76 -6.20
N ASP C 132 18.96 39.75 -6.43
CA ASP C 132 19.65 40.45 -5.35
C ASP C 132 18.68 41.16 -4.42
N CYS C 255 -6.28 43.59 -15.55
CA CYS C 255 -6.91 42.32 -15.91
C CYS C 255 -7.59 42.35 -17.27
N THR C 256 -7.20 41.41 -18.13
CA THR C 256 -7.92 41.13 -19.37
C THR C 256 -8.70 39.84 -19.16
N PRO C 257 -10.02 39.83 -19.33
CA PRO C 257 -10.82 38.69 -18.88
C PRO C 257 -10.42 37.38 -19.55
N ASN C 258 -10.85 36.28 -18.95
CA ASN C 258 -10.53 34.95 -19.47
C ASN C 258 -11.41 34.62 -20.67
N ILE C 259 -10.81 33.98 -21.66
CA ILE C 259 -11.44 33.79 -22.96
C ILE C 259 -12.33 32.56 -22.98
N ASP C 260 -12.97 32.25 -21.85
CA ASP C 260 -13.83 31.07 -21.81
C ASP C 260 -14.96 31.17 -20.80
N GLY C 261 -15.21 32.34 -20.22
CA GLY C 261 -16.28 32.50 -19.25
C GLY C 261 -17.26 33.55 -19.71
N PRO C 262 -18.15 33.98 -18.81
CA PRO C 262 -19.20 34.91 -19.24
C PRO C 262 -18.66 36.29 -19.53
N ASN C 263 -17.61 36.72 -18.84
CA ASN C 263 -17.02 38.02 -19.12
C ASN C 263 -15.86 37.74 -20.05
N ALA C 264 -16.15 37.73 -21.36
CA ALA C 264 -15.15 37.51 -22.41
C ALA C 264 -15.25 38.68 -23.37
N LYS C 265 -14.24 39.55 -23.36
CA LYS C 265 -14.27 40.72 -24.24
C LYS C 265 -13.83 40.34 -25.65
N SER C 266 -14.10 41.25 -26.59
CA SER C 266 -13.66 41.10 -27.97
C SER C 266 -12.47 42.02 -28.09
N VAL C 267 -11.27 41.43 -28.04
CA VAL C 267 -10.02 42.17 -28.00
C VAL C 267 -9.14 41.73 -29.16
N GLN C 268 -8.02 42.43 -29.33
CA GLN C 268 -7.13 42.19 -30.45
C GLN C 268 -6.41 40.85 -30.28
N ARG C 269 -5.55 40.53 -31.25
CA ARG C 269 -4.73 39.33 -31.12
C ARG C 269 -3.66 39.51 -30.04
N GLU C 270 -2.98 40.65 -30.02
CA GLU C 270 -1.93 40.88 -29.04
C GLU C 270 -2.51 41.11 -27.66
N GLN C 271 -3.76 41.58 -27.59
CA GLN C 271 -4.44 41.73 -26.31
C GLN C 271 -4.74 40.39 -25.69
N SER C 272 -5.10 39.40 -26.51
CA SER C 272 -5.44 38.07 -26.02
C SER C 272 -4.22 37.22 -25.68
N LEU C 273 -3.10 37.45 -26.35
CA LEU C 273 -1.90 36.65 -26.13
C LEU C 273 -0.87 37.36 -25.24
N HIS C 274 -1.24 38.51 -24.67
CA HIS C 274 -0.27 39.33 -23.95
C HIS C 274 0.33 38.55 -22.78
N SER C 275 -0.52 37.90 -21.98
CA SER C 275 -0.04 37.13 -20.84
C SER C 275 0.87 35.98 -21.26
N PHE C 276 0.63 35.41 -22.44
CA PHE C 276 1.42 34.26 -22.90
C PHE C 276 2.80 34.68 -23.40
N HIS C 277 2.86 35.68 -24.28
CA HIS C 277 4.14 36.10 -24.84
C HIS C 277 5.06 36.65 -23.76
N THR C 278 4.50 37.36 -22.79
CA THR C 278 5.34 38.08 -21.82
C THR C 278 5.88 37.15 -20.73
N LEU C 279 5.16 36.08 -20.39
CA LEU C 279 5.55 35.20 -19.30
C LEU C 279 6.22 33.90 -19.75
N PHE C 280 6.17 33.57 -21.04
CA PHE C 280 6.79 32.34 -21.51
C PHE C 280 8.30 32.51 -21.63
N CYS C 281 9.02 31.41 -21.43
CA CYS C 281 10.46 31.35 -21.59
C CYS C 281 10.79 30.47 -22.79
N ARG C 282 11.46 31.07 -23.77
CA ARG C 282 11.79 30.37 -25.00
C ARG C 282 12.82 29.26 -24.80
N ARG C 283 13.61 29.31 -23.72
CA ARG C 283 14.79 28.45 -23.59
C ARG C 283 14.54 27.16 -22.83
N CYS C 284 13.77 27.19 -21.73
CA CYS C 284 13.57 26.01 -20.89
C CYS C 284 12.14 25.47 -20.91
N PHE C 285 11.20 26.15 -21.58
CA PHE C 285 9.86 25.67 -21.89
C PHE C 285 8.87 25.79 -20.74
N LYS C 286 9.10 26.67 -19.79
CA LYS C 286 8.17 26.90 -18.70
C LYS C 286 7.71 28.35 -18.71
N TYR C 287 6.55 28.60 -18.11
CA TYR C 287 6.06 29.94 -17.93
C TYR C 287 6.60 30.46 -16.61
N ASP C 288 7.24 31.62 -16.63
CA ASP C 288 7.91 32.18 -15.44
C ASP C 288 8.92 31.16 -14.88
N CYS C 289 9.96 30.95 -15.67
CA CYS C 289 10.93 29.88 -15.42
C CYS C 289 11.79 30.20 -14.20
N PHE C 290 12.79 29.36 -13.95
CA PHE C 290 13.63 29.48 -12.77
C PHE C 290 15.08 29.85 -13.08
N LEU C 291 15.49 29.84 -14.35
CA LEU C 291 16.84 30.20 -14.73
C LEU C 291 16.93 31.59 -15.34
N HIS C 292 16.19 31.83 -16.42
CA HIS C 292 16.41 33.00 -17.27
C HIS C 292 15.50 34.14 -16.85
N PRO C 293 16.01 35.18 -16.20
CA PRO C 293 15.11 36.24 -15.69
C PRO C 293 14.60 37.22 -16.73
N PHE C 294 15.45 37.59 -17.69
CA PHE C 294 15.10 38.60 -18.68
C PHE C 294 13.91 38.15 -19.53
N HIS C 295 13.01 39.09 -19.83
CA HIS C 295 11.82 38.76 -20.60
C HIS C 295 12.17 38.34 -22.03
N ALA C 296 11.20 37.69 -22.68
CA ALA C 296 11.33 37.30 -24.07
C ALA C 296 11.15 38.52 -24.97
N THR C 297 12.20 38.87 -25.71
CA THR C 297 12.16 40.04 -26.57
C THR C 297 11.05 39.90 -27.63
N PRO C 298 10.50 41.01 -28.12
CA PRO C 298 9.35 40.93 -29.03
C PRO C 298 9.51 39.94 -30.17
N ASN C 299 10.65 39.99 -30.87
CA ASN C 299 10.84 39.17 -32.07
C ASN C 299 11.12 37.70 -31.78
N THR C 300 11.13 37.27 -30.52
CA THR C 300 11.26 35.85 -30.22
C THR C 300 9.98 35.07 -30.47
N TYR C 301 8.83 35.74 -30.51
CA TYR C 301 7.53 35.12 -30.75
C TYR C 301 6.91 35.64 -32.06
N LYS C 302 7.71 35.73 -33.11
CA LYS C 302 7.25 36.02 -34.47
C LYS C 302 7.65 34.85 -35.34
N ARG C 303 6.66 34.22 -35.97
CA ARG C 303 6.90 32.96 -36.67
C ARG C 303 7.13 33.24 -38.15
N LYS C 304 8.33 32.90 -38.62
CA LYS C 304 8.74 33.11 -40.00
C LYS C 304 8.05 32.11 -40.93
N VAL C 390 -26.92 33.95 -35.12
CA VAL C 390 -26.65 34.72 -36.33
C VAL C 390 -25.52 35.70 -36.08
N GLU C 391 -25.35 36.08 -34.82
CA GLU C 391 -24.50 37.20 -34.47
C GLU C 391 -23.11 36.75 -34.02
N TRP C 392 -22.24 37.74 -33.88
CA TRP C 392 -20.85 37.56 -33.50
C TRP C 392 -20.74 37.73 -31.99
N SER C 393 -20.01 36.84 -31.32
CA SER C 393 -19.83 36.95 -29.88
C SER C 393 -18.52 37.68 -29.58
N GLY C 394 -18.28 37.91 -28.28
CA GLY C 394 -17.03 38.50 -27.86
C GLY C 394 -15.94 37.48 -27.60
N ALA C 395 -16.32 36.28 -27.16
CA ALA C 395 -15.35 35.22 -26.95
C ALA C 395 -14.88 34.66 -28.29
N GLU C 396 -15.82 34.35 -29.18
CA GLU C 396 -15.47 33.82 -30.49
C GLU C 396 -14.68 34.83 -31.32
N ALA C 397 -14.89 36.13 -31.10
CA ALA C 397 -14.23 37.13 -31.92
C ALA C 397 -12.79 37.37 -31.49
N SER C 398 -12.53 37.34 -30.19
CA SER C 398 -11.14 37.39 -29.74
C SER C 398 -10.40 36.14 -30.18
N MET C 399 -11.12 35.03 -30.37
CA MET C 399 -10.50 33.81 -30.88
C MET C 399 -10.09 33.96 -32.33
N PHE C 400 -11.03 34.37 -33.19
CA PHE C 400 -10.73 34.61 -34.60
C PHE C 400 -9.53 35.52 -34.81
N ARG C 401 -9.48 36.64 -34.09
CA ARG C 401 -8.36 37.58 -34.27
C ARG C 401 -7.02 36.92 -33.96
N VAL C 402 -7.01 35.94 -33.06
CA VAL C 402 -5.79 35.20 -32.80
C VAL C 402 -5.45 34.29 -33.99
N LEU C 403 -6.47 33.76 -34.67
CA LEU C 403 -6.21 32.74 -35.69
C LEU C 403 -5.75 33.35 -37.01
N ILE C 404 -6.12 34.59 -37.32
CA ILE C 404 -5.64 35.22 -38.54
C ILE C 404 -4.17 35.58 -38.43
N GLY C 405 -3.65 35.72 -37.21
CA GLY C 405 -2.23 35.94 -37.06
C GLY C 405 -1.40 34.72 -37.42
N THR C 406 -1.97 33.52 -37.25
CA THR C 406 -1.30 32.28 -37.63
C THR C 406 -1.79 31.76 -38.97
N TYR C 407 -3.11 31.54 -39.12
CA TYR C 407 -3.65 30.91 -40.32
C TYR C 407 -3.85 31.87 -41.48
N TYR C 408 -3.62 33.17 -41.28
CA TYR C 408 -3.64 34.17 -42.37
C TYR C 408 -5.00 34.10 -43.06
N ASP C 409 -5.06 33.78 -44.34
CA ASP C 409 -6.30 33.82 -45.11
C ASP C 409 -6.99 32.46 -45.23
N ASN C 410 -6.55 31.47 -44.46
CA ASN C 410 -7.22 30.16 -44.49
C ASN C 410 -8.56 30.28 -43.77
N PHE C 411 -9.66 30.18 -44.53
CA PHE C 411 -11.00 30.28 -43.97
C PHE C 411 -11.64 28.93 -43.71
N CYS C 412 -11.47 27.98 -44.62
CA CYS C 412 -12.18 26.70 -44.52
C CYS C 412 -11.68 25.82 -43.39
N ALA C 413 -10.49 26.10 -42.83
CA ALA C 413 -9.97 25.32 -41.72
C ALA C 413 -10.27 25.96 -40.37
N ILE C 414 -10.25 27.29 -40.30
CA ILE C 414 -10.54 28.01 -39.05
C ILE C 414 -11.93 27.67 -38.53
N ALA C 415 -12.89 27.41 -39.42
CA ALA C 415 -14.24 27.10 -38.98
C ALA C 415 -14.29 25.82 -38.16
N ARG C 416 -13.40 24.86 -38.44
CA ARG C 416 -13.33 23.66 -37.60
C ARG C 416 -12.69 23.97 -36.25
N LEU C 417 -11.88 25.03 -36.18
CA LEU C 417 -11.22 25.38 -34.92
C LEU C 417 -12.23 25.94 -33.92
N ILE C 418 -12.84 27.08 -34.26
CA ILE C 418 -13.76 27.74 -33.33
C ILE C 418 -14.99 26.86 -33.08
N GLY C 419 -15.35 25.98 -34.02
CA GLY C 419 -16.35 24.96 -33.81
C GLY C 419 -17.79 25.41 -33.85
N THR C 420 -18.04 26.67 -33.49
CA THR C 420 -19.39 27.20 -33.38
C THR C 420 -19.88 27.91 -34.65
N LYS C 421 -18.98 28.27 -35.57
CA LYS C 421 -19.39 29.02 -36.75
C LYS C 421 -19.17 28.25 -38.05
N THR C 422 -19.04 28.98 -39.16
CA THR C 422 -18.89 28.36 -40.48
C THR C 422 -17.75 29.03 -41.23
N CYS C 423 -17.57 28.62 -42.49
CA CYS C 423 -16.49 29.17 -43.30
C CYS C 423 -16.73 30.65 -43.56
N ARG C 424 -17.97 31.00 -43.94
CA ARG C 424 -18.23 32.34 -44.48
C ARG C 424 -18.36 33.39 -43.39
N GLN C 425 -18.79 32.99 -42.18
CA GLN C 425 -18.92 33.97 -41.10
C GLN C 425 -17.58 34.61 -40.76
N VAL C 426 -16.49 33.85 -40.90
CA VAL C 426 -15.15 34.41 -40.73
C VAL C 426 -14.90 35.53 -41.75
N TYR C 427 -15.38 35.34 -42.97
CA TYR C 427 -15.07 36.23 -44.08
C TYR C 427 -15.42 37.69 -43.78
N GLU C 428 -16.65 37.93 -43.30
CA GLU C 428 -17.20 39.29 -43.26
C GLU C 428 -16.48 40.20 -42.28
N PHE C 429 -16.06 39.66 -41.14
CA PHE C 429 -15.37 40.45 -40.13
C PHE C 429 -14.02 40.99 -40.61
N ARG C 430 -13.41 40.33 -41.60
CA ARG C 430 -12.04 40.63 -42.00
C ARG C 430 -11.86 42.06 -42.50
N VAL C 431 -12.80 42.57 -43.31
CA VAL C 431 -12.63 43.89 -43.90
C VAL C 431 -12.72 45.02 -42.87
N LYS C 432 -13.21 44.74 -41.67
CA LYS C 432 -13.41 45.76 -40.65
C LYS C 432 -12.09 46.40 -40.19
N HIS C 476 36.29 35.86 -16.63
CA HIS C 476 36.49 36.50 -17.92
C HIS C 476 35.38 36.09 -18.90
N VAL C 477 34.73 34.98 -18.59
CA VAL C 477 33.70 34.38 -19.44
C VAL C 477 32.35 34.97 -19.09
N TYR C 478 31.66 35.52 -20.07
CA TYR C 478 30.37 36.15 -19.81
C TYR C 478 29.24 35.18 -20.14
N ASN C 479 28.11 35.38 -19.48
CA ASN C 479 26.97 34.49 -19.59
C ASN C 479 26.18 34.80 -20.87
N TYR C 480 25.58 33.76 -21.45
CA TYR C 480 24.83 33.97 -22.68
C TYR C 480 23.48 34.62 -22.35
N GLN C 481 23.15 35.66 -23.11
CA GLN C 481 21.83 36.27 -23.14
C GLN C 481 21.36 36.36 -24.58
N PRO C 482 20.06 36.21 -24.83
CA PRO C 482 19.57 36.26 -26.21
C PRO C 482 19.77 37.64 -26.83
N CYS C 483 20.35 37.65 -28.04
CA CYS C 483 20.57 38.88 -28.77
C CYS C 483 19.45 39.12 -29.76
N ASP C 484 19.14 40.40 -29.99
CA ASP C 484 18.09 40.80 -30.91
C ASP C 484 18.35 42.24 -31.32
N HIS C 485 18.46 42.46 -32.62
CA HIS C 485 18.75 43.77 -33.17
C HIS C 485 18.44 43.74 -34.66
N PRO C 486 17.19 43.99 -35.04
CA PRO C 486 16.83 44.02 -36.46
C PRO C 486 17.45 45.22 -37.19
N ARG C 487 17.60 45.07 -38.50
CA ARG C 487 18.21 46.04 -39.42
C ARG C 487 19.66 46.34 -39.10
N GLN C 488 20.30 45.54 -38.27
CA GLN C 488 21.74 45.61 -38.05
C GLN C 488 22.25 44.19 -37.84
N PRO C 489 23.16 43.71 -38.68
CA PRO C 489 23.72 42.36 -38.48
C PRO C 489 24.65 42.31 -37.29
N CYS C 490 25.05 41.08 -36.92
CA CYS C 490 25.84 40.88 -35.71
C CYS C 490 27.26 41.41 -35.89
N ASP C 491 27.44 42.70 -35.62
CA ASP C 491 28.71 43.38 -35.82
C ASP C 491 29.46 43.50 -34.50
N SER C 492 30.46 44.36 -34.44
CA SER C 492 31.23 44.55 -33.22
C SER C 492 30.49 45.37 -32.17
N SER C 493 29.19 45.59 -32.33
CA SER C 493 28.38 46.21 -31.29
C SER C 493 27.34 45.25 -30.71
N CYS C 494 27.28 44.02 -31.19
CA CYS C 494 26.28 43.08 -30.69
C CYS C 494 26.76 42.51 -29.36
N PRO C 495 25.87 42.39 -28.36
CA PRO C 495 26.31 41.93 -27.03
C PRO C 495 27.01 40.57 -27.04
N CYS C 496 26.62 39.67 -27.94
CA CYS C 496 27.29 38.38 -28.03
C CYS C 496 28.73 38.54 -28.52
N VAL C 497 28.90 39.27 -29.62
CA VAL C 497 30.24 39.51 -30.16
C VAL C 497 31.13 40.17 -29.13
N ILE C 498 30.58 41.12 -28.38
CA ILE C 498 31.38 41.82 -27.38
C ILE C 498 31.85 40.87 -26.28
N ALA C 499 31.04 39.88 -25.93
CA ALA C 499 31.39 38.94 -24.87
C ALA C 499 32.18 37.73 -25.35
N GLN C 500 32.37 37.57 -26.67
CA GLN C 500 33.02 36.40 -27.26
C GLN C 500 32.30 35.10 -26.88
N ASN C 501 30.97 35.12 -27.01
CA ASN C 501 30.16 33.91 -26.92
C ASN C 501 29.29 33.86 -28.17
N PHE C 502 29.15 32.66 -28.72
CA PHE C 502 28.46 32.51 -30.00
C PHE C 502 26.96 32.63 -29.82
N CYS C 503 26.31 33.25 -30.80
CA CYS C 503 24.86 33.25 -30.85
C CYS C 503 24.34 31.82 -30.88
N GLU C 504 23.30 31.56 -30.09
CA GLU C 504 22.70 30.24 -30.02
C GLU C 504 21.41 30.19 -30.82
N LYS C 505 20.70 29.07 -30.73
CA LYS C 505 19.40 28.98 -31.38
C LYS C 505 18.40 29.97 -30.79
N PHE C 506 18.61 30.40 -29.54
CA PHE C 506 17.68 31.33 -28.90
C PHE C 506 17.84 32.75 -29.43
N CYS C 507 19.00 33.09 -29.96
CA CYS C 507 19.19 34.41 -30.57
C CYS C 507 18.23 34.58 -31.74
N GLN C 508 17.89 35.85 -32.04
CA GLN C 508 17.00 36.17 -33.13
C GLN C 508 17.71 36.86 -34.29
N CYS C 509 19.04 36.86 -34.32
CA CYS C 509 19.76 37.41 -35.45
C CYS C 509 19.49 36.59 -36.70
N SER C 510 20.01 37.07 -37.83
CA SER C 510 19.67 36.51 -39.13
C SER C 510 20.00 35.02 -39.21
N SER C 511 19.24 34.33 -40.08
CA SER C 511 19.37 32.89 -40.22
C SER C 511 20.78 32.47 -40.58
N GLU C 512 21.39 33.15 -41.56
CA GLU C 512 22.71 32.78 -42.03
C GLU C 512 23.82 33.55 -41.32
N CYS C 513 23.59 33.97 -40.07
CA CYS C 513 24.60 34.71 -39.33
C CYS C 513 25.85 33.88 -39.12
N GLN C 514 27.01 34.51 -39.26
CA GLN C 514 28.28 33.81 -39.15
C GLN C 514 28.76 33.64 -37.71
N ASN C 515 27.91 33.90 -36.72
CA ASN C 515 28.32 33.81 -35.32
C ASN C 515 27.58 32.72 -34.57
N ARG C 516 26.68 32.00 -35.23
CA ARG C 516 25.96 30.90 -34.61
C ARG C 516 26.90 29.70 -34.48
N PHE C 517 26.79 28.98 -33.38
CA PHE C 517 27.60 27.78 -33.21
C PHE C 517 27.19 26.72 -34.22
N PRO C 518 28.13 26.03 -34.83
CA PRO C 518 27.77 25.19 -35.97
C PRO C 518 27.21 23.82 -35.60
N GLY C 519 27.59 23.28 -34.44
CA GLY C 519 27.27 21.91 -34.09
C GLY C 519 28.34 20.96 -34.61
N CYS C 520 28.07 19.66 -34.52
CA CYS C 520 29.03 18.65 -34.95
C CYS C 520 28.33 17.56 -35.74
N ARG C 521 29.13 16.79 -36.47
CA ARG C 521 28.64 15.69 -37.30
C ARG C 521 29.21 14.34 -36.87
N CYS C 522 29.74 14.24 -35.65
CA CYS C 522 30.38 13.02 -35.22
C CYS C 522 29.42 11.85 -35.33
N LYS C 523 29.97 10.66 -35.53
CA LYS C 523 29.15 9.45 -35.55
C LYS C 523 28.79 9.01 -34.14
N ALA C 524 29.68 9.22 -33.18
CA ALA C 524 29.45 8.79 -31.81
C ALA C 524 30.52 9.42 -30.92
N GLN C 525 30.36 9.21 -29.61
CA GLN C 525 31.35 9.56 -28.59
C GLN C 525 31.41 11.04 -28.30
N CYS C 526 31.81 11.85 -29.29
CA CYS C 526 31.94 13.30 -29.12
C CYS C 526 32.81 13.66 -27.90
N ASN C 527 33.80 12.81 -27.59
CA ASN C 527 34.50 12.90 -26.31
C ASN C 527 35.96 13.29 -26.42
N THR C 528 36.45 13.63 -27.62
CA THR C 528 37.81 14.12 -27.79
C THR C 528 37.78 15.39 -28.62
N LYS C 529 38.92 16.10 -28.63
CA LYS C 529 38.98 17.45 -29.19
C LYS C 529 38.59 17.53 -30.66
N GLN C 530 38.41 16.39 -31.35
CA GLN C 530 38.06 16.43 -32.77
C GLN C 530 36.69 17.06 -32.99
N CYS C 531 35.81 16.98 -32.01
CA CYS C 531 34.44 17.43 -32.19
C CYS C 531 34.32 18.88 -31.75
N PRO C 532 34.00 19.80 -32.67
CA PRO C 532 33.99 21.23 -32.31
C PRO C 532 33.05 21.59 -31.18
N CYS C 533 32.07 20.75 -30.90
CA CYS C 533 31.25 20.94 -29.70
C CYS C 533 32.11 20.74 -28.44
N TYR C 534 32.77 19.59 -28.35
CA TYR C 534 33.65 19.33 -27.21
C TYR C 534 34.76 20.37 -27.11
N LEU C 535 35.46 20.63 -28.22
CA LEU C 535 36.62 21.52 -28.20
C LEU C 535 36.25 22.94 -27.78
N ALA C 536 34.99 23.34 -27.95
CA ALA C 536 34.53 24.64 -27.52
C ALA C 536 33.98 24.62 -26.10
N VAL C 537 34.28 23.56 -25.34
CA VAL C 537 33.78 23.37 -23.99
C VAL C 537 32.27 23.47 -23.99
N ARG C 538 31.60 22.59 -24.73
CA ARG C 538 30.15 22.63 -24.85
C ARG C 538 29.57 21.23 -24.98
N GLU C 539 28.33 21.10 -24.51
CA GLU C 539 27.51 19.94 -24.83
C GLU C 539 26.73 20.23 -26.12
N CYS C 540 26.44 19.15 -26.85
CA CYS C 540 25.75 19.29 -28.13
C CYS C 540 24.38 19.94 -27.96
N ASP C 541 23.96 20.67 -28.99
CA ASP C 541 22.65 21.29 -29.02
C ASP C 541 21.68 20.32 -29.69
N PRO C 542 20.73 19.73 -28.96
CA PRO C 542 19.98 18.60 -29.53
C PRO C 542 18.96 19.01 -30.59
N ASP C 543 19.09 20.22 -31.14
CA ASP C 543 18.38 20.57 -32.36
C ASP C 543 19.32 20.78 -33.54
N LEU C 544 20.63 20.63 -33.33
CA LEU C 544 21.62 20.78 -34.40
C LEU C 544 22.40 19.49 -34.62
N CYS C 545 23.10 19.01 -33.60
CA CYS C 545 23.96 17.84 -33.74
C CYS C 545 23.10 16.59 -33.93
N LEU C 546 22.44 16.47 -35.08
CA LEU C 546 21.50 15.38 -35.29
C LEU C 546 22.20 14.04 -35.52
N THR C 547 23.48 14.07 -35.87
CA THR C 547 24.22 12.87 -36.26
C THR C 547 24.92 12.18 -35.08
N CYS C 548 25.31 12.93 -34.05
CA CYS C 548 26.07 12.32 -32.96
C CYS C 548 25.17 11.50 -32.04
N GLY C 549 23.89 11.88 -31.93
CA GLY C 549 22.97 11.13 -31.11
C GLY C 549 22.15 11.97 -30.15
N ALA C 550 22.39 13.28 -30.13
CA ALA C 550 21.51 14.16 -29.37
C ALA C 550 20.15 14.19 -30.05
N ALA C 551 19.08 14.20 -29.27
CA ALA C 551 17.67 14.24 -29.67
C ALA C 551 17.16 12.93 -30.22
N ASP C 552 17.91 11.83 -30.09
CA ASP C 552 17.47 10.54 -30.61
C ASP C 552 17.55 9.52 -29.48
N HIS C 553 16.46 8.77 -29.28
CA HIS C 553 16.35 7.78 -28.21
C HIS C 553 16.52 8.46 -26.84
N ARG C 554 15.69 9.48 -26.61
CA ARG C 554 15.73 10.22 -25.36
C ARG C 554 15.29 9.38 -24.17
N ASP C 555 14.53 8.31 -24.42
CA ASP C 555 14.19 7.39 -23.35
C ASP C 555 15.45 6.84 -22.70
N SER C 556 16.48 6.60 -23.50
CA SER C 556 17.73 6.09 -22.97
C SER C 556 18.56 7.23 -22.39
N LYS C 557 19.45 6.86 -21.48
CA LYS C 557 20.51 7.72 -21.01
C LYS C 557 21.86 7.19 -21.43
N ASN C 558 21.87 5.98 -22.00
CA ASN C 558 23.04 5.39 -22.65
C ASN C 558 22.87 5.62 -24.15
N VAL C 559 23.24 6.82 -24.58
CA VAL C 559 23.07 7.24 -25.94
C VAL C 559 24.41 7.07 -26.67
N SER C 560 24.36 7.18 -28.00
CA SER C 560 25.60 7.12 -28.78
C SER C 560 26.51 8.31 -28.47
N CYS C 561 25.94 9.50 -28.31
CA CYS C 561 26.72 10.70 -28.02
C CYS C 561 26.97 10.78 -26.52
N LYS C 562 28.24 10.85 -26.14
CA LYS C 562 28.62 10.86 -24.73
C LYS C 562 28.83 12.26 -24.19
N ASN C 563 28.62 13.29 -25.01
CA ASN C 563 28.75 14.67 -24.57
C ASN C 563 27.37 15.32 -24.49
N CYS C 564 26.47 14.73 -23.72
CA CYS C 564 25.17 15.34 -23.43
C CYS C 564 24.60 14.77 -22.14
N SER C 565 25.48 14.25 -21.27
CA SER C 565 25.01 13.63 -20.04
C SER C 565 24.52 14.64 -19.02
N ILE C 566 24.88 15.91 -19.14
CA ILE C 566 24.46 16.91 -18.16
C ILE C 566 23.01 17.34 -18.41
N GLN C 567 22.69 17.73 -19.65
CA GLN C 567 21.34 18.22 -19.95
C GLN C 567 20.29 17.15 -19.74
N ARG C 568 20.65 15.89 -20.01
CA ARG C 568 19.72 14.78 -19.80
C ARG C 568 19.66 14.35 -18.33
N GLY C 569 20.74 14.51 -17.58
CA GLY C 569 20.76 14.05 -16.22
C GLY C 569 21.05 12.57 -16.11
N SER C 570 22.14 12.14 -16.73
CA SER C 570 22.55 10.73 -16.69
C SER C 570 23.44 10.47 -15.49
N LYS C 571 22.98 10.92 -14.33
CA LYS C 571 23.78 10.85 -13.11
C LYS C 571 23.67 9.50 -12.41
N LYS C 572 24.80 9.01 -11.92
CA LYS C 572 24.90 7.72 -11.23
C LYS C 572 24.29 7.81 -9.84
N HIS C 573 24.12 6.65 -9.21
CA HIS C 573 23.52 6.55 -7.90
C HIS C 573 24.51 7.06 -6.86
N LEU C 574 24.09 8.02 -6.05
CA LEU C 574 24.96 8.60 -5.03
C LEU C 574 24.44 8.23 -3.65
N LEU C 575 25.39 8.04 -2.72
CA LEU C 575 25.09 7.60 -1.37
C LEU C 575 25.86 8.46 -0.36
N LEU C 576 25.23 8.72 0.78
CA LEU C 576 25.74 9.65 1.77
C LEU C 576 26.11 8.93 3.08
N ALA C 577 27.19 9.38 3.70
CA ALA C 577 27.66 8.88 4.99
C ALA C 577 28.63 9.91 5.55
N PRO C 578 28.96 9.83 6.84
CA PRO C 578 29.96 10.77 7.38
C PRO C 578 31.29 10.59 6.69
N SER C 579 31.92 11.70 6.33
CA SER C 579 33.18 11.64 5.61
C SER C 579 34.29 11.09 6.50
N ASP C 580 35.28 10.48 5.86
CA ASP C 580 36.47 9.95 6.51
C ASP C 580 37.50 11.03 6.84
N VAL C 581 37.31 12.26 6.37
CA VAL C 581 38.19 13.37 6.72
C VAL C 581 37.49 14.28 7.72
N ALA C 582 36.48 15.03 7.26
CA ALA C 582 35.72 15.90 8.15
C ALA C 582 34.45 16.32 7.45
N GLY C 583 33.36 16.37 8.20
CA GLY C 583 32.06 16.75 7.69
C GLY C 583 31.33 15.58 7.08
N TRP C 584 30.27 15.92 6.36
CA TRP C 584 29.52 14.93 5.60
C TRP C 584 30.19 14.74 4.25
N GLY C 585 30.20 13.50 3.76
CA GLY C 585 30.81 13.19 2.48
C GLY C 585 29.94 12.27 1.65
N ILE C 586 30.23 12.23 0.35
CA ILE C 586 29.44 11.48 -0.61
C ILE C 586 30.21 10.27 -1.11
N PHE C 587 29.48 9.18 -1.35
CA PHE C 587 30.01 7.90 -1.83
C PHE C 587 29.35 7.55 -3.15
N ILE C 588 29.93 6.58 -3.85
CA ILE C 588 29.43 6.14 -5.15
C ILE C 588 29.05 4.66 -5.08
N LYS C 589 27.95 4.30 -5.73
CA LYS C 589 27.41 2.94 -5.64
C LYS C 589 28.16 1.96 -6.53
N ASP C 590 28.11 2.17 -7.84
CA ASP C 590 28.63 1.24 -8.83
C ASP C 590 29.92 1.77 -9.44
N PRO C 591 30.74 0.90 -10.04
CA PRO C 591 32.04 1.35 -10.55
C PRO C 591 31.89 2.33 -11.70
N VAL C 592 32.92 3.15 -11.88
CA VAL C 592 32.91 4.24 -12.85
C VAL C 592 34.25 4.30 -13.58
N GLN C 593 34.19 4.49 -14.89
CA GLN C 593 35.37 4.51 -15.76
C GLN C 593 36.11 5.84 -15.64
N LYS C 594 37.17 5.98 -16.44
CA LYS C 594 37.93 7.22 -16.49
C LYS C 594 37.18 8.26 -17.31
N ASN C 595 37.05 9.47 -16.75
CA ASN C 595 36.36 10.59 -17.38
C ASN C 595 34.93 10.21 -17.78
N GLU C 596 34.17 9.78 -16.77
CA GLU C 596 32.76 9.43 -16.94
C GLU C 596 31.88 10.32 -16.08
N PHE C 597 30.64 10.50 -16.53
CA PHE C 597 29.71 11.41 -15.88
C PHE C 597 29.14 10.81 -14.61
N ILE C 598 29.21 11.59 -13.54
CA ILE C 598 28.69 11.20 -12.23
C ILE C 598 27.42 11.97 -11.88
N SER C 599 27.49 13.30 -11.93
CA SER C 599 26.38 14.17 -11.58
C SER C 599 26.69 15.62 -11.94
N GLU C 600 25.65 16.43 -12.06
CA GLU C 600 25.77 17.88 -12.16
C GLU C 600 25.92 18.49 -10.77
N TYR C 601 26.55 19.66 -10.70
CA TYR C 601 26.64 20.44 -9.46
C TYR C 601 25.65 21.60 -9.49
N CYS C 602 24.66 21.58 -8.60
CA CYS C 602 23.56 22.55 -8.64
C CYS C 602 23.48 23.42 -7.39
N GLY C 603 22.85 24.57 -7.55
CA GLY C 603 22.71 25.51 -6.46
C GLY C 603 21.94 26.73 -6.89
N GLU C 604 22.07 27.79 -6.11
CA GLU C 604 21.43 29.06 -6.43
C GLU C 604 22.30 29.86 -7.38
N ILE C 605 21.66 30.54 -8.33
CA ILE C 605 22.35 31.43 -9.25
C ILE C 605 22.34 32.83 -8.66
N ILE C 606 23.51 33.33 -8.27
CA ILE C 606 23.64 34.65 -7.68
C ILE C 606 24.67 35.45 -8.48
N SER C 607 24.51 36.77 -8.44
CA SER C 607 25.46 37.68 -9.08
C SER C 607 26.74 37.76 -8.23
N GLN C 608 27.73 38.49 -8.75
CA GLN C 608 28.96 38.67 -7.98
C GLN C 608 28.72 39.53 -6.74
N ASP C 609 27.79 40.49 -6.81
CA ASP C 609 27.54 41.34 -5.65
C ASP C 609 26.81 40.57 -4.55
N GLU C 610 25.90 39.66 -4.93
CA GLU C 610 25.23 38.84 -3.94
C GLU C 610 26.12 37.71 -3.46
N ALA C 611 26.94 37.13 -4.34
CA ALA C 611 27.86 36.08 -3.91
C ALA C 611 28.99 36.62 -3.05
N ASP C 612 29.44 37.86 -3.31
CA ASP C 612 30.51 38.44 -2.50
C ASP C 612 29.99 38.99 -1.18
N ARG C 613 28.79 39.58 -1.18
CA ARG C 613 28.23 40.12 0.06
C ARG C 613 27.82 39.00 1.02
N ARG C 614 27.25 37.92 0.48
CA ARG C 614 26.95 36.76 1.33
C ARG C 614 28.24 36.13 1.83
N GLY C 615 29.35 36.35 1.11
CA GLY C 615 30.67 35.90 1.53
C GLY C 615 31.16 36.48 2.84
N LYS C 616 30.52 37.53 3.36
CA LYS C 616 30.86 38.01 4.69
C LYS C 616 30.42 37.00 5.74
N VAL C 617 29.13 36.64 5.73
CA VAL C 617 28.63 35.64 6.66
C VAL C 617 29.08 34.24 6.24
N TYR C 618 29.17 34.00 4.93
CA TYR C 618 29.50 32.68 4.42
C TYR C 618 30.92 32.27 4.80
N ASP C 619 31.89 33.17 4.59
CA ASP C 619 33.27 32.88 4.92
C ASP C 619 33.51 32.91 6.42
N LYS C 620 32.59 33.52 7.18
CA LYS C 620 32.77 33.75 8.61
C LYS C 620 32.76 32.44 9.41
N TYR C 621 32.35 31.33 8.80
CA TYR C 621 32.49 30.01 9.41
C TYR C 621 33.65 29.26 8.80
N MET C 622 34.45 29.92 7.95
CA MET C 622 35.58 29.29 7.25
C MET C 622 35.13 28.01 6.57
N CYS C 623 34.02 28.11 5.84
CA CYS C 623 33.40 26.96 5.18
C CYS C 623 32.53 27.52 4.06
N SER C 624 33.06 27.50 2.84
CA SER C 624 32.38 28.05 1.68
C SER C 624 32.06 26.96 0.66
N PHE C 625 30.86 27.05 0.09
CA PHE C 625 30.36 26.07 -0.87
C PHE C 625 30.00 26.68 -2.21
N LEU C 626 30.55 27.85 -2.54
CA LEU C 626 30.20 28.53 -3.78
C LEU C 626 31.32 28.39 -4.81
N PHE C 627 30.93 28.28 -6.08
CA PHE C 627 31.84 28.11 -7.21
C PHE C 627 31.49 29.10 -8.31
N ASN C 628 32.52 29.61 -8.97
CA ASN C 628 32.32 30.60 -10.03
C ASN C 628 31.75 29.92 -11.26
N LEU C 629 30.51 30.24 -11.60
CA LEU C 629 29.91 29.70 -12.81
C LEU C 629 30.46 30.43 -14.03
N ASN C 630 30.48 31.75 -13.98
CA ASN C 630 31.12 32.58 -14.99
C ASN C 630 31.45 33.92 -14.33
N ASN C 631 31.80 34.91 -15.16
CA ASN C 631 32.15 36.23 -14.64
C ASN C 631 30.96 36.92 -13.98
N ASP C 632 29.75 36.66 -14.46
CA ASP C 632 28.56 37.39 -14.03
C ASP C 632 27.71 36.68 -12.98
N PHE C 633 27.68 35.34 -12.98
CA PHE C 633 26.81 34.60 -12.06
C PHE C 633 27.60 33.52 -11.35
N VAL C 634 27.11 33.13 -10.17
CA VAL C 634 27.81 32.20 -9.30
C VAL C 634 26.82 31.17 -8.77
N VAL C 635 27.29 29.94 -8.60
CA VAL C 635 26.50 28.87 -7.99
C VAL C 635 26.74 28.87 -6.48
N ASP C 636 25.72 28.45 -5.73
CA ASP C 636 25.75 28.47 -4.27
C ASP C 636 25.14 27.15 -3.79
N ALA C 637 25.94 26.31 -3.14
CA ALA C 637 25.50 24.96 -2.81
C ALA C 637 24.96 24.81 -1.40
N THR C 638 24.95 25.85 -0.57
CA THR C 638 24.35 25.70 0.75
C THR C 638 22.83 25.64 0.62
N ARG C 639 22.28 26.54 -0.18
CA ARG C 639 20.84 26.63 -0.44
C ARG C 639 20.58 25.83 -1.71
N LYS C 640 20.01 24.63 -1.55
CA LYS C 640 19.59 23.74 -2.63
C LYS C 640 20.79 23.05 -3.24
N GLY C 641 20.71 21.73 -3.43
CA GLY C 641 21.85 20.99 -3.93
C GLY C 641 21.42 19.70 -4.57
N ASN C 642 22.41 18.87 -4.90
CA ASN C 642 22.12 17.60 -5.58
C ASN C 642 22.29 16.45 -4.59
N LYS C 643 23.53 16.23 -4.17
CA LYS C 643 24.03 15.10 -3.39
C LYS C 643 25.54 15.20 -3.54
N ILE C 644 25.96 15.53 -4.77
CA ILE C 644 27.37 15.66 -5.08
C ILE C 644 27.98 16.90 -4.47
N ARG C 645 27.12 17.81 -3.96
CA ARG C 645 27.62 18.95 -3.21
C ARG C 645 28.28 18.52 -1.90
N PHE C 646 28.19 17.22 -1.56
CA PHE C 646 28.80 16.64 -0.37
C PHE C 646 30.13 15.97 -0.70
N ALA C 647 30.79 16.38 -1.78
CA ALA C 647 32.10 15.88 -2.14
C ALA C 647 33.19 16.70 -1.45
N ASN C 648 34.10 16.02 -0.76
CA ASN C 648 35.13 16.73 -0.02
C ASN C 648 36.25 17.20 -0.94
N HIS C 649 37.00 18.20 -0.47
CA HIS C 649 38.09 18.78 -1.22
C HIS C 649 39.36 17.94 -1.14
N SER C 650 40.17 17.98 -2.21
CA SER C 650 41.50 17.40 -2.21
C SER C 650 42.28 17.87 -3.41
N VAL C 651 43.57 18.10 -3.21
CA VAL C 651 44.43 18.48 -4.34
C VAL C 651 45.00 17.24 -4.99
N ASN C 652 44.88 16.07 -4.35
CA ASN C 652 45.23 14.81 -4.97
C ASN C 652 43.97 13.95 -5.11
N PRO C 653 42.87 14.44 -5.76
CA PRO C 653 41.61 13.68 -5.72
C PRO C 653 41.42 12.75 -6.91
N ASN C 654 40.28 12.05 -6.96
CA ASN C 654 39.94 11.19 -8.08
C ASN C 654 38.80 11.73 -8.92
N CYS C 655 38.33 12.94 -8.65
CA CYS C 655 37.29 13.53 -9.48
C CYS C 655 37.64 14.98 -9.78
N TYR C 656 36.96 15.52 -10.78
CA TYR C 656 37.26 16.87 -11.26
C TYR C 656 36.01 17.53 -11.79
N ALA C 657 36.06 18.85 -11.84
CA ALA C 657 34.96 19.68 -12.31
C ALA C 657 35.30 20.26 -13.67
N LYS C 658 34.36 20.15 -14.60
CA LYS C 658 34.47 20.77 -15.91
C LYS C 658 33.26 21.69 -16.09
N VAL C 659 33.51 22.98 -16.25
CA VAL C 659 32.44 23.98 -16.32
C VAL C 659 32.07 24.15 -17.79
N MET C 660 31.19 23.28 -18.26
CA MET C 660 30.78 23.28 -19.66
C MET C 660 29.60 24.23 -19.85
N MET C 661 29.21 24.38 -21.11
CA MET C 661 28.13 25.26 -21.51
C MET C 661 27.02 24.39 -22.07
N VAL C 662 25.79 24.66 -21.64
CA VAL C 662 24.65 23.83 -22.02
C VAL C 662 23.50 24.76 -22.39
N ASN C 663 23.29 24.93 -23.70
CA ASN C 663 22.11 25.58 -24.25
C ASN C 663 21.78 26.91 -23.57
N GLY C 664 22.79 27.77 -23.47
CA GLY C 664 22.64 29.08 -22.88
C GLY C 664 22.98 29.15 -21.39
N ASP C 665 22.81 28.06 -20.67
CA ASP C 665 23.09 28.01 -19.24
C ASP C 665 24.47 27.42 -19.03
N HIS C 666 25.35 28.16 -18.35
CA HIS C 666 26.60 27.57 -17.87
C HIS C 666 26.28 26.61 -16.74
N ARG C 667 26.82 25.40 -16.82
CA ARG C 667 26.57 24.36 -15.83
C ARG C 667 27.88 23.70 -15.42
N ILE C 668 27.90 23.13 -14.22
CA ILE C 668 29.09 22.51 -13.64
C ILE C 668 28.92 21.00 -13.59
N GLY C 669 29.83 20.26 -14.22
CA GLY C 669 29.78 18.80 -14.24
C GLY C 669 30.85 18.15 -13.38
N ILE C 670 30.52 16.99 -12.81
CA ILE C 670 31.45 16.19 -12.01
C ILE C 670 31.79 14.91 -12.75
N PHE C 671 33.09 14.67 -12.94
CA PHE C 671 33.60 13.50 -13.65
C PHE C 671 34.78 12.91 -12.90
N ALA C 672 35.06 11.64 -13.20
CA ALA C 672 36.11 10.88 -12.53
C ALA C 672 37.47 11.11 -13.17
N LYS C 673 38.47 11.42 -12.33
CA LYS C 673 39.84 11.56 -12.80
C LYS C 673 40.41 10.22 -13.26
N ARG C 674 40.06 9.14 -12.57
CA ARG C 674 40.47 7.78 -12.94
C ARG C 674 39.29 6.82 -12.86
N ALA C 675 39.57 5.52 -12.88
CA ALA C 675 38.53 4.53 -12.62
C ALA C 675 38.31 4.42 -11.12
N ILE C 676 37.05 4.20 -10.73
CA ILE C 676 36.64 4.17 -9.33
C ILE C 676 35.93 2.86 -9.06
N GLN C 677 36.30 2.20 -7.97
CA GLN C 677 35.76 0.89 -7.64
C GLN C 677 34.48 1.06 -6.82
N THR C 678 33.80 -0.07 -6.59
CA THR C 678 32.53 -0.06 -5.90
C THR C 678 32.67 0.52 -4.50
N GLY C 679 32.06 1.67 -4.26
CA GLY C 679 31.95 2.19 -2.92
C GLY C 679 33.08 3.10 -2.47
N GLU C 680 33.81 3.71 -3.40
CA GLU C 680 34.85 4.66 -3.03
C GLU C 680 34.24 6.05 -2.76
N GLU C 681 34.84 6.78 -1.83
CA GLU C 681 34.39 8.13 -1.52
C GLU C 681 35.02 9.13 -2.48
N LEU C 682 34.19 10.04 -2.99
CA LEU C 682 34.55 10.94 -4.07
C LEU C 682 35.06 12.28 -3.56
N PHE C 683 36.19 12.73 -4.11
CA PHE C 683 36.78 14.04 -3.84
C PHE C 683 37.05 14.75 -5.15
N PHE C 684 37.11 16.08 -5.13
CA PHE C 684 37.58 16.82 -6.30
C PHE C 684 38.28 18.10 -5.85
N ASP C 685 39.02 18.70 -6.78
CA ASP C 685 39.82 19.89 -6.50
C ASP C 685 38.94 21.14 -6.49
N TYR C 686 38.83 21.79 -5.32
CA TYR C 686 38.02 23.00 -5.20
C TYR C 686 38.70 24.22 -5.84
N ARG C 687 40.04 24.24 -5.88
CA ARG C 687 40.73 25.45 -6.32
C ARG C 687 40.42 25.77 -7.77
N TYR C 688 40.42 24.75 -8.64
CA TYR C 688 40.34 24.96 -10.07
C TYR C 688 38.97 25.47 -10.53
N SER C 689 37.95 25.34 -9.69
CA SER C 689 36.61 25.83 -10.03
C SER C 689 36.15 26.93 -9.07
N TYR C 729 25.34 4.04 5.87
CA TYR C 729 24.73 4.98 4.92
C TYR C 729 23.52 5.74 5.48
N PHE C 730 23.31 6.97 5.01
CA PHE C 730 22.26 7.85 5.54
C PHE C 730 21.45 8.44 4.39
N HIS C 731 20.15 8.63 4.64
CA HIS C 731 19.30 9.26 3.64
C HIS C 731 19.73 10.71 3.45
N SER C 732 19.35 11.29 2.32
CA SER C 732 19.79 12.65 2.01
C SER C 732 18.92 13.71 2.69
N ASP C 733 17.59 13.57 2.59
CA ASP C 733 16.71 14.59 3.11
C ASP C 733 16.56 14.51 4.63
N THR C 734 16.70 13.33 5.21
CA THR C 734 16.34 13.10 6.61
C THR C 734 17.51 12.77 7.53
N CYS C 735 18.67 12.41 6.97
CA CYS C 735 19.88 12.08 7.74
C CYS C 735 19.66 10.88 8.67
N LEU C 736 18.78 9.98 8.27
CA LEU C 736 18.52 8.75 9.02
C LEU C 736 19.19 7.55 8.34
N PRO C 737 19.32 6.42 9.06
CA PRO C 737 20.07 5.27 8.53
C PRO C 737 19.40 4.50 7.40
N LEU C 738 20.25 3.98 6.49
CA LEU C 738 19.86 3.13 5.36
C LEU C 738 19.94 1.66 5.74
N ARG C 739 18.78 1.10 6.04
CA ARG C 739 18.65 -0.30 6.38
C ARG C 739 19.22 -1.14 5.24
N PRO C 740 19.68 -2.35 5.53
CA PRO C 740 20.30 -3.17 4.47
C PRO C 740 19.31 -3.68 3.43
N GLN C 741 18.01 -3.74 3.78
CA GLN C 741 17.01 -4.38 2.93
C GLN C 741 16.78 -3.65 1.61
N GLU C 742 16.87 -2.33 1.60
CA GLU C 742 16.43 -1.51 0.47
C GLU C 742 17.57 -0.60 0.01
N MET C 743 18.71 -1.24 -0.28
CA MET C 743 19.91 -0.56 -0.75
C MET C 743 20.04 -0.61 -2.27
N GLU C 744 18.94 -0.99 -2.94
CA GLU C 744 18.94 -1.13 -4.40
C GLU C 744 18.34 0.04 -5.17
N VAL C 745 17.24 0.58 -4.67
CA VAL C 745 16.58 1.69 -5.32
C VAL C 745 17.02 2.97 -4.63
N ASP C 746 16.12 3.60 -3.90
CA ASP C 746 16.49 4.82 -3.17
C ASP C 746 16.77 5.93 -4.19
N SER C 747 17.93 6.58 -4.15
CA SER C 747 18.30 7.61 -5.12
C SER C 747 17.23 8.68 -5.19
N GLU C 748 16.75 9.11 -4.02
CA GLU C 748 15.71 10.13 -3.94
C GLU C 748 16.15 11.46 -4.56
N ASP C 749 16.25 11.47 -5.89
CA ASP C 749 16.59 12.66 -6.65
C ASP C 749 16.08 12.49 -8.08
N GLU C 750 14.79 12.69 -8.29
CA GLU C 750 14.18 12.50 -9.60
C GLU C 750 14.13 13.84 -10.35
N LYS C 751 13.25 13.98 -11.34
CA LYS C 751 13.25 15.18 -12.16
C LYS C 751 12.49 16.31 -11.49
N ASP C 752 11.35 16.02 -10.88
CA ASP C 752 10.55 17.05 -10.22
C ASP C 752 10.46 16.80 -8.73
N PRO C 753 11.17 17.54 -7.88
CA PRO C 753 10.94 17.41 -6.44
C PRO C 753 9.62 18.05 -6.07
N GLU C 754 9.12 17.70 -4.89
CA GLU C 754 7.79 18.15 -4.52
C GLU C 754 7.74 19.66 -4.31
N TRP C 755 8.83 20.25 -3.81
CA TRP C 755 8.77 21.65 -3.41
C TRP C 755 8.79 22.62 -4.59
N LEU C 756 9.43 22.25 -5.71
CA LEU C 756 9.41 23.14 -6.86
C LEU C 756 8.01 23.23 -7.46
N ARG C 757 7.33 22.09 -7.57
CA ARG C 757 5.98 22.08 -8.11
C ARG C 757 5.05 22.98 -7.32
N GLU C 758 5.35 23.20 -6.04
CA GLU C 758 4.54 24.11 -5.25
C GLU C 758 4.96 25.56 -5.47
N LYS C 759 6.27 25.82 -5.46
CA LYS C 759 6.76 27.18 -5.61
C LYS C 759 6.36 27.77 -6.96
N THR C 760 6.29 26.94 -7.99
CA THR C 760 5.87 27.44 -9.30
C THR C 760 4.39 27.77 -9.34
N ILE C 761 3.57 27.05 -8.57
CA ILE C 761 2.16 27.43 -8.45
C ILE C 761 2.03 28.68 -7.61
N THR C 762 2.90 28.84 -6.61
CA THR C 762 2.91 30.05 -5.80
C THR C 762 3.23 31.27 -6.65
N GLN C 763 4.17 31.14 -7.58
CA GLN C 763 4.62 32.29 -8.37
C GLN C 763 3.68 32.61 -9.53
N ILE C 764 2.93 31.61 -10.03
CA ILE C 764 1.94 31.86 -11.06
C ILE C 764 0.77 32.65 -10.48
N GLU C 765 0.28 32.22 -9.32
CA GLU C 765 -0.90 32.83 -8.71
C GLU C 765 -0.66 34.29 -8.35
N GLU C 766 0.62 34.69 -8.20
CA GLU C 766 0.95 36.01 -7.70
C GLU C 766 0.65 37.14 -8.69
N PHE C 767 0.55 36.84 -9.98
CA PHE C 767 0.42 37.90 -10.99
C PHE C 767 -1.00 38.47 -10.98
N SER C 768 -1.11 39.78 -10.72
CA SER C 768 -2.41 40.44 -10.63
C SER C 768 -2.94 40.87 -12.00
N ASP C 769 -2.12 40.85 -13.04
CA ASP C 769 -2.51 41.28 -14.37
C ASP C 769 -2.92 40.13 -15.29
N VAL C 770 -2.79 38.88 -14.84
CA VAL C 770 -3.13 37.70 -15.64
C VAL C 770 -4.43 37.12 -15.08
N ASN C 771 -5.35 36.77 -15.98
CA ASN C 771 -6.67 36.30 -15.58
C ASN C 771 -6.62 34.92 -14.92
N GLU C 772 -7.79 34.52 -14.41
CA GLU C 772 -7.97 33.36 -13.55
C GLU C 772 -8.01 32.04 -14.32
N GLY C 773 -8.24 32.11 -15.63
CA GLY C 773 -8.13 30.93 -16.49
C GLY C 773 -6.74 30.64 -17.01
N GLU C 774 -6.05 31.69 -17.45
CA GLU C 774 -4.71 31.53 -18.01
C GLU C 774 -3.71 31.00 -17.00
N LYS C 775 -3.90 31.32 -15.71
CA LYS C 775 -2.96 30.83 -14.71
C LYS C 775 -3.01 29.31 -14.61
N GLU C 776 -4.20 28.72 -14.67
CA GLU C 776 -4.31 27.28 -14.50
C GLU C 776 -3.89 26.51 -15.76
N VAL C 777 -3.50 27.21 -16.83
CA VAL C 777 -2.90 26.53 -17.97
C VAL C 777 -1.39 26.56 -17.86
N MET C 778 -0.82 27.70 -17.45
CA MET C 778 0.61 27.78 -17.22
C MET C 778 1.04 26.93 -16.03
N LYS C 779 0.17 26.78 -15.02
CA LYS C 779 0.48 25.88 -13.92
C LYS C 779 0.58 24.44 -14.41
N LEU C 780 -0.33 24.04 -15.30
CA LEU C 780 -0.31 22.67 -15.79
C LEU C 780 0.87 22.42 -16.73
N TRP C 781 1.23 23.42 -17.54
CA TRP C 781 2.35 23.24 -18.46
C TRP C 781 3.66 23.10 -17.68
N ASN C 782 3.89 23.99 -16.71
CA ASN C 782 5.10 23.89 -15.91
C ASN C 782 5.20 22.53 -15.23
N LEU C 783 4.07 22.02 -14.73
CA LEU C 783 4.07 20.72 -14.07
C LEU C 783 4.31 19.59 -15.06
N HIS C 784 3.75 19.70 -16.26
CA HIS C 784 4.00 18.68 -17.28
C HIS C 784 5.45 18.72 -17.75
N VAL C 785 5.99 19.92 -17.98
CA VAL C 785 7.36 20.05 -18.45
C VAL C 785 8.33 19.48 -17.41
N MET C 786 8.21 19.94 -16.17
CA MET C 786 9.16 19.52 -15.14
C MET C 786 9.08 18.03 -14.88
N LYS C 787 7.91 17.42 -15.10
CA LYS C 787 7.73 16.01 -14.80
C LYS C 787 8.52 15.13 -15.77
N HIS C 788 8.73 15.58 -17.01
CA HIS C 788 9.39 14.75 -18.00
C HIS C 788 10.85 15.15 -18.27
N GLY C 789 11.17 16.43 -18.20
CA GLY C 789 12.53 16.90 -18.43
C GLY C 789 12.82 17.24 -19.87
N PHE C 790 12.05 18.16 -20.45
CA PHE C 790 12.19 18.54 -21.84
C PHE C 790 13.28 19.59 -21.99
N ILE C 791 14.09 19.47 -23.05
CA ILE C 791 15.21 20.38 -23.24
C ILE C 791 15.52 20.63 -24.71
N ALA C 792 14.54 20.47 -25.59
CA ALA C 792 14.82 20.63 -27.02
C ALA C 792 13.62 21.21 -27.75
N ASP C 793 13.92 22.04 -28.76
CA ASP C 793 12.85 22.61 -29.58
C ASP C 793 12.07 21.54 -30.33
N ASN C 794 12.77 20.49 -30.81
CA ASN C 794 12.08 19.47 -31.59
C ASN C 794 11.09 18.66 -30.75
N GLN C 795 11.31 18.57 -29.44
CA GLN C 795 10.42 17.78 -28.61
C GLN C 795 9.05 18.43 -28.44
N MET C 796 8.94 19.72 -28.73
CA MET C 796 7.72 20.44 -28.37
C MET C 796 6.52 20.01 -29.21
N ASN C 797 6.77 19.42 -30.39
CA ASN C 797 5.69 18.77 -31.12
C ASN C 797 5.16 17.57 -30.34
N HIS C 798 6.07 16.74 -29.83
CA HIS C 798 5.65 15.61 -29.00
C HIS C 798 5.15 16.06 -27.64
N ALA C 799 5.65 17.19 -27.14
CA ALA C 799 5.24 17.65 -25.81
C ALA C 799 3.75 17.98 -25.78
N CYS C 800 3.24 18.63 -26.83
CA CYS C 800 1.84 19.00 -26.86
C CYS C 800 0.94 17.82 -27.21
N MET C 801 1.48 16.76 -27.83
CA MET C 801 0.66 15.59 -28.07
C MET C 801 0.57 14.69 -26.84
N LEU C 802 1.60 14.70 -26.00
CA LEU C 802 1.54 14.00 -24.73
C LEU C 802 0.77 14.77 -23.68
N PHE C 803 0.81 16.11 -23.73
CA PHE C 803 0.05 16.91 -22.80
C PHE C 803 -1.44 16.69 -22.96
N VAL C 804 -1.90 16.46 -24.20
CA VAL C 804 -3.32 16.24 -24.43
C VAL C 804 -3.75 14.89 -23.86
N GLU C 805 -2.97 13.84 -24.14
CA GLU C 805 -3.33 12.51 -23.67
C GLU C 805 -3.41 12.46 -22.15
N ASN C 806 -2.60 13.26 -21.47
CA ASN C 806 -2.44 13.15 -20.02
C ASN C 806 -3.23 14.20 -19.25
N TYR C 807 -3.13 15.47 -19.62
CA TYR C 807 -3.80 16.53 -18.89
C TYR C 807 -5.08 17.00 -19.55
N GLY C 808 -5.37 16.55 -20.77
CA GLY C 808 -6.55 17.04 -21.47
C GLY C 808 -7.84 16.79 -20.73
N GLN C 809 -7.88 15.75 -19.89
CA GLN C 809 -9.08 15.48 -19.09
C GLN C 809 -9.33 16.60 -18.09
N LYS C 810 -8.31 16.94 -17.29
CA LYS C 810 -8.43 18.06 -16.38
C LYS C 810 -8.61 19.38 -17.11
N ILE C 811 -8.24 19.45 -18.40
CA ILE C 811 -8.47 20.67 -19.17
C ILE C 811 -9.96 20.86 -19.45
N ILE C 812 -10.63 19.80 -19.91
CA ILE C 812 -12.06 19.92 -20.20
C ILE C 812 -12.87 19.91 -18.91
N LYS C 813 -12.50 19.07 -17.95
CA LYS C 813 -13.26 18.97 -16.71
C LYS C 813 -13.34 20.31 -15.99
N LYS C 814 -12.30 21.13 -16.09
CA LYS C 814 -12.26 22.43 -15.45
C LYS C 814 -12.46 23.60 -16.42
N ASN C 815 -12.90 23.31 -17.65
CA ASN C 815 -13.16 24.33 -18.67
C ASN C 815 -11.94 25.21 -18.98
N LEU C 816 -11.02 24.66 -19.77
CA LEU C 816 -9.85 25.41 -20.22
C LEU C 816 -9.57 25.17 -21.69
N CYS C 817 -10.56 24.68 -22.45
CA CYS C 817 -10.30 24.32 -23.85
C CYS C 817 -9.86 25.51 -24.67
N ARG C 818 -10.36 26.71 -24.35
CA ARG C 818 -9.99 27.89 -25.11
C ARG C 818 -8.63 28.45 -24.67
N ASN C 819 -8.37 28.50 -23.37
CA ASN C 819 -7.04 28.92 -22.92
C ASN C 819 -5.96 27.97 -23.40
N PHE C 820 -6.26 26.68 -23.50
CA PHE C 820 -5.29 25.75 -24.07
C PHE C 820 -5.05 26.04 -25.54
N MET C 821 -6.05 26.58 -26.23
CA MET C 821 -5.86 26.98 -27.61
C MET C 821 -4.89 28.15 -27.72
N LEU C 822 -5.04 29.14 -26.84
CA LEU C 822 -4.12 30.26 -26.80
C LEU C 822 -2.70 29.81 -26.47
N HIS C 823 -2.56 28.84 -25.57
CA HIS C 823 -1.24 28.30 -25.26
C HIS C 823 -0.59 27.67 -26.48
N LEU C 824 -1.38 27.09 -27.38
CA LEU C 824 -0.81 26.42 -28.55
C LEU C 824 -0.28 27.45 -29.56
N VAL C 825 -1.05 28.49 -29.84
CA VAL C 825 -0.56 29.52 -30.75
C VAL C 825 0.56 30.34 -30.13
N SER C 826 0.70 30.33 -28.80
CA SER C 826 1.89 30.91 -28.19
C SER C 826 3.10 30.02 -28.41
N MET C 827 2.92 28.71 -28.28
CA MET C 827 3.95 27.75 -28.69
C MET C 827 4.31 27.93 -30.15
N HIS C 828 3.31 28.17 -30.99
CA HIS C 828 3.49 28.25 -32.44
C HIS C 828 4.08 29.59 -32.88
N ASP C 829 3.89 30.65 -32.08
CA ASP C 829 4.56 31.92 -32.36
C ASP C 829 6.05 31.84 -32.02
N PHE C 830 6.41 31.09 -30.99
CA PHE C 830 7.81 30.96 -30.61
C PHE C 830 8.58 30.02 -31.52
N ASN C 831 7.93 29.45 -32.54
CA ASN C 831 8.57 28.57 -33.51
C ASN C 831 8.98 27.25 -32.86
N LEU C 832 8.08 26.68 -32.05
CA LEU C 832 8.39 25.46 -31.33
C LEU C 832 7.43 24.33 -31.64
N ILE C 833 6.41 24.56 -32.47
CA ILE C 833 5.55 23.50 -32.96
C ILE C 833 5.14 23.77 -34.40
N SER C 834 4.88 22.70 -35.14
CA SER C 834 4.41 22.74 -36.51
C SER C 834 2.93 23.09 -36.55
N ILE C 835 2.46 23.52 -37.72
CA ILE C 835 1.08 23.98 -37.85
C ILE C 835 0.11 22.82 -37.62
N MET C 836 0.37 21.67 -38.25
CA MET C 836 -0.49 20.51 -38.07
C MET C 836 -0.39 19.95 -36.66
N SER C 837 0.59 20.38 -35.86
CA SER C 837 0.61 20.00 -34.45
C SER C 837 -0.54 20.66 -33.71
N ILE C 838 -0.82 21.93 -34.01
CA ILE C 838 -1.97 22.60 -33.41
C ILE C 838 -3.27 21.96 -33.89
N ASP C 839 -3.33 21.55 -35.15
CA ASP C 839 -4.53 20.88 -35.66
C ASP C 839 -4.67 19.48 -35.07
N LYS C 840 -3.57 18.76 -34.89
CA LYS C 840 -3.66 17.44 -34.29
C LYS C 840 -3.97 17.51 -32.80
N ALA C 841 -3.56 18.61 -32.14
CA ALA C 841 -3.80 18.73 -30.70
C ALA C 841 -5.27 18.98 -30.39
N VAL C 842 -5.88 19.95 -31.08
CA VAL C 842 -7.29 20.27 -30.86
C VAL C 842 -8.17 19.08 -31.21
N THR C 843 -7.81 18.33 -32.24
CA THR C 843 -8.62 17.19 -32.64
C THR C 843 -8.61 16.10 -31.58
N LYS C 844 -7.44 15.81 -31.00
CA LYS C 844 -7.37 14.78 -29.97
C LYS C 844 -8.04 15.26 -28.68
N LEU C 845 -8.20 16.57 -28.52
CA LEU C 845 -8.98 17.06 -27.38
C LEU C 845 -10.47 16.84 -27.63
N ARG C 846 -10.93 17.07 -28.87
CA ARG C 846 -12.35 16.85 -29.17
C ARG C 846 -12.71 15.37 -29.20
N GLU C 847 -11.78 14.52 -29.69
CA GLU C 847 -12.03 13.09 -29.68
C GLU C 847 -12.05 12.55 -28.26
N MET C 848 -11.37 13.26 -27.34
CA MET C 848 -11.45 12.98 -25.92
C MET C 848 -12.68 13.63 -25.30
N GLN C 849 -13.16 14.72 -25.90
CA GLN C 849 -14.28 15.47 -25.34
C GLN C 849 -15.60 14.73 -25.51
N GLN C 850 -15.92 14.28 -26.71
CA GLN C 850 -17.24 13.68 -26.89
C GLN C 850 -17.33 12.26 -26.35
N LYS C 851 -16.47 11.88 -25.40
CA LYS C 851 -16.71 10.66 -24.65
C LYS C 851 -17.69 10.93 -23.52
N LEU C 852 -18.00 12.21 -23.30
CA LEU C 852 -18.73 12.68 -22.15
C LEU C 852 -20.07 13.27 -22.56
N LYS D 84 5.96 34.63 47.45
CA LYS D 84 6.77 34.61 48.67
C LYS D 84 7.80 33.49 48.62
N CYS D 85 9.08 33.87 48.68
CA CYS D 85 10.16 32.88 48.64
C CYS D 85 10.09 31.97 49.86
N VAL D 86 10.56 30.74 49.69
CA VAL D 86 10.45 29.71 50.72
C VAL D 86 11.65 28.77 50.67
N ASN D 87 12.56 28.99 49.72
CA ASN D 87 13.79 28.19 49.63
C ASN D 87 14.79 28.80 48.66
N GLN D 101 10.73 22.48 33.45
CA GLN D 101 9.32 22.14 33.25
C GLN D 101 8.79 21.25 34.37
N PHE D 102 7.62 21.58 34.88
CA PHE D 102 6.93 20.72 35.84
C PHE D 102 6.33 19.51 35.13
N ASN D 103 5.87 18.53 35.92
CA ASN D 103 5.20 17.36 35.37
C ASN D 103 3.70 17.58 35.52
N TRP D 104 3.12 18.26 34.53
CA TRP D 104 1.67 18.51 34.51
C TRP D 104 0.85 17.23 34.26
N HIS D 105 1.50 16.08 34.34
CA HIS D 105 0.85 14.78 34.39
C HIS D 105 1.18 14.10 35.72
N VAL D 140 23.76 13.04 33.90
CA VAL D 140 24.27 13.70 32.70
C VAL D 140 24.76 12.67 31.70
N ASP D 141 24.97 13.11 30.46
CA ASP D 141 25.34 12.22 29.36
C ASP D 141 26.69 11.56 29.66
N ALA D 142 26.97 10.50 28.90
CA ALA D 142 28.29 9.88 28.87
C ALA D 142 29.33 10.74 28.17
N ASP D 143 28.90 11.87 27.62
CA ASP D 143 29.78 12.85 26.97
C ASP D 143 29.62 14.17 27.71
N ALA D 144 30.72 14.66 28.30
CA ALA D 144 30.69 15.90 29.06
C ALA D 144 30.72 17.15 28.19
N ASP D 145 31.01 17.00 26.90
CA ASP D 145 30.81 18.10 25.96
C ASP D 145 29.34 18.28 25.60
N GLU D 146 28.50 17.31 25.93
CA GLU D 146 27.06 17.44 25.75
C GLU D 146 26.49 18.41 26.78
N ASN D 147 25.93 19.52 26.29
CA ASN D 147 25.33 20.55 27.14
C ASN D 147 23.83 20.58 26.83
N PHE D 148 23.06 19.86 27.65
CA PHE D 148 21.61 19.77 27.44
C PHE D 148 20.98 21.15 27.49
N TYR D 149 19.99 21.38 26.63
CA TYR D 149 19.40 22.71 26.45
C TYR D 149 17.94 22.82 26.86
N THR D 150 17.20 21.72 26.97
CA THR D 150 15.79 21.82 27.35
C THR D 150 15.27 20.44 27.73
N CYS D 151 14.03 20.43 28.23
CA CYS D 151 13.34 19.21 28.61
C CYS D 151 11.84 19.42 28.43
N ALA D 152 11.11 18.30 28.38
CA ALA D 152 9.66 18.33 28.25
C ALA D 152 9.12 16.98 28.70
N TRP D 153 7.87 16.98 29.14
CA TRP D 153 7.24 15.83 29.79
C TRP D 153 6.20 15.17 28.90
N THR D 154 5.96 13.89 29.16
CA THR D 154 4.95 13.07 28.47
C THR D 154 4.78 11.79 29.27
N TYR D 155 4.02 10.84 28.73
CA TYR D 155 3.72 9.60 29.43
C TYR D 155 3.53 8.48 28.41
N ASP D 156 2.98 7.35 28.86
CA ASP D 156 2.80 6.15 28.05
C ASP D 156 1.32 5.87 27.85
N SER D 157 1.04 5.06 26.82
CA SER D 157 -0.32 4.70 26.44
C SER D 157 -0.73 3.31 26.88
N ASN D 158 0.20 2.50 27.38
CA ASN D 158 -0.14 1.20 27.94
C ASN D 158 0.23 1.10 29.42
N THR D 159 1.51 1.23 29.76
CA THR D 159 1.95 1.11 31.14
C THR D 159 1.63 2.33 31.99
N SER D 160 1.30 3.47 31.36
CA SER D 160 1.00 4.72 32.05
C SER D 160 2.20 5.27 32.83
N HIS D 161 3.43 4.96 32.38
CA HIS D 161 4.63 5.51 32.98
C HIS D 161 4.85 6.95 32.49
N PRO D 162 5.18 7.88 33.39
CA PRO D 162 5.57 9.22 32.93
C PRO D 162 6.94 9.18 32.26
N LEU D 163 7.14 10.07 31.30
CA LEU D 163 8.37 10.10 30.52
C LEU D 163 8.87 11.53 30.33
N LEU D 164 10.18 11.69 30.21
CA LEU D 164 10.81 12.98 30.01
C LEU D 164 11.68 12.94 28.76
N ALA D 165 11.59 13.98 27.94
CA ALA D 165 12.39 14.10 26.72
C ALA D 165 13.41 15.20 26.90
N VAL D 166 14.63 14.97 26.41
CA VAL D 166 15.74 15.89 26.58
C VAL D 166 16.57 15.95 25.31
N ALA D 167 17.07 17.13 24.99
CA ALA D 167 18.01 17.33 23.89
C ALA D 167 18.87 18.55 24.19
N GLY D 168 20.07 18.57 23.61
CA GLY D 168 20.96 19.70 23.84
C GLY D 168 21.79 20.14 22.65
N SER D 169 22.95 20.70 22.92
CA SER D 169 23.81 21.23 21.87
C SER D 169 24.36 20.14 20.95
N ARG D 170 24.09 18.87 21.23
CA ARG D 170 24.47 17.77 20.35
C ARG D 170 23.37 17.40 19.36
N GLY D 171 22.14 17.87 19.58
CA GLY D 171 21.05 17.55 18.67
C GLY D 171 20.53 16.14 18.80
N ILE D 172 20.54 15.59 20.02
CA ILE D 172 20.17 14.21 20.27
C ILE D 172 18.95 14.18 21.17
N ILE D 173 17.92 13.47 20.74
CA ILE D 173 16.71 13.29 21.54
C ILE D 173 16.85 12.04 22.39
N ARG D 174 16.87 12.22 23.71
CA ARG D 174 16.90 11.11 24.66
C ARG D 174 15.55 11.00 25.36
N ILE D 175 14.96 9.81 25.32
CA ILE D 175 13.67 9.54 25.93
C ILE D 175 13.95 8.74 27.21
N ILE D 176 13.85 9.41 28.36
CA ILE D 176 14.19 8.82 29.65
C ILE D 176 12.92 8.30 30.31
N ASN D 177 13.02 7.10 30.90
CA ASN D 177 11.90 6.43 31.56
C ASN D 177 12.11 6.49 33.08
N PRO D 178 11.45 7.40 33.80
CA PRO D 178 11.67 7.49 35.26
C PRO D 178 11.41 6.22 36.04
N ILE D 179 10.42 5.40 35.61
CA ILE D 179 10.05 4.23 36.40
C ILE D 179 11.13 3.15 36.33
N THR D 180 11.68 2.92 35.14
CA THR D 180 12.69 1.87 34.95
C THR D 180 14.12 2.42 34.97
N MET D 181 14.29 3.74 35.08
CA MET D 181 15.60 4.39 35.22
C MET D 181 16.53 3.99 34.07
N GLN D 182 16.00 4.06 32.84
CA GLN D 182 16.72 3.60 31.67
C GLN D 182 16.34 4.44 30.46
N CYS D 183 17.34 4.85 29.69
CA CYS D 183 17.15 5.58 28.44
C CYS D 183 16.64 4.58 27.41
N ILE D 184 15.32 4.40 27.38
CA ILE D 184 14.74 3.31 26.61
C ILE D 184 14.87 3.57 25.12
N LYS D 185 14.89 4.83 24.70
CA LYS D 185 14.98 5.17 23.28
C LYS D 185 15.83 6.42 23.09
N HIS D 186 16.22 6.64 21.83
CA HIS D 186 17.10 7.74 21.46
C HIS D 186 16.84 8.08 19.99
N TYR D 187 17.01 9.36 19.65
CA TYR D 187 16.83 9.85 18.30
C TYR D 187 17.98 10.78 17.94
N VAL D 188 18.56 10.57 16.76
CA VAL D 188 19.62 11.44 16.26
C VAL D 188 19.38 11.73 14.78
N GLY D 189 18.75 12.87 14.50
CA GLY D 189 18.51 13.25 13.12
C GLY D 189 19.13 14.59 12.77
N HIS D 190 19.04 15.53 13.70
CA HIS D 190 19.56 16.87 13.45
C HIS D 190 21.09 16.85 13.43
N GLY D 191 21.65 17.86 12.75
CA GLY D 191 23.08 18.05 12.77
C GLY D 191 23.52 18.94 13.92
N ASN D 192 22.88 20.10 14.06
CA ASN D 192 23.27 21.07 15.07
C ASN D 192 22.41 20.97 16.33
N ALA D 193 22.25 22.08 17.05
CA ALA D 193 21.69 22.07 18.39
C ALA D 193 20.17 21.87 18.37
N ILE D 194 19.59 21.86 19.57
CA ILE D 194 18.15 21.75 19.78
C ILE D 194 17.80 22.64 20.97
N ASN D 195 16.89 23.59 20.78
CA ASN D 195 16.65 24.65 21.75
C ASN D 195 15.32 24.54 22.49
N GLU D 196 14.38 23.72 22.02
CA GLU D 196 13.09 23.56 22.70
C GLU D 196 12.37 22.31 22.26
N LEU D 197 12.03 21.44 23.21
CA LEU D 197 11.18 20.28 22.93
C LEU D 197 9.76 20.56 23.42
N LYS D 198 8.79 20.41 22.52
CA LYS D 198 7.39 20.59 22.83
C LYS D 198 6.63 19.33 22.44
N PHE D 199 5.78 18.84 23.33
CA PHE D 199 4.93 17.70 23.03
C PHE D 199 3.55 18.16 22.59
N HIS D 200 2.88 17.32 21.81
CA HIS D 200 1.55 17.64 21.32
C HIS D 200 0.55 17.63 22.48
N PRO D 201 -0.34 18.63 22.58
CA PRO D 201 -1.27 18.68 23.70
C PRO D 201 -2.23 17.51 23.78
N ARG D 202 -2.57 16.86 22.67
CA ARG D 202 -3.53 15.75 22.69
C ARG D 202 -2.95 14.44 22.21
N ASP D 203 -1.63 14.37 21.97
CA ASP D 203 -1.04 13.12 21.49
C ASP D 203 0.28 12.88 22.21
N PRO D 204 0.41 11.79 22.97
CA PRO D 204 1.68 11.50 23.66
C PRO D 204 2.78 11.03 22.73
N ASN D 205 2.46 10.73 21.47
CA ASN D 205 3.42 10.14 20.54
C ASN D 205 3.88 11.12 19.47
N LEU D 206 3.78 12.43 19.73
CA LEU D 206 4.30 13.47 18.83
C LEU D 206 5.19 14.40 19.64
N LEU D 207 6.50 14.32 19.40
CA LEU D 207 7.47 15.23 19.99
C LEU D 207 7.99 16.16 18.91
N LEU D 208 8.01 17.46 19.22
CA LEU D 208 8.45 18.49 18.28
C LEU D 208 9.76 19.08 18.78
N SER D 209 10.83 18.86 18.03
CA SER D 209 12.14 19.42 18.34
C SER D 209 12.40 20.65 17.46
N VAL D 210 13.00 21.67 18.07
CA VAL D 210 13.23 22.98 17.42
C VAL D 210 14.73 23.22 17.41
N SER D 211 15.33 23.16 16.22
CA SER D 211 16.77 23.04 16.09
C SER D 211 17.41 24.35 15.62
N LYS D 212 18.74 24.37 15.72
CA LYS D 212 19.55 25.48 15.25
C LYS D 212 19.77 25.43 13.75
N ASP D 213 19.75 24.24 13.16
CA ASP D 213 19.97 24.09 11.72
C ASP D 213 18.74 24.47 10.91
N HIS D 214 17.95 25.40 11.43
CA HIS D 214 16.87 26.16 10.77
C HIS D 214 15.58 25.35 10.55
N ALA D 215 15.50 24.12 11.04
CA ALA D 215 14.31 23.28 10.83
C ALA D 215 13.72 22.87 12.17
N LEU D 216 12.47 22.39 12.12
CA LEU D 216 11.85 21.68 13.22
C LEU D 216 11.55 20.26 12.76
N ARG D 217 11.54 19.32 13.71
CA ARG D 217 11.27 17.92 13.37
C ARG D 217 10.24 17.36 14.32
N LEU D 218 9.14 16.85 13.75
CA LEU D 218 8.03 16.27 14.50
C LEU D 218 8.20 14.76 14.53
N TRP D 219 8.51 14.23 15.70
CA TRP D 219 8.87 12.82 15.87
C TRP D 219 7.67 12.03 16.38
N ASN D 220 7.40 10.90 15.74
CA ASN D 220 6.54 9.89 16.35
C ASN D 220 7.33 9.16 17.43
N ILE D 221 6.66 8.82 18.51
CA ILE D 221 7.31 8.17 19.66
C ILE D 221 6.93 6.70 19.79
N GLN D 222 5.75 6.30 19.34
CA GLN D 222 5.30 4.92 19.48
C GLN D 222 5.85 4.00 18.39
N THR D 223 6.09 4.52 17.18
CA THR D 223 6.72 3.76 16.12
C THR D 223 7.98 4.42 15.56
N ASP D 224 8.50 5.45 16.24
CA ASP D 224 9.85 5.98 16.09
C ASP D 224 10.09 6.74 14.79
N THR D 225 9.07 6.97 13.96
CA THR D 225 9.31 7.61 12.67
C THR D 225 9.35 9.13 12.82
N LEU D 226 10.20 9.75 12.01
CA LEU D 226 10.25 11.20 11.87
C LEU D 226 9.09 11.61 10.96
N VAL D 227 8.01 12.12 11.56
CA VAL D 227 6.77 12.34 10.81
C VAL D 227 6.97 13.42 9.75
N ALA D 228 7.64 14.50 10.11
CA ALA D 228 7.76 15.62 9.17
C ALA D 228 8.99 16.47 9.53
N ILE D 229 9.47 17.19 8.52
CA ILE D 229 10.48 18.22 8.68
C ILE D 229 9.86 19.56 8.31
N PHE D 230 9.91 20.52 9.23
CA PHE D 230 9.27 21.82 9.01
C PHE D 230 10.31 22.88 8.67
N GLY D 231 11.01 22.71 7.55
CA GLY D 231 12.08 23.60 7.17
C GLY D 231 12.58 23.38 5.76
N GLY D 232 12.72 24.46 5.01
CA GLY D 232 13.16 24.36 3.64
C GLY D 232 13.35 25.69 2.96
N VAL D 233 12.91 25.79 1.71
CA VAL D 233 13.22 26.96 0.89
C VAL D 233 12.62 28.22 1.49
N GLU D 234 11.43 28.12 2.07
CA GLU D 234 10.78 29.25 2.73
C GLU D 234 10.65 29.00 4.23
N GLY D 235 11.57 28.23 4.80
CA GLY D 235 11.64 28.03 6.23
C GLY D 235 12.50 29.07 6.90
N HIS D 236 12.99 28.73 8.10
CA HIS D 236 13.85 29.66 8.83
C HIS D 236 15.21 29.77 8.17
N ARG D 237 15.83 30.94 8.30
CA ARG D 237 17.16 31.18 7.76
C ARG D 237 18.25 31.33 8.81
N ASP D 238 17.89 31.68 10.07
CA ASP D 238 18.88 32.00 11.10
C ASP D 238 18.41 31.45 12.45
N GLU D 239 18.68 30.16 12.68
CA GLU D 239 18.63 29.53 13.99
C GLU D 239 17.32 29.73 14.73
N VAL D 240 16.40 28.77 14.59
CA VAL D 240 15.15 28.82 15.35
C VAL D 240 15.46 28.71 16.83
N LEU D 241 14.74 29.49 17.64
CA LEU D 241 15.04 29.55 19.06
C LEU D 241 13.95 28.99 19.98
N SER D 242 12.72 28.80 19.49
CA SER D 242 11.67 28.25 20.32
C SER D 242 10.44 27.95 19.46
N ALA D 243 9.49 27.23 20.05
CA ALA D 243 8.19 27.00 19.45
C ALA D 243 7.20 26.67 20.56
N ASP D 244 5.93 26.54 20.18
CA ASP D 244 4.87 26.20 21.12
C ASP D 244 3.67 25.73 20.31
N TYR D 245 3.11 24.59 20.69
CA TYR D 245 1.86 24.15 20.09
C TYR D 245 0.75 25.15 20.42
N ASP D 246 -0.34 25.07 19.66
CA ASP D 246 -1.57 25.73 20.06
C ASP D 246 -2.30 24.83 21.06
N LEU D 247 -3.46 25.30 21.54
CA LEU D 247 -4.08 24.66 22.68
C LEU D 247 -4.62 23.27 22.35
N LEU D 248 -5.19 23.11 21.16
CA LEU D 248 -5.75 21.83 20.75
C LEU D 248 -4.77 20.97 19.97
N GLY D 249 -3.64 21.51 19.53
CA GLY D 249 -2.71 20.75 18.72
C GLY D 249 -3.04 20.74 17.25
N GLU D 250 -3.76 21.76 16.76
CA GLU D 250 -4.00 21.89 15.32
C GLU D 250 -2.79 22.45 14.60
N LYS D 251 -1.98 23.27 15.27
CA LYS D 251 -0.95 24.04 14.61
C LYS D 251 0.24 24.22 15.55
N ILE D 252 1.37 24.60 14.96
CA ILE D 252 2.61 24.88 15.70
C ILE D 252 3.19 26.18 15.16
N MET D 253 3.71 27.01 16.07
CA MET D 253 4.29 28.30 15.74
C MET D 253 5.71 28.37 16.28
N SER D 254 6.63 28.89 15.46
CA SER D 254 8.05 28.95 15.82
C SER D 254 8.61 30.33 15.46
N CYS D 255 9.89 30.54 15.80
CA CYS D 255 10.54 31.83 15.63
C CYS D 255 12.05 31.67 15.77
N GLY D 256 12.80 32.41 14.96
CA GLY D 256 14.26 32.34 14.96
C GLY D 256 14.95 33.69 14.90
N MET D 257 16.28 33.70 14.69
CA MET D 257 17.03 34.95 14.67
C MET D 257 16.84 35.77 13.40
N ASP D 258 16.15 35.23 12.39
CA ASP D 258 15.87 36.02 11.20
C ASP D 258 14.70 36.97 11.40
N HIS D 259 14.45 37.38 12.64
CA HIS D 259 13.35 38.27 13.01
C HIS D 259 11.99 37.69 12.64
N SER D 260 11.90 36.38 12.48
CA SER D 260 10.78 35.74 11.82
C SER D 260 9.89 35.01 12.82
N LEU D 261 8.65 34.79 12.40
CA LEU D 261 7.71 33.91 13.09
C LEU D 261 6.88 33.21 12.03
N LYS D 262 6.84 31.87 12.07
CA LYS D 262 6.21 31.07 11.02
C LYS D 262 5.24 30.08 11.63
N LEU D 263 4.01 30.03 11.08
CA LEU D 263 3.01 29.08 11.52
C LEU D 263 3.10 27.79 10.72
N TRP D 264 3.01 26.66 11.43
CA TRP D 264 3.08 25.32 10.84
C TRP D 264 1.83 24.57 11.28
N ARG D 265 0.76 24.62 10.48
CA ARG D 265 -0.46 23.89 10.83
C ARG D 265 -0.28 22.40 10.57
N ILE D 266 -0.77 21.59 11.52
CA ILE D 266 -0.63 20.14 11.46
C ILE D 266 -2.00 19.45 11.48
N ASN D 267 -3.08 20.18 11.20
CA ASN D 267 -4.40 19.58 11.13
C ASN D 267 -4.79 19.18 9.71
N SER D 268 -4.21 19.83 8.71
CA SER D 268 -4.66 19.71 7.33
C SER D 268 -4.53 18.27 6.82
N LYS D 269 -5.18 18.01 5.69
CA LYS D 269 -5.35 16.63 5.22
C LYS D 269 -4.01 15.98 4.88
N ARG D 270 -2.99 16.78 4.56
CA ARG D 270 -1.66 16.21 4.40
C ARG D 270 -1.16 15.62 5.71
N MET D 271 -1.39 16.33 6.82
CA MET D 271 -0.91 15.88 8.12
C MET D 271 -1.74 14.74 8.70
N MET D 272 -3.05 14.71 8.45
CA MET D 272 -3.84 13.56 8.91
C MET D 272 -3.39 12.28 8.21
N ASN D 273 -3.06 12.37 6.92
CA ASN D 273 -2.44 11.23 6.26
C ASN D 273 -1.07 10.95 6.85
N ALA D 274 -0.24 11.99 6.95
CA ALA D 274 1.12 11.83 7.47
C ALA D 274 1.12 11.17 8.85
N ILE D 275 0.31 11.71 9.76
CA ILE D 275 0.31 11.20 11.13
C ILE D 275 -0.38 9.84 11.22
N LYS D 276 -1.39 9.59 10.38
CA LYS D 276 -2.01 8.27 10.38
C LYS D 276 -1.15 7.23 9.69
N GLU D 277 -0.36 7.64 8.68
CA GLU D 277 0.56 6.72 8.02
C GLU D 277 1.73 6.33 8.91
N SER D 278 2.02 7.12 9.96
CA SER D 278 3.13 6.79 10.85
C SER D 278 2.77 5.69 11.84
N TYR D 279 1.53 5.69 12.35
CA TYR D 279 1.09 4.58 13.20
C TYR D 279 0.99 3.27 12.45
N ASP D 280 0.86 3.30 11.12
CA ASP D 280 0.78 2.10 10.31
C ASP D 280 2.14 1.54 9.94
N TYR D 281 3.21 2.30 10.14
CA TYR D 281 4.53 1.89 9.69
C TYR D 281 5.03 0.70 10.52
N ASN D 282 5.40 -0.38 9.83
CA ASN D 282 6.00 -1.57 10.44
C ASN D 282 7.20 -1.96 9.60
N PRO D 283 8.41 -1.50 9.97
CA PRO D 283 9.61 -1.88 9.21
C PRO D 283 9.83 -3.37 9.15
N ASN D 284 9.21 -4.13 10.06
CA ASN D 284 9.24 -5.58 10.02
C ASN D 284 8.39 -6.16 8.90
N LYS D 285 7.63 -5.32 8.19
CA LYS D 285 6.71 -5.79 7.15
C LYS D 285 6.88 -5.02 5.85
N THR D 286 8.01 -4.35 5.65
CA THR D 286 8.21 -3.58 4.42
C THR D 286 9.66 -3.60 4.00
N ASN D 287 9.87 -3.66 2.68
CA ASN D 287 11.17 -3.43 2.07
C ASN D 287 11.34 -1.99 1.61
N ARG D 288 10.64 -1.06 2.25
CA ARG D 288 10.68 0.36 1.94
C ARG D 288 10.64 1.14 3.25
N PRO D 289 11.19 2.35 3.27
CA PRO D 289 11.13 3.15 4.51
C PRO D 289 9.81 3.89 4.67
N PHE D 290 9.80 4.88 5.56
CA PHE D 290 8.64 5.76 5.74
C PHE D 290 8.90 7.08 5.05
N ILE D 291 7.85 7.64 4.45
CA ILE D 291 7.97 8.88 3.68
C ILE D 291 7.64 10.03 4.63
N SER D 292 8.68 10.68 5.15
CA SER D 292 8.50 11.90 5.91
C SER D 292 8.05 13.03 4.98
N GLN D 293 7.29 13.96 5.53
CA GLN D 293 6.70 15.07 4.75
C GLN D 293 7.60 16.28 4.86
N LYS D 294 8.34 16.56 3.80
CA LYS D 294 9.14 17.78 3.70
C LYS D 294 8.19 18.95 3.55
N ILE D 295 7.87 19.62 4.66
CA ILE D 295 6.98 20.78 4.65
C ILE D 295 7.86 22.00 4.38
N HIS D 296 8.08 22.28 3.10
CA HIS D 296 8.96 23.38 2.73
C HIS D 296 8.30 24.74 2.85
N PHE D 297 6.99 24.82 3.13
CA PHE D 297 6.33 26.11 3.11
C PHE D 297 5.61 26.41 4.41
N PRO D 298 5.65 27.67 4.86
CA PRO D 298 4.99 28.04 6.11
C PRO D 298 3.56 28.51 5.90
N ASP D 299 2.69 28.14 6.85
CA ASP D 299 1.29 28.53 6.75
C ASP D 299 1.10 30.03 7.00
N PHE D 300 2.00 30.65 7.77
CA PHE D 300 2.10 32.11 7.81
C PHE D 300 3.45 32.49 8.39
N SER D 301 4.25 33.19 7.59
CA SER D 301 5.53 33.75 7.99
C SER D 301 5.46 35.27 8.00
N THR D 302 6.17 35.89 8.95
CA THR D 302 6.20 37.34 9.04
C THR D 302 7.45 37.79 9.79
N ARG D 303 7.96 38.96 9.41
CA ARG D 303 9.23 39.50 9.90
C ARG D 303 9.08 40.78 10.71
N ASP D 304 7.87 41.33 10.81
CA ASP D 304 7.67 42.72 11.19
C ASP D 304 7.04 42.88 12.58
N ILE D 305 7.53 42.13 13.57
CA ILE D 305 7.14 42.32 14.97
C ILE D 305 8.32 42.82 15.81
N HIS D 306 9.40 42.05 15.85
CA HIS D 306 10.65 42.48 16.45
C HIS D 306 11.63 42.88 15.36
N ARG D 307 12.57 43.77 15.71
CA ARG D 307 13.62 44.16 14.78
C ARG D 307 14.92 43.40 15.01
N ASN D 308 14.93 42.41 15.90
CA ASN D 308 16.11 41.61 16.15
C ASN D 308 15.66 40.16 16.31
N TYR D 309 16.48 39.36 17.00
CA TYR D 309 16.24 37.93 17.12
C TYR D 309 15.07 37.64 18.06
N VAL D 310 14.31 36.59 17.74
CA VAL D 310 13.20 36.14 18.56
C VAL D 310 13.65 34.86 19.27
N ASP D 311 13.47 34.83 20.60
CA ASP D 311 14.02 33.77 21.43
C ASP D 311 12.99 32.98 22.23
N CYS D 312 11.71 33.36 22.18
CA CYS D 312 10.67 32.63 22.91
C CYS D 312 9.30 33.03 22.37
N VAL D 313 8.39 32.06 22.31
CA VAL D 313 7.04 32.27 21.78
C VAL D 313 6.09 31.26 22.42
N ARG D 314 4.89 31.71 22.74
CA ARG D 314 3.85 30.87 23.32
C ARG D 314 2.50 31.19 22.68
N TRP D 315 1.74 30.14 22.37
CA TRP D 315 0.37 30.32 21.90
C TRP D 315 -0.54 30.70 23.07
N LEU D 316 -1.15 31.88 22.99
CA LEU D 316 -2.10 32.36 24.00
C LEU D 316 -3.49 32.31 23.37
N GLY D 317 -4.07 31.11 23.38
CA GLY D 317 -5.31 30.88 22.66
C GLY D 317 -5.13 30.87 21.16
N ASP D 318 -5.43 32.00 20.52
CA ASP D 318 -5.14 32.22 19.10
C ASP D 318 -4.34 33.50 18.88
N LEU D 319 -3.72 34.02 19.95
CA LEU D 319 -2.78 35.13 19.86
C LEU D 319 -1.37 34.62 20.14
N ILE D 320 -0.39 35.37 19.66
CA ILE D 320 1.02 35.01 19.79
C ILE D 320 1.64 35.84 20.91
N LEU D 321 2.24 35.16 21.89
CA LEU D 321 3.00 35.79 22.96
C LEU D 321 4.47 35.51 22.71
N SER D 322 5.18 36.52 22.20
CA SER D 322 6.59 36.37 21.83
C SER D 322 7.39 37.57 22.31
N LYS D 323 8.67 37.33 22.58
CA LYS D 323 9.58 38.34 23.13
C LYS D 323 10.85 38.44 22.28
N SER D 324 11.76 39.32 22.69
CA SER D 324 13.04 39.51 22.03
C SER D 324 14.02 40.29 22.92
N ILE D 329 7.66 40.66 26.17
CA ILE D 329 6.71 39.98 25.30
C ILE D 329 5.85 41.02 24.57
N VAL D 330 5.42 40.68 23.35
CA VAL D 330 4.52 41.49 22.54
C VAL D 330 3.32 40.62 22.17
N CYS D 331 2.12 41.06 22.55
CA CYS D 331 0.88 40.41 22.14
C CYS D 331 0.55 40.84 20.71
N TRP D 332 0.39 39.87 19.81
CA TRP D 332 0.01 40.19 18.45
C TRP D 332 -0.76 39.02 17.85
N LYS D 333 -1.58 39.33 16.84
CA LYS D 333 -2.29 38.36 16.02
C LYS D 333 -1.96 38.58 14.55
N PRO D 334 -1.88 37.52 13.75
CA PRO D 334 -1.49 37.68 12.35
C PRO D 334 -2.60 38.34 11.53
N GLY D 335 -2.19 38.99 10.44
CA GLY D 335 -3.11 39.65 9.53
C GLY D 335 -3.77 40.91 10.07
N LYS D 336 -5.07 41.05 9.85
CA LYS D 336 -5.83 42.19 10.34
C LYS D 336 -6.53 41.82 11.65
N MET D 337 -7.41 42.72 12.12
CA MET D 337 -8.04 42.51 13.41
C MET D 337 -9.04 41.36 13.37
N GLU D 338 -9.89 41.34 12.33
CA GLU D 338 -10.95 40.34 12.26
C GLU D 338 -10.47 38.99 11.73
N ASP D 339 -9.21 38.89 11.30
CA ASP D 339 -8.76 37.73 10.52
C ASP D 339 -8.70 36.49 11.40
N ASP D 340 -9.41 35.44 10.99
CA ASP D 340 -9.42 34.17 11.72
C ASP D 340 -8.04 33.53 11.63
N ILE D 341 -7.55 33.04 12.78
CA ILE D 341 -6.23 32.41 12.83
C ILE D 341 -6.10 31.28 11.83
N ASP D 342 -7.20 30.58 11.55
CA ASP D 342 -7.16 29.39 10.70
C ASP D 342 -7.59 29.67 9.28
N LYS D 343 -8.11 30.87 9.00
CA LYS D 343 -8.40 31.29 7.63
C LYS D 343 -7.56 32.49 7.25
N ILE D 344 -6.29 32.50 7.69
CA ILE D 344 -5.28 33.42 7.19
C ILE D 344 -4.39 32.63 6.25
N LYS D 345 -4.50 32.94 4.95
CA LYS D 345 -3.74 32.23 3.94
C LYS D 345 -2.26 32.64 4.02
N PRO D 346 -1.36 31.80 3.51
CA PRO D 346 0.08 32.09 3.65
C PRO D 346 0.49 33.47 3.15
N SER D 347 -0.14 33.96 2.08
CA SER D 347 0.34 35.15 1.40
C SER D 347 -0.10 36.43 2.11
N GLU D 348 -0.55 36.29 3.35
CA GLU D 348 -0.90 37.46 4.15
C GLU D 348 0.37 38.17 4.59
N SER D 349 0.35 39.50 4.48
CA SER D 349 1.51 40.32 4.80
C SER D 349 1.35 41.16 6.06
N ASN D 350 0.12 41.47 6.46
CA ASN D 350 -0.11 42.32 7.60
C ASN D 350 0.11 41.57 8.91
N VAL D 351 0.41 42.34 9.96
CA VAL D 351 0.47 41.85 11.33
C VAL D 351 -0.22 42.86 12.23
N THR D 352 -1.10 42.38 13.11
CA THR D 352 -1.84 43.23 14.04
C THR D 352 -1.12 43.20 15.39
N ILE D 353 -0.58 44.34 15.79
CA ILE D 353 0.17 44.46 17.04
C ILE D 353 -0.80 44.99 18.08
N LEU D 354 -1.25 44.12 18.98
CA LEU D 354 -2.19 44.51 20.02
C LEU D 354 -1.52 45.38 21.06
N GLY D 355 -0.77 44.78 21.98
CA GLY D 355 -0.13 45.54 23.03
C GLY D 355 1.16 44.91 23.57
N ARG D 356 1.64 45.41 24.70
CA ARG D 356 2.88 44.93 25.30
C ARG D 356 2.90 45.18 26.80
N TYR D 359 10.51 45.27 29.68
CA TYR D 359 10.90 45.14 31.08
C TYR D 359 12.08 46.06 31.41
N SER D 360 12.92 45.62 32.34
CA SER D 360 14.07 46.38 32.78
C SER D 360 15.29 45.47 32.84
N GLN D 361 16.38 45.92 32.23
CA GLN D 361 17.67 45.22 32.25
C GLN D 361 17.52 43.77 31.78
N CYS D 362 17.24 43.65 30.48
CA CYS D 362 17.05 42.34 29.84
C CYS D 362 17.33 42.52 28.35
N ASP D 363 18.54 42.12 27.93
CA ASP D 363 18.92 42.27 26.53
C ASP D 363 19.93 41.24 26.05
N ILE D 364 20.16 40.15 26.79
CA ILE D 364 21.12 39.13 26.38
C ILE D 364 20.42 38.06 25.55
N TRP D 365 21.09 36.92 25.36
CA TRP D 365 20.63 35.87 24.47
C TRP D 365 20.02 34.72 25.25
N TYR D 366 18.90 34.19 24.75
CA TYR D 366 18.31 32.93 25.19
C TYR D 366 17.58 33.06 26.52
N MET D 367 16.80 34.15 26.68
CA MET D 367 15.93 34.27 27.83
C MET D 367 14.59 33.57 27.56
N ARG D 368 14.00 33.02 28.60
CA ARG D 368 12.80 32.20 28.47
C ARG D 368 11.72 32.65 29.46
N PHE D 369 10.48 32.26 29.17
CA PHE D 369 9.37 32.40 30.10
C PHE D 369 8.45 31.20 29.94
N SER D 370 7.41 31.13 30.77
CA SER D 370 6.47 30.03 30.73
C SER D 370 5.23 30.42 31.53
N MET D 371 4.15 29.66 31.32
CA MET D 371 2.86 29.97 31.94
C MET D 371 2.30 28.77 32.72
N ASP D 372 1.05 28.88 33.18
CA ASP D 372 0.38 27.82 33.92
C ASP D 372 -0.57 27.06 33.00
N PHE D 373 -1.28 26.08 33.59
CA PHE D 373 -2.11 25.17 32.80
C PHE D 373 -3.42 25.82 32.36
N TRP D 374 -3.93 26.79 33.11
CA TRP D 374 -5.12 27.53 32.73
C TRP D 374 -4.81 28.86 32.04
N GLN D 375 -3.53 29.09 31.72
CA GLN D 375 -3.08 30.28 30.98
C GLN D 375 -3.58 31.56 31.63
N LYS D 376 -3.29 31.71 32.91
CA LYS D 376 -3.60 32.94 33.65
C LYS D 376 -2.34 33.63 34.15
N MET D 377 -1.55 32.96 34.99
CA MET D 377 -0.33 33.55 35.53
C MET D 377 0.78 33.53 34.49
N TRP D 390 2.81 38.20 35.65
CA TRP D 390 1.60 38.93 35.29
C TRP D 390 0.36 38.05 35.32
N ASP D 391 -0.81 38.69 35.34
CA ASP D 391 -2.10 38.02 35.30
C ASP D 391 -2.87 38.61 34.12
N LEU D 392 -3.25 37.76 33.17
CA LEU D 392 -3.86 38.20 31.92
C LEU D 392 -5.38 38.12 31.97
N GLU D 393 -5.99 38.67 33.02
CA GLU D 393 -7.45 38.71 33.13
C GLU D 393 -7.94 40.13 33.44
N VAL D 394 -7.23 41.13 32.93
CA VAL D 394 -7.62 42.53 33.10
C VAL D 394 -8.78 42.87 32.18
N ALA D 413 20.77 36.66 36.27
CA ALA D 413 19.88 36.63 35.12
C ALA D 413 19.15 35.28 35.03
N ILE D 414 17.86 35.33 34.76
CA ILE D 414 16.99 34.15 34.80
C ILE D 414 16.79 33.63 33.38
N ARG D 415 17.25 32.41 33.13
CA ARG D 415 17.03 31.79 31.82
C ARG D 415 15.68 31.08 31.80
N THR D 417 12.21 29.78 33.76
CA THR D 417 11.15 29.63 34.75
C THR D 417 10.16 28.55 34.36
N SER D 418 9.23 28.23 35.27
CA SER D 418 8.19 27.24 34.99
C SER D 418 7.14 27.21 36.10
N PHE D 419 5.89 26.97 35.74
CA PHE D 419 4.80 26.86 36.71
C PHE D 419 4.42 25.40 36.93
N SER D 420 3.50 25.17 37.86
CA SER D 420 2.95 23.86 38.15
C SER D 420 1.50 23.80 37.66
N ARG D 421 0.89 22.61 37.81
CA ARG D 421 -0.49 22.44 37.38
C ARG D 421 -1.46 23.24 38.24
N ASP D 422 -1.38 23.06 39.57
CA ASP D 422 -2.18 23.85 40.48
C ASP D 422 -1.63 25.26 40.72
N SER D 423 -0.52 25.61 40.06
CA SER D 423 0.01 26.98 40.01
C SER D 423 0.22 27.56 41.42
N SER D 424 0.98 26.83 42.23
CA SER D 424 1.40 27.29 43.55
C SER D 424 2.92 27.45 43.68
N ILE D 425 3.69 26.96 42.71
CA ILE D 425 5.15 26.98 42.76
C ILE D 425 5.67 27.58 41.46
N LEU D 426 6.61 28.52 41.57
CA LEU D 426 7.20 29.20 40.42
C LEU D 426 8.72 29.10 40.55
N ILE D 427 9.28 28.00 40.07
CA ILE D 427 10.73 27.84 40.06
C ILE D 427 11.33 28.76 39.00
N ALA D 428 12.56 29.22 39.28
CA ALA D 428 13.29 30.08 38.36
C ALA D 428 14.72 29.59 38.29
N VAL D 429 15.16 29.22 37.09
CA VAL D 429 16.48 28.66 36.88
C VAL D 429 17.40 29.75 36.32
N CYS D 430 18.59 29.88 36.91
CA CYS D 430 19.49 30.99 36.56
C CYS D 430 20.81 30.51 35.98
N ASP D 431 21.84 31.36 36.06
CA ASP D 431 23.16 30.99 35.56
C ASP D 431 24.05 30.34 36.60
N ASP D 432 23.78 30.57 37.90
CA ASP D 432 24.62 30.07 38.99
C ASP D 432 24.27 28.64 39.40
N ALA D 433 23.51 27.91 38.57
CA ALA D 433 23.09 26.54 38.87
C ALA D 433 22.37 26.44 40.22
N SER D 434 21.47 27.38 40.47
CA SER D 434 20.75 27.50 41.74
C SER D 434 19.26 27.29 41.51
N ILE D 435 18.50 27.35 42.61
CA ILE D 435 17.05 27.20 42.59
C ILE D 435 16.46 28.29 43.46
N TRP D 436 15.50 29.04 42.91
CA TRP D 436 14.72 30.02 43.65
C TRP D 436 13.25 29.67 43.51
N ARG D 437 12.59 29.39 44.64
CA ARG D 437 11.16 29.08 44.68
C ARG D 437 10.39 30.25 45.25
N TRP D 438 9.26 30.57 44.62
CA TRP D 438 8.36 31.66 45.03
C TRP D 438 6.94 31.12 45.08
N ASP D 439 6.46 30.80 46.28
CA ASP D 439 5.13 30.20 46.44
C ASP D 439 4.05 31.27 46.45
N ARG D 440 3.00 31.04 45.65
CA ARG D 440 1.85 31.93 45.60
C ARG D 440 0.93 31.68 46.79
N LEU D 441 0.50 32.77 47.44
CA LEU D 441 -0.40 32.67 48.58
C LEU D 441 -1.36 33.85 48.63
#